data_3RH7
#
_entry.id   3RH7
#
_cell.length_a   91.920
_cell.length_b   99.735
_cell.length_c   234.302
_cell.angle_alpha   90.00
_cell.angle_beta   90.00
_cell.angle_gamma   90.00
#
_symmetry.space_group_name_H-M   'P 21 21 21'
#
loop_
_entity.id
_entity.type
_entity.pdbx_description
1 polymer 'Hypothetical oxidoreductase'
2 non-polymer 'FLAVIN MONONUCLEOTIDE'
#
_entity_poly.entity_id   1
_entity_poly.type   'polypeptide(L)'
_entity_poly.pdbx_seq_one_letter_code
;G(MSE)ADFQGETE(MSE)TAEVFDPRALRDAFGAFATGVTVVTASDAAGKPIGFTANSFTSVSLDPPLLLVCLAKSSRN
YES(MSE)TSAGRFAINVLSETQKDVSNTFARPVEDRFAAVDWRLGRDGCPIFSDVAAWFECS(MSE)QDIIEAGDHVII
IGRVTAFENSGLNGLGYARGGYFTPRLAGKAVSAAVEGEIRLGAVLEQQGAVFLAGNETLSLPNCTVEGGDPARTLAAYL
EQLTGLNVTIGFLYSVYEDKSDGRQNIVYHALASDGAPRQGRFLRPAELAAAKFSSSATADIINRFVLESSIGNFGIYFG
DETGGTVHPIANKDAHS
;
_entity_poly.pdbx_strand_id   A,B,C,D,E,F
#
# COMPACT_ATOMS: atom_id res chain seq x y z
N THR A 9 -20.81 -27.79 27.34
CA THR A 9 -20.29 -29.14 27.60
C THR A 9 -18.78 -28.99 27.92
N GLU A 10 -18.22 -27.80 27.69
CA GLU A 10 -16.82 -27.47 28.01
C GLU A 10 -16.78 -26.33 29.06
N THR A 12 -15.85 -22.96 30.47
CA THR A 12 -15.63 -21.55 30.12
C THR A 12 -15.53 -20.74 31.41
N ALA A 13 -14.36 -20.77 32.06
CA ALA A 13 -14.15 -20.13 33.36
C ALA A 13 -12.70 -19.98 33.59
N GLU A 14 -12.27 -18.80 34.03
CA GLU A 14 -10.85 -18.46 34.19
C GLU A 14 -10.13 -19.31 35.21
N VAL A 15 -9.01 -19.88 34.80
CA VAL A 15 -8.24 -20.72 35.71
C VAL A 15 -6.99 -19.96 36.20
N PHE A 16 -6.20 -19.35 35.28
CA PHE A 16 -5.00 -18.57 35.61
C PHE A 16 -5.24 -17.09 35.34
N ASP A 17 -4.53 -16.17 36.05
CA ASP A 17 -4.66 -14.74 35.75
C ASP A 17 -3.94 -14.44 34.45
N PRO A 18 -4.64 -13.94 33.41
CA PRO A 18 -3.97 -13.64 32.13
C PRO A 18 -2.71 -12.76 32.29
N ARG A 19 -2.73 -11.74 33.19
CA ARG A 19 -1.55 -10.90 33.43
C ARG A 19 -0.40 -11.73 33.97
N ALA A 20 -0.64 -12.48 35.06
CA ALA A 20 0.34 -13.34 35.72
C ALA A 20 1.01 -14.29 34.72
N LEU A 21 0.19 -14.97 33.90
CA LEU A 21 0.67 -15.90 32.88
C LEU A 21 1.47 -15.17 31.81
N ARG A 22 0.93 -14.05 31.27
CA ARG A 22 1.61 -13.27 30.24
C ARG A 22 2.98 -12.83 30.75
N ASP A 23 3.04 -12.36 32.02
CA ASP A 23 4.26 -11.89 32.67
C ASP A 23 5.27 -13.05 32.86
N ALA A 24 4.76 -14.28 33.12
CA ALA A 24 5.60 -15.47 33.28
C ALA A 24 6.24 -15.85 31.94
N PHE A 25 5.48 -15.79 30.84
CA PHE A 25 6.01 -16.06 29.50
C PHE A 25 7.10 -15.05 29.13
N GLY A 26 6.92 -13.83 29.60
CA GLY A 26 7.86 -12.74 29.39
C GLY A 26 9.25 -12.93 29.96
N ALA A 27 9.41 -13.88 30.91
CA ALA A 27 10.70 -14.21 31.54
C ALA A 27 11.70 -14.74 30.49
N PHE A 28 11.16 -15.40 29.43
CA PHE A 28 11.97 -15.92 28.32
C PHE A 28 12.24 -14.80 27.36
N ALA A 29 13.50 -14.37 27.31
CA ALA A 29 13.89 -13.27 26.40
C ALA A 29 13.80 -13.74 24.96
N THR A 30 13.45 -12.85 24.04
CA THR A 30 13.37 -13.14 22.61
C THR A 30 13.80 -11.94 21.83
N GLY A 31 14.24 -12.15 20.59
CA GLY A 31 14.48 -11.08 19.65
C GLY A 31 13.13 -10.57 19.17
N VAL A 32 13.13 -9.69 18.15
CA VAL A 32 11.88 -9.14 17.63
C VAL A 32 11.86 -9.33 16.11
N THR A 33 10.74 -9.89 15.59
CA THR A 33 10.56 -10.06 14.15
C THR A 33 9.35 -9.26 13.69
N VAL A 34 9.24 -9.08 12.35
CA VAL A 34 8.10 -8.50 11.67
C VAL A 34 7.80 -9.48 10.52
N VAL A 35 6.69 -10.21 10.68
CA VAL A 35 6.18 -11.16 9.69
C VAL A 35 5.51 -10.36 8.59
N THR A 36 5.94 -10.60 7.36
CA THR A 36 5.39 -9.88 6.22
C THR A 36 4.90 -10.85 5.15
N ALA A 37 3.96 -10.37 4.31
CA ALA A 37 3.36 -11.07 3.17
C ALA A 37 2.58 -10.07 2.31
N SER A 38 1.98 -10.54 1.21
CA SER A 38 1.15 -9.74 0.32
C SER A 38 -0.27 -10.34 0.30
N ASP A 39 -1.34 -9.52 0.51
CA ASP A 39 -2.72 -10.01 0.52
C ASP A 39 -3.20 -10.44 -0.90
N ALA A 40 -4.51 -10.83 -1.01
CA ALA A 40 -5.12 -11.26 -2.27
C ALA A 40 -4.95 -10.18 -3.34
N ALA A 41 -5.07 -8.90 -2.95
CA ALA A 41 -4.92 -7.72 -3.79
C ALA A 41 -3.45 -7.40 -4.13
N GLY A 42 -2.52 -8.10 -3.48
CA GLY A 42 -1.10 -7.88 -3.69
C GLY A 42 -0.50 -6.79 -2.82
N LYS A 43 -1.34 -6.19 -1.93
CA LYS A 43 -0.96 -5.14 -1.00
C LYS A 43 -0.10 -5.72 0.12
N PRO A 44 1.05 -5.09 0.46
CA PRO A 44 1.86 -5.63 1.56
C PRO A 44 1.16 -5.53 2.91
N ILE A 45 1.17 -6.65 3.63
CA ILE A 45 0.62 -6.78 4.99
C ILE A 45 1.71 -7.28 5.92
N GLY A 46 1.60 -6.92 7.18
CA GLY A 46 2.58 -7.32 8.18
C GLY A 46 2.10 -7.21 9.60
N PHE A 47 2.93 -7.73 10.53
CA PHE A 47 2.72 -7.70 11.98
C PHE A 47 3.99 -8.07 12.72
N THR A 48 4.20 -7.41 13.87
CA THR A 48 5.32 -7.69 14.75
C THR A 48 5.04 -8.98 15.52
N ALA A 49 6.02 -9.90 15.56
CA ALA A 49 5.90 -11.15 16.31
C ALA A 49 7.24 -11.55 16.97
N ASN A 50 7.17 -11.91 18.27
CA ASN A 50 8.35 -12.34 19.01
C ASN A 50 8.19 -13.84 19.38
N SER A 51 6.98 -14.37 19.10
CA SER A 51 6.65 -15.76 19.34
C SER A 51 7.00 -16.51 18.05
N PHE A 52 8.34 -16.60 17.82
CA PHE A 52 9.08 -17.17 16.68
C PHE A 52 10.14 -18.19 17.17
N THR A 53 10.40 -19.24 16.35
CA THR A 53 11.35 -20.29 16.65
C THR A 53 11.94 -20.90 15.39
N SER A 54 13.26 -21.18 15.44
CA SER A 54 13.96 -21.92 14.39
C SER A 54 13.68 -23.43 14.68
N VAL A 55 13.01 -24.12 13.74
CA VAL A 55 12.56 -25.49 13.95
C VAL A 55 13.54 -26.56 13.45
N SER A 56 13.80 -26.62 12.13
CA SER A 56 14.63 -27.67 11.53
C SER A 56 15.65 -27.07 10.58
N LEU A 57 16.81 -27.73 10.46
CA LEU A 57 17.90 -27.28 9.58
C LEU A 57 17.82 -28.01 8.23
N ASP A 58 17.51 -29.31 8.24
CA ASP A 58 17.35 -30.15 7.04
C ASP A 58 16.05 -30.99 7.14
N PRO A 59 14.93 -30.53 6.53
CA PRO A 59 14.75 -29.33 5.69
C PRO A 59 14.74 -28.02 6.50
N PRO A 60 15.01 -26.85 5.86
CA PRO A 60 15.01 -25.58 6.61
C PRO A 60 13.60 -25.22 7.08
N LEU A 61 13.32 -25.37 8.39
CA LEU A 61 12.00 -25.09 8.93
C LEU A 61 12.03 -24.06 10.03
N LEU A 62 11.00 -23.23 10.02
CA LEU A 62 10.82 -22.06 10.86
C LEU A 62 9.36 -22.00 11.36
N LEU A 63 9.13 -21.29 12.49
CA LEU A 63 7.84 -21.21 13.16
C LEU A 63 7.51 -19.80 13.64
N VAL A 64 6.23 -19.44 13.65
CA VAL A 64 5.78 -18.13 14.15
C VAL A 64 4.31 -18.28 14.53
N CYS A 65 3.86 -17.57 15.58
CA CYS A 65 2.47 -17.72 16.00
C CYS A 65 1.67 -16.44 15.78
N LEU A 66 0.47 -16.59 15.21
CA LEU A 66 -0.43 -15.49 14.89
C LEU A 66 -1.73 -15.62 15.65
N ALA A 67 -2.15 -14.54 16.32
CA ALA A 67 -3.42 -14.50 17.10
C ALA A 67 -4.63 -14.62 16.19
N LYS A 68 -5.63 -15.40 16.62
CA LYS A 68 -6.86 -15.56 15.85
C LYS A 68 -7.63 -14.23 15.78
N SER A 69 -7.40 -13.35 16.78
CA SER A 69 -7.96 -12.02 16.91
C SER A 69 -7.41 -11.02 15.89
N SER A 70 -6.28 -11.34 15.20
CA SER A 70 -5.62 -10.46 14.24
C SER A 70 -6.56 -10.05 13.10
N ARG A 71 -6.43 -8.78 12.67
CA ARG A 71 -7.20 -8.20 11.57
C ARG A 71 -6.76 -8.86 10.26
N ASN A 72 -5.43 -9.08 10.13
CA ASN A 72 -4.79 -9.70 8.98
C ASN A 72 -4.89 -11.24 8.98
N TYR A 73 -5.49 -11.87 10.05
CA TYR A 73 -5.59 -13.34 10.21
C TYR A 73 -6.04 -14.05 8.92
N GLU A 74 -7.13 -13.60 8.30
CA GLU A 74 -7.64 -14.22 7.07
C GLU A 74 -6.64 -14.06 5.92
N SER A 75 -6.14 -12.82 5.68
CA SER A 75 -5.16 -12.53 4.61
C SER A 75 -3.88 -13.37 4.77
N THR A 77 -3.24 -16.34 6.78
CA THR A 77 -3.46 -17.79 6.65
C THR A 77 -3.72 -18.18 5.17
N SER A 78 -4.40 -17.28 4.42
CA SER A 78 -4.70 -17.47 3.00
C SER A 78 -3.46 -17.35 2.12
N ALA A 79 -2.44 -16.53 2.53
CA ALA A 79 -1.18 -16.33 1.79
C ALA A 79 -0.40 -17.63 1.72
N GLY A 80 0.39 -17.77 0.66
CA GLY A 80 1.17 -19.00 0.46
C GLY A 80 2.60 -18.85 0.88
N ARG A 81 3.12 -17.64 0.73
CA ARG A 81 4.48 -17.27 1.04
C ARG A 81 4.50 -16.14 2.04
N PHE A 82 5.49 -16.15 2.93
CA PHE A 82 5.66 -15.09 3.91
C PHE A 82 7.17 -14.87 4.18
N ALA A 83 7.52 -13.79 4.88
CA ALA A 83 8.91 -13.51 5.22
C ALA A 83 9.04 -13.11 6.68
N ILE A 84 10.14 -13.50 7.29
CA ILE A 84 10.41 -13.15 8.68
C ILE A 84 11.55 -12.12 8.74
N ASN A 85 11.26 -10.88 9.20
CA ASN A 85 12.32 -9.87 9.31
C ASN A 85 12.76 -9.72 10.78
N VAL A 86 13.98 -10.25 11.11
CA VAL A 86 14.58 -10.22 12.48
C VAL A 86 15.18 -8.78 12.62
N LEU A 87 14.47 -7.90 13.34
CA LEU A 87 14.84 -6.49 13.46
C LEU A 87 16.16 -6.24 14.17
N SER A 88 16.89 -5.18 13.82
CA SER A 88 18.17 -4.88 14.46
C SER A 88 17.99 -3.87 15.63
N GLU A 89 19.10 -3.55 16.39
CA GLU A 89 19.09 -2.63 17.55
C GLU A 89 18.40 -1.30 17.32
N THR A 90 18.55 -0.75 16.10
CA THR A 90 18.05 0.57 15.71
C THR A 90 16.59 0.55 15.24
N GLN A 91 15.98 -0.64 15.14
CA GLN A 91 14.64 -0.78 14.57
C GLN A 91 13.54 -0.92 15.62
N LYS A 92 13.72 -0.21 16.78
CA LYS A 92 12.70 -0.23 17.85
C LYS A 92 11.36 0.29 17.28
N ASP A 93 11.41 1.35 16.46
CA ASP A 93 10.26 2.03 15.84
C ASP A 93 9.50 1.12 14.90
N VAL A 94 10.20 0.21 14.20
CA VAL A 94 9.52 -0.69 13.26
C VAL A 94 8.61 -1.63 14.05
N SER A 95 9.18 -2.22 15.12
CA SER A 95 8.49 -3.12 16.05
C SER A 95 7.25 -2.44 16.56
N ASN A 96 7.34 -1.17 16.96
CA ASN A 96 6.21 -0.44 17.47
C ASN A 96 5.19 -0.20 16.32
N THR A 97 5.60 0.44 15.18
CA THR A 97 4.73 0.64 14.00
C THR A 97 3.90 -0.62 13.62
N PHE A 98 4.58 -1.78 13.55
CA PHE A 98 4.00 -3.04 13.11
C PHE A 98 3.29 -3.83 14.22
N ALA A 99 3.07 -3.21 15.39
CA ALA A 99 2.34 -3.83 16.51
C ALA A 99 1.13 -2.97 16.88
N ARG A 100 1.25 -1.63 16.63
CA ARG A 100 0.29 -0.53 16.84
C ARG A 100 -0.75 -0.45 15.70
N PRO A 101 -1.97 0.12 15.91
CA PRO A 101 -2.94 0.21 14.78
C PRO A 101 -2.70 1.47 13.95
N VAL A 102 -1.88 1.36 12.89
CA VAL A 102 -1.52 2.49 12.04
C VAL A 102 -2.05 2.25 10.63
N GLU A 103 -2.44 3.36 9.95
CA GLU A 103 -3.06 3.38 8.63
C GLU A 103 -2.17 2.70 7.60
N ASP A 104 -0.92 3.19 7.46
CA ASP A 104 0.08 2.64 6.56
C ASP A 104 1.30 2.31 7.38
N ARG A 105 1.44 1.03 7.69
CA ARG A 105 2.58 0.52 8.44
C ARG A 105 3.86 0.53 7.61
N PHE A 106 3.76 0.18 6.30
CA PHE A 106 4.91 0.04 5.43
C PHE A 106 5.60 1.36 5.08
N ALA A 107 5.02 2.51 5.49
CA ALA A 107 5.57 3.83 5.30
C ALA A 107 6.61 4.16 6.39
N ALA A 108 6.78 3.28 7.36
CA ALA A 108 7.74 3.44 8.45
C ALA A 108 9.03 2.63 8.23
N VAL A 109 9.10 1.85 7.11
CA VAL A 109 10.30 1.05 6.81
C VAL A 109 10.73 1.14 5.39
N ASP A 110 12.07 1.15 5.17
CA ASP A 110 12.63 1.05 3.82
C ASP A 110 12.62 -0.42 3.53
N TRP A 111 11.80 -0.83 2.56
CA TRP A 111 11.65 -2.23 2.23
C TRP A 111 11.61 -2.47 0.71
N ARG A 112 11.72 -3.74 0.32
CA ARG A 112 11.67 -4.22 -1.08
C ARG A 112 11.04 -5.60 -1.12
N LEU A 113 10.69 -6.05 -2.33
CA LEU A 113 10.11 -7.38 -2.51
C LEU A 113 11.21 -8.39 -2.82
N GLY A 114 11.13 -9.55 -2.17
CA GLY A 114 12.08 -10.64 -2.33
C GLY A 114 11.80 -11.43 -3.59
N ARG A 115 12.70 -12.40 -3.93
CA ARG A 115 12.58 -13.26 -5.13
C ARG A 115 11.18 -13.89 -5.23
N ASP A 116 10.54 -14.13 -4.07
CA ASP A 116 9.23 -14.76 -3.97
C ASP A 116 8.15 -13.76 -3.48
N GLY A 117 8.31 -12.49 -3.85
CA GLY A 117 7.37 -11.40 -3.61
C GLY A 117 6.94 -11.12 -2.20
N CYS A 118 7.89 -11.20 -1.27
CA CYS A 118 7.64 -10.92 0.13
C CYS A 118 8.37 -9.65 0.57
N PRO A 119 7.73 -8.81 1.42
CA PRO A 119 8.38 -7.58 1.87
C PRO A 119 9.58 -7.85 2.78
N ILE A 120 10.81 -7.59 2.27
CA ILE A 120 12.11 -7.70 2.96
C ILE A 120 12.54 -6.30 3.43
N PHE A 121 12.73 -6.10 4.74
CA PHE A 121 13.14 -4.79 5.26
C PHE A 121 14.64 -4.60 5.21
N SER A 122 15.06 -3.35 5.07
CA SER A 122 16.48 -3.07 5.03
C SER A 122 17.03 -2.83 6.44
N ASP A 123 18.36 -2.96 6.57
CA ASP A 123 19.11 -2.80 7.82
C ASP A 123 18.63 -3.79 8.92
N VAL A 124 18.08 -4.97 8.53
CA VAL A 124 17.60 -5.95 9.51
C VAL A 124 18.77 -6.79 9.98
N ALA A 125 18.60 -7.49 11.10
CA ALA A 125 19.65 -8.35 11.69
C ALA A 125 19.79 -9.65 10.88
N ALA A 126 18.66 -10.07 10.21
CA ALA A 126 18.47 -11.27 9.39
C ALA A 126 17.04 -11.33 8.86
N TRP A 127 16.85 -11.91 7.67
CA TRP A 127 15.54 -12.10 7.05
C TRP A 127 15.46 -13.49 6.41
N PHE A 128 14.23 -14.03 6.34
CA PHE A 128 13.94 -15.36 5.81
C PHE A 128 12.70 -15.35 4.92
N GLU A 129 12.86 -15.70 3.63
CA GLU A 129 11.75 -15.86 2.70
C GLU A 129 11.22 -17.28 2.86
N CYS A 130 9.94 -17.40 3.14
CA CYS A 130 9.31 -18.69 3.42
C CYS A 130 8.17 -19.02 2.47
N SER A 131 7.78 -20.28 2.54
CA SER A 131 6.67 -20.90 1.87
C SER A 131 5.95 -21.63 2.98
N GLN A 133 4.14 -24.28 5.01
CA GLN A 133 4.07 -25.73 5.03
C GLN A 133 2.73 -26.08 5.62
N ASP A 134 2.52 -25.69 6.88
CA ASP A 134 1.29 -26.01 7.58
C ASP A 134 0.89 -24.86 8.52
N ILE A 135 -0.39 -24.81 8.88
CA ILE A 135 -1.00 -23.91 9.85
C ILE A 135 -1.65 -24.81 10.91
N ILE A 136 -1.12 -24.77 12.15
CA ILE A 136 -1.61 -25.60 13.25
C ILE A 136 -2.47 -24.76 14.19
N GLU A 137 -3.69 -25.22 14.44
CA GLU A 137 -4.61 -24.53 15.34
C GLU A 137 -4.14 -24.79 16.76
N ALA A 138 -3.90 -23.71 17.55
CA ALA A 138 -3.39 -23.85 18.92
C ALA A 138 -3.90 -22.73 19.82
N GLY A 139 -5.09 -22.94 20.36
CA GLY A 139 -5.72 -22.00 21.28
C GLY A 139 -6.19 -20.71 20.63
N ASP A 140 -5.81 -19.57 21.24
CA ASP A 140 -6.19 -18.25 20.75
C ASP A 140 -5.28 -17.80 19.59
N HIS A 141 -4.33 -18.66 19.22
CA HIS A 141 -3.37 -18.44 18.15
C HIS A 141 -3.33 -19.61 17.16
N VAL A 142 -2.57 -19.44 16.07
CA VAL A 142 -2.28 -20.46 15.08
C VAL A 142 -0.77 -20.49 14.89
N ILE A 143 -0.23 -21.70 14.73
CA ILE A 143 1.21 -21.90 14.54
C ILE A 143 1.46 -21.96 13.02
N ILE A 144 2.19 -20.98 12.49
CA ILE A 144 2.51 -20.98 11.08
C ILE A 144 3.93 -21.57 10.90
N ILE A 145 4.02 -22.63 10.07
CA ILE A 145 5.29 -23.29 9.78
C ILE A 145 5.68 -22.96 8.34
N GLY A 146 6.91 -22.45 8.18
CA GLY A 146 7.43 -22.09 6.88
C GLY A 146 8.73 -22.79 6.53
N ARG A 147 8.91 -23.06 5.23
CA ARG A 147 10.13 -23.65 4.71
C ARG A 147 10.94 -22.51 4.13
N VAL A 148 12.17 -22.31 4.66
CA VAL A 148 13.06 -21.22 4.21
C VAL A 148 13.45 -21.48 2.74
N THR A 149 13.06 -20.54 1.88
CA THR A 149 13.34 -20.57 0.45
C THR A 149 14.61 -19.74 0.18
N ALA A 150 14.78 -18.64 0.95
CA ALA A 150 15.92 -17.71 0.85
C ALA A 150 16.15 -17.04 2.21
N PHE A 151 17.39 -16.57 2.47
CA PHE A 151 17.70 -15.89 3.73
C PHE A 151 18.98 -15.04 3.60
N GLU A 152 19.19 -14.18 4.60
CA GLU A 152 20.37 -13.33 4.68
C GLU A 152 20.62 -13.01 6.12
N ASN A 153 21.90 -12.94 6.50
CA ASN A 153 22.32 -12.65 7.87
C ASN A 153 23.47 -11.62 7.85
N SER A 154 23.12 -10.36 8.19
CA SER A 154 24.09 -9.28 8.40
C SER A 154 24.61 -9.48 9.81
N GLY A 155 25.84 -9.12 10.09
CA GLY A 155 26.32 -9.35 11.45
C GLY A 155 25.56 -8.56 12.51
N LEU A 156 24.74 -7.59 12.05
CA LEU A 156 23.93 -6.65 12.82
C LEU A 156 23.28 -7.26 14.04
N ASN A 157 23.43 -6.56 15.17
CA ASN A 157 22.84 -6.95 16.44
C ASN A 157 21.37 -6.80 16.36
N GLY A 158 20.66 -7.76 16.90
CA GLY A 158 19.21 -7.72 16.84
C GLY A 158 18.57 -6.98 17.97
N LEU A 159 17.37 -6.46 17.71
CA LEU A 159 16.51 -5.82 18.73
C LEU A 159 16.02 -6.94 19.59
N GLY A 160 16.00 -6.71 20.88
CA GLY A 160 15.53 -7.71 21.84
C GLY A 160 14.31 -7.23 22.59
N TYR A 161 13.54 -8.15 23.16
CA TYR A 161 12.40 -7.91 24.03
C TYR A 161 12.47 -8.86 25.17
N ALA A 162 12.60 -8.35 26.40
CA ALA A 162 12.57 -9.21 27.60
C ALA A 162 11.70 -8.56 28.60
N ARG A 163 10.85 -9.39 29.24
CA ARG A 163 9.91 -8.99 30.28
C ARG A 163 9.06 -7.81 29.76
N GLY A 164 9.09 -6.67 30.41
CA GLY A 164 8.32 -5.57 29.87
C GLY A 164 8.70 -5.10 28.46
N GLY A 165 9.96 -4.63 28.28
CA GLY A 165 10.37 -4.08 27.01
C GLY A 165 11.68 -4.49 26.36
N TYR A 166 12.06 -3.69 25.38
CA TYR A 166 13.23 -3.84 24.55
C TYR A 166 14.54 -3.62 25.30
N PHE A 167 15.55 -4.35 24.82
CA PHE A 167 16.93 -4.29 25.29
C PHE A 167 17.83 -4.37 24.03
N THR A 168 19.05 -3.78 24.08
CA THR A 168 20.00 -3.77 22.96
C THR A 168 21.43 -3.83 23.49
N PRO A 169 22.39 -4.52 22.82
CA PRO A 169 23.78 -4.58 23.34
C PRO A 169 24.47 -3.21 23.41
N ARG A 170 24.02 -2.31 22.54
CA ARG A 170 24.35 -0.90 22.34
C ARG A 170 24.47 -0.16 23.66
N LEU A 171 23.39 -0.24 24.51
CA LEU A 171 23.22 0.47 25.76
C LEU A 171 24.31 0.21 26.78
N ALA A 172 24.80 -1.03 26.90
CA ALA A 172 25.91 -1.36 27.81
C ALA A 172 27.10 -0.43 27.53
N GLY A 173 27.51 -0.31 26.25
CA GLY A 173 28.60 0.56 25.80
C GLY A 173 28.34 2.01 26.12
N LYS A 174 27.12 2.48 25.80
CA LYS A 174 26.63 3.84 26.02
C LYS A 174 26.73 4.21 27.52
N ALA A 175 26.36 3.25 28.43
CA ALA A 175 26.39 3.36 29.87
C ALA A 175 27.80 3.54 30.37
N VAL A 176 28.73 2.69 29.90
CA VAL A 176 30.14 2.72 30.27
C VAL A 176 30.76 4.09 29.87
N SER A 177 30.49 4.58 28.65
CA SER A 177 31.03 5.86 28.23
C SER A 177 30.59 6.99 29.20
N ALA A 178 29.29 7.00 29.55
CA ALA A 178 28.65 7.97 30.45
C ALA A 178 29.23 7.91 31.85
N ALA A 179 29.39 6.69 32.38
CA ALA A 179 29.91 6.43 33.73
C ALA A 179 31.30 7.02 33.95
N VAL A 180 32.13 7.02 32.91
CA VAL A 180 33.49 7.53 32.99
C VAL A 180 33.49 9.07 32.92
N GLU A 181 32.52 9.66 32.20
CA GLU A 181 32.37 11.11 32.01
C GLU A 181 32.15 11.86 33.36
N GLY A 182 31.54 11.19 34.33
CA GLY A 182 31.31 11.75 35.64
C GLY A 182 30.19 11.05 36.36
N GLU A 183 29.56 11.76 37.32
CA GLU A 183 28.43 11.21 38.09
C GLU A 183 27.26 10.88 37.17
N ILE A 184 26.54 9.81 37.48
CA ILE A 184 25.38 9.37 36.72
C ILE A 184 24.13 9.38 37.63
N ARG A 185 22.99 9.76 37.05
CA ARG A 185 21.74 9.66 37.76
C ARG A 185 21.19 8.28 37.41
N LEU A 186 21.07 7.41 38.41
CA LEU A 186 20.55 6.07 38.19
C LEU A 186 19.06 6.07 38.41
N GLY A 187 18.31 5.91 37.32
CA GLY A 187 16.86 5.87 37.38
C GLY A 187 16.32 4.49 37.09
N ALA A 188 15.04 4.27 37.37
CA ALA A 188 14.42 2.98 37.10
C ALA A 188 12.96 3.09 36.74
N VAL A 189 12.53 2.22 35.80
CA VAL A 189 11.13 2.03 35.40
C VAL A 189 10.74 0.77 36.16
N LEU A 190 10.38 0.97 37.45
CA LEU A 190 10.08 -0.09 38.41
C LEU A 190 8.60 -0.46 38.32
N GLU A 191 8.33 -1.68 37.86
CA GLU A 191 6.96 -2.17 37.67
C GLU A 191 6.46 -3.09 38.79
N GLN A 192 5.20 -2.90 39.24
CA GLN A 192 4.59 -3.79 40.20
C GLN A 192 3.73 -4.75 39.42
N GLN A 193 2.51 -4.33 39.03
CA GLN A 193 1.78 -5.23 38.16
C GLN A 193 2.10 -4.72 36.79
N GLY A 194 1.29 -3.77 36.36
CA GLY A 194 1.54 -3.09 35.10
C GLY A 194 1.72 -1.66 35.46
N ALA A 195 1.96 -1.41 36.77
CA ALA A 195 2.06 -0.05 37.32
C ALA A 195 3.49 0.33 37.63
N VAL A 196 3.89 1.50 37.14
CA VAL A 196 5.23 2.03 37.29
C VAL A 196 5.31 2.82 38.61
N PHE A 197 6.43 2.70 39.32
CA PHE A 197 6.62 3.43 40.57
C PHE A 197 6.98 4.87 40.29
N LEU A 198 6.29 5.78 40.95
CA LEU A 198 6.55 7.21 40.81
C LEU A 198 6.52 7.89 42.17
N ALA A 199 7.49 8.78 42.40
CA ALA A 199 7.65 9.53 43.64
C ALA A 199 7.09 10.95 43.49
N GLY A 200 6.36 11.38 44.53
CA GLY A 200 5.76 12.70 44.56
C GLY A 200 4.25 12.62 44.47
N ASN A 201 3.59 13.79 44.61
CA ASN A 201 2.13 13.88 44.57
C ASN A 201 1.68 14.73 43.39
N GLU A 202 2.09 16.01 43.38
CA GLU A 202 1.70 16.93 42.31
C GLU A 202 2.60 16.73 41.11
N THR A 203 3.93 16.75 41.33
CA THR A 203 4.87 16.59 40.24
C THR A 203 5.67 15.28 40.44
N LEU A 204 5.22 14.26 39.71
CA LEU A 204 5.75 12.91 39.75
C LEU A 204 7.13 12.80 39.09
N SER A 205 8.02 12.04 39.76
CA SER A 205 9.40 11.80 39.34
C SER A 205 9.73 10.33 39.43
N LEU A 206 10.61 9.85 38.54
CA LEU A 206 11.02 8.46 38.59
C LEU A 206 11.98 8.25 39.76
N PRO A 207 12.01 7.06 40.41
CA PRO A 207 12.94 6.88 41.53
C PRO A 207 14.37 6.95 41.02
N ASN A 208 15.24 7.73 41.70
CA ASN A 208 16.63 7.84 41.23
C ASN A 208 17.57 8.29 42.33
N CYS A 209 18.86 8.03 42.10
CA CYS A 209 19.95 8.47 42.95
C CYS A 209 21.20 8.66 42.10
N THR A 210 21.89 9.80 42.29
CA THR A 210 23.10 10.17 41.53
C THR A 210 24.34 9.77 42.32
N VAL A 211 25.15 8.90 41.70
CA VAL A 211 26.39 8.34 42.28
C VAL A 211 27.51 8.39 41.24
N GLU A 212 28.76 8.11 41.67
CA GLU A 212 29.92 8.02 40.76
C GLU A 212 30.77 6.86 41.23
N GLY A 213 30.57 5.70 40.61
CA GLY A 213 31.31 4.50 40.98
C GLY A 213 30.43 3.46 41.61
N GLY A 214 30.77 2.20 41.29
CA GLY A 214 30.09 1.00 41.75
C GLY A 214 29.21 0.40 40.67
N ASP A 215 28.60 -0.77 40.97
CA ASP A 215 27.72 -1.44 40.03
C ASP A 215 26.40 -0.68 40.04
N PRO A 216 26.04 -0.03 38.91
CA PRO A 216 24.81 0.76 38.88
C PRO A 216 23.57 -0.07 39.27
N ALA A 217 23.54 -1.36 38.83
CA ALA A 217 22.44 -2.24 39.16
C ALA A 217 22.40 -2.54 40.65
N ARG A 218 23.56 -2.89 41.29
CA ARG A 218 23.66 -3.11 42.74
C ARG A 218 23.19 -1.88 43.54
N THR A 219 23.72 -0.70 43.17
CA THR A 219 23.42 0.59 43.79
C THR A 219 21.90 0.89 43.75
N LEU A 220 21.33 0.72 42.55
CA LEU A 220 19.92 0.99 42.28
C LEU A 220 19.03 0.01 42.99
N ALA A 221 19.42 -1.29 43.05
CA ALA A 221 18.63 -2.31 43.75
C ALA A 221 18.55 -1.96 45.25
N ALA A 222 19.70 -1.63 45.84
CA ALA A 222 19.79 -1.23 47.24
C ALA A 222 18.92 -0.02 47.52
N TYR A 223 19.04 1.05 46.65
CA TYR A 223 18.29 2.31 46.77
C TYR A 223 16.79 2.03 46.74
N LEU A 224 16.32 1.36 45.66
CA LEU A 224 14.91 1.07 45.47
C LEU A 224 14.33 0.24 46.61
N GLU A 225 15.02 -0.84 47.05
CA GLU A 225 14.58 -1.73 48.13
C GLU A 225 14.39 -0.93 49.43
N GLN A 226 15.35 -0.05 49.77
CA GLN A 226 15.32 0.85 50.92
C GLN A 226 14.11 1.80 50.84
N LEU A 227 13.95 2.45 49.67
CA LEU A 227 12.97 3.48 49.39
C LEU A 227 11.55 2.96 49.55
N THR A 228 11.27 1.82 48.88
CA THR A 228 9.96 1.20 48.78
C THR A 228 9.65 0.21 49.90
N GLY A 229 10.69 -0.44 50.43
CA GLY A 229 10.52 -1.47 51.45
C GLY A 229 10.08 -2.78 50.83
N LEU A 230 10.25 -2.88 49.51
CA LEU A 230 9.87 -4.01 48.67
C LEU A 230 11.13 -4.68 48.14
N ASN A 231 10.98 -5.86 47.53
CA ASN A 231 12.09 -6.60 46.95
C ASN A 231 12.17 -6.23 45.50
N VAL A 232 13.39 -5.94 45.02
CA VAL A 232 13.57 -5.44 43.67
C VAL A 232 14.54 -6.31 42.88
N THR A 233 14.31 -6.41 41.55
CA THR A 233 15.20 -7.08 40.61
C THR A 233 15.47 -6.08 39.51
N ILE A 234 16.74 -5.71 39.33
CA ILE A 234 17.11 -4.79 38.26
C ILE A 234 17.31 -5.64 37.03
N GLY A 235 16.75 -5.22 35.92
CA GLY A 235 16.87 -5.96 34.68
C GLY A 235 17.80 -5.35 33.65
N PHE A 236 17.31 -5.26 32.41
CA PHE A 236 18.06 -4.73 31.29
C PHE A 236 18.01 -3.23 31.29
N LEU A 237 19.03 -2.61 30.71
CA LEU A 237 19.09 -1.15 30.57
C LEU A 237 17.91 -0.69 29.72
N TYR A 238 17.23 0.35 30.21
CA TYR A 238 16.07 0.89 29.52
C TYR A 238 16.49 2.02 28.57
N SER A 239 17.30 2.94 29.08
CA SER A 239 17.73 4.12 28.35
C SER A 239 19.03 4.72 28.95
N VAL A 240 19.90 5.22 28.09
CA VAL A 240 21.12 5.92 28.53
C VAL A 240 21.15 7.23 27.76
N TYR A 241 21.15 8.37 28.47
CA TYR A 241 21.09 9.68 27.85
C TYR A 241 21.73 10.79 28.71
N GLU A 242 21.95 11.98 28.14
CA GLU A 242 22.44 13.14 28.84
C GLU A 242 21.27 14.12 28.96
N ASP A 243 20.87 14.48 30.19
CA ASP A 243 19.75 15.41 30.38
C ASP A 243 20.10 16.77 29.82
N LYS A 244 19.37 17.20 28.80
CA LYS A 244 19.60 18.44 28.05
C LYS A 244 19.47 19.69 28.94
N SER A 245 18.59 19.65 29.96
CA SER A 245 18.32 20.75 30.91
C SER A 245 19.31 20.77 32.11
N ASP A 246 19.49 19.60 32.71
CA ASP A 246 20.31 19.26 33.85
C ASP A 246 21.83 19.27 33.55
N GLY A 247 22.17 18.68 32.40
CA GLY A 247 23.54 18.46 31.96
C GLY A 247 24.05 17.09 32.36
N ARG A 248 23.35 16.43 33.28
CA ARG A 248 23.72 15.16 33.90
C ARG A 248 23.48 13.93 33.05
N GLN A 249 24.47 13.03 33.10
CA GLN A 249 24.42 11.71 32.49
C GLN A 249 23.36 10.89 33.23
N ASN A 250 22.52 10.18 32.49
CA ASN A 250 21.43 9.41 33.04
C ASN A 250 21.45 7.94 32.56
N ILE A 251 21.48 6.97 33.51
CA ILE A 251 21.42 5.52 33.25
C ILE A 251 20.10 5.01 33.84
N VAL A 252 19.13 4.65 32.97
CA VAL A 252 17.80 4.20 33.39
C VAL A 252 17.69 2.70 33.12
N TYR A 253 17.33 1.94 34.16
CA TYR A 253 17.17 0.49 34.11
C TYR A 253 15.74 0.11 34.14
N HIS A 254 15.43 -1.07 33.60
CA HIS A 254 14.10 -1.60 33.71
C HIS A 254 14.15 -2.42 34.98
N ALA A 255 13.11 -2.33 35.86
CA ALA A 255 13.16 -3.10 37.11
C ALA A 255 11.79 -3.67 37.52
N LEU A 256 11.77 -4.57 38.52
CA LEU A 256 10.57 -5.21 39.04
C LEU A 256 10.50 -5.13 40.53
N ALA A 257 9.29 -4.86 41.06
CA ALA A 257 9.06 -4.83 42.48
C ALA A 257 8.14 -5.96 42.91
N SER A 258 8.38 -6.48 44.13
CA SER A 258 7.56 -7.53 44.73
C SER A 258 6.18 -6.94 45.08
N ASP A 259 5.22 -7.78 45.47
CA ASP A 259 3.89 -7.26 45.77
C ASP A 259 3.87 -6.54 47.12
N GLY A 260 2.94 -5.59 47.24
CA GLY A 260 2.76 -4.80 48.45
C GLY A 260 2.78 -3.29 48.25
N ALA A 261 2.31 -2.57 49.26
CA ALA A 261 2.31 -1.12 49.24
C ALA A 261 3.70 -0.59 49.57
N PRO A 262 4.25 0.32 48.71
CA PRO A 262 5.58 0.87 49.00
C PRO A 262 5.54 1.87 50.17
N ARG A 263 6.62 1.84 50.97
CA ARG A 263 6.94 2.67 52.13
C ARG A 263 6.64 4.17 51.84
N GLN A 264 7.02 4.64 50.64
CA GLN A 264 6.83 5.97 50.07
C GLN A 264 6.53 5.85 48.58
N GLY A 265 5.94 6.90 47.99
CA GLY A 265 5.54 6.93 46.58
C GLY A 265 4.36 6.02 46.30
N ARG A 266 4.09 5.74 45.00
CA ARG A 266 2.98 4.87 44.57
C ARG A 266 3.21 4.31 43.17
N PHE A 267 2.62 3.12 42.90
CA PHE A 267 2.68 2.45 41.63
C PHE A 267 1.47 2.83 40.80
N LEU A 268 1.68 3.56 39.68
CA LEU A 268 0.55 4.03 38.85
C LEU A 268 0.41 3.30 37.53
N ARG A 269 -0.84 2.94 37.22
CA ARG A 269 -1.24 2.25 35.98
C ARG A 269 -1.28 3.31 34.87
N PRO A 270 -1.02 2.95 33.57
CA PRO A 270 -1.00 3.98 32.50
C PRO A 270 -2.25 4.88 32.51
N ALA A 271 -3.41 4.29 32.82
CA ALA A 271 -4.67 4.99 32.90
C ALA A 271 -4.60 6.20 33.86
N GLU A 272 -3.92 6.06 35.03
CA GLU A 272 -3.75 7.11 36.06
C GLU A 272 -2.74 8.18 35.62
N LEU A 273 -1.77 7.80 34.77
CA LEU A 273 -0.69 8.67 34.29
C LEU A 273 -1.11 9.65 33.19
N ALA A 274 -2.28 9.40 32.59
CA ALA A 274 -2.92 10.19 31.51
C ALA A 274 -2.74 11.71 31.71
N ALA A 275 -3.24 12.27 32.82
CA ALA A 275 -3.12 13.69 33.06
C ALA A 275 -2.23 13.93 34.29
N ALA A 276 -0.96 13.52 34.18
CA ALA A 276 -0.01 13.66 35.27
C ALA A 276 1.09 14.64 34.92
N LYS A 277 1.54 15.41 35.94
CA LYS A 277 2.62 16.38 35.79
C LYS A 277 3.96 15.69 36.09
N PHE A 278 4.96 15.89 35.23
CA PHE A 278 6.24 15.20 35.46
C PHE A 278 7.40 16.16 35.75
N SER A 279 8.32 15.69 36.61
CA SER A 279 9.54 16.30 37.08
C SER A 279 10.36 16.95 35.96
N SER A 280 10.47 16.31 34.79
CA SER A 280 11.25 16.77 33.64
C SER A 280 10.66 16.22 32.32
N SER A 281 11.06 16.79 31.17
CA SER A 281 10.60 16.32 29.86
C SER A 281 11.06 14.88 29.65
N ALA A 282 12.31 14.58 30.07
CA ALA A 282 12.94 13.26 29.99
C ALA A 282 12.07 12.22 30.71
N THR A 283 11.60 12.57 31.96
CA THR A 283 10.78 11.69 32.79
C THR A 283 9.51 11.35 32.03
N ALA A 284 8.87 12.38 31.46
CA ALA A 284 7.66 12.25 30.66
C ALA A 284 7.90 11.38 29.43
N ASP A 285 9.03 11.57 28.73
CA ASP A 285 9.40 10.77 27.56
C ASP A 285 9.46 9.29 27.91
N ILE A 286 10.07 8.97 29.08
CA ILE A 286 10.22 7.59 29.57
C ILE A 286 8.86 7.01 29.89
N ILE A 287 7.99 7.76 30.58
CA ILE A 287 6.63 7.33 30.94
C ILE A 287 5.82 7.10 29.66
N ASN A 288 5.91 8.05 28.66
CA ASN A 288 5.23 7.92 27.36
C ASN A 288 5.62 6.57 26.73
N ARG A 289 6.92 6.25 26.75
CA ARG A 289 7.48 5.01 26.24
C ARG A 289 6.92 3.82 27.03
N PHE A 290 6.84 3.92 28.37
CA PHE A 290 6.32 2.85 29.22
C PHE A 290 4.87 2.52 28.86
N VAL A 291 4.00 3.57 28.73
CA VAL A 291 2.57 3.43 28.43
C VAL A 291 2.36 2.84 27.01
N LEU A 292 3.22 3.22 26.04
CA LEU A 292 3.16 2.71 24.68
C LEU A 292 3.61 1.23 24.62
N GLU A 293 4.70 0.86 25.34
CA GLU A 293 5.26 -0.51 25.41
C GLU A 293 4.36 -1.43 26.32
N SER A 294 3.29 -0.79 26.91
CA SER A 294 2.22 -1.34 27.77
C SER A 294 0.98 -1.64 26.93
N SER A 295 0.74 -0.80 25.88
CA SER A 295 -0.38 -0.92 24.92
C SER A 295 -0.01 -1.91 23.79
N ILE A 296 1.24 -2.48 23.83
CA ILE A 296 1.73 -3.44 22.86
C ILE A 296 2.30 -4.70 23.58
N GLY A 297 2.55 -5.71 22.77
CA GLY A 297 3.06 -7.02 23.16
C GLY A 297 2.09 -8.11 22.73
N ASN A 298 2.55 -9.38 22.79
CA ASN A 298 1.73 -10.53 22.43
C ASN A 298 0.60 -10.71 23.48
N PHE A 299 -0.57 -11.27 23.04
CA PHE A 299 -1.77 -11.56 23.84
C PHE A 299 -2.44 -10.21 24.31
N GLY A 300 -3.57 -10.22 25.06
CA GLY A 300 -4.28 -9.00 25.49
C GLY A 300 -4.02 -8.55 26.92
N VAL B 15 21.36 -27.55 -0.83
CA VAL B 15 21.07 -26.22 -1.39
C VAL B 15 21.63 -25.13 -0.44
N PHE B 16 21.38 -25.24 0.91
CA PHE B 16 21.87 -24.24 1.89
C PHE B 16 23.03 -24.77 2.74
N ASP B 17 23.96 -23.86 3.12
CA ASP B 17 25.06 -24.22 4.01
C ASP B 17 24.52 -24.31 5.42
N PRO B 18 24.61 -25.49 6.08
CA PRO B 18 24.07 -25.62 7.44
C PRO B 18 24.63 -24.57 8.41
N ARG B 19 25.93 -24.20 8.30
CA ARG B 19 26.53 -23.16 9.15
C ARG B 19 25.86 -21.81 8.91
N ALA B 20 25.78 -21.37 7.63
CA ALA B 20 25.16 -20.12 7.19
C ALA B 20 23.73 -20.00 7.75
N LEU B 21 22.92 -21.06 7.57
CA LEU B 21 21.54 -21.09 8.04
C LEU B 21 21.50 -21.05 9.55
N ARG B 22 22.29 -21.89 10.24
CA ARG B 22 22.35 -21.92 11.71
C ARG B 22 22.71 -20.54 12.23
N ASP B 23 23.72 -19.88 11.61
CA ASP B 23 24.21 -18.54 11.99
C ASP B 23 23.11 -17.49 11.80
N ALA B 24 22.29 -17.63 10.70
CA ALA B 24 21.16 -16.73 10.42
C ALA B 24 20.08 -16.85 11.48
N PHE B 25 19.77 -18.09 11.91
CA PHE B 25 18.78 -18.32 12.97
C PHE B 25 19.25 -17.70 14.27
N GLY B 26 20.57 -17.75 14.49
CA GLY B 26 21.24 -17.22 15.68
C GLY B 26 21.09 -15.72 15.92
N ALA B 27 20.72 -14.98 14.86
CA ALA B 27 20.51 -13.54 14.90
C ALA B 27 19.35 -13.17 15.87
N PHE B 28 18.38 -14.09 15.97
CA PHE B 28 17.23 -13.94 16.85
C PHE B 28 17.61 -14.41 18.23
N ALA B 29 17.70 -13.44 19.19
CA ALA B 29 18.03 -13.75 20.58
C ALA B 29 16.92 -14.59 21.21
N THR B 30 17.28 -15.35 22.26
CA THR B 30 16.36 -16.16 23.04
C THR B 30 16.78 -16.15 24.48
N GLY B 31 15.96 -16.79 25.31
CA GLY B 31 16.26 -17.12 26.69
C GLY B 31 16.84 -18.54 26.66
N VAL B 32 16.96 -19.19 27.82
CA VAL B 32 17.51 -20.54 27.83
C VAL B 32 16.64 -21.39 28.76
N THR B 33 15.94 -22.38 28.18
CA THR B 33 15.11 -23.28 28.98
C THR B 33 15.76 -24.65 29.10
N VAL B 34 15.36 -25.40 30.13
CA VAL B 34 15.74 -26.79 30.36
C VAL B 34 14.43 -27.52 30.45
N VAL B 35 14.14 -28.31 29.45
CA VAL B 35 12.92 -29.08 29.43
C VAL B 35 13.22 -30.30 30.30
N THR B 36 12.33 -30.63 31.23
CA THR B 36 12.51 -31.78 32.13
C THR B 36 11.28 -32.68 32.11
N ALA B 37 11.46 -33.94 32.49
CA ALA B 37 10.43 -34.98 32.61
C ALA B 37 11.00 -36.20 33.37
N SER B 38 10.16 -37.23 33.59
CA SER B 38 10.58 -38.49 34.22
C SER B 38 10.35 -39.62 33.22
N ASP B 39 11.38 -40.49 32.96
CA ASP B 39 11.26 -41.60 32.00
C ASP B 39 10.29 -42.70 32.49
N ALA B 40 10.14 -43.79 31.71
CA ALA B 40 9.23 -44.87 32.08
C ALA B 40 9.56 -45.44 33.48
N ALA B 41 10.88 -45.51 33.79
CA ALA B 41 11.45 -46.00 35.06
C ALA B 41 11.27 -44.99 36.20
N GLY B 42 10.81 -43.77 35.87
CA GLY B 42 10.61 -42.70 36.83
C GLY B 42 11.86 -41.88 37.10
N LYS B 43 12.96 -42.18 36.39
CA LYS B 43 14.23 -41.47 36.51
C LYS B 43 14.11 -40.06 35.87
N PRO B 44 14.58 -38.97 36.54
CA PRO B 44 14.49 -37.65 35.90
C PRO B 44 15.40 -37.55 34.68
N ILE B 45 14.82 -37.03 33.59
CA ILE B 45 15.50 -36.76 32.32
C ILE B 45 15.29 -35.29 31.97
N GLY B 46 16.22 -34.72 31.21
CA GLY B 46 16.14 -33.32 30.80
C GLY B 46 17.02 -32.97 29.63
N PHE B 47 16.88 -31.74 29.10
CA PHE B 47 17.69 -31.22 27.98
C PHE B 47 17.57 -29.70 27.87
N THR B 48 18.69 -29.02 27.59
CA THR B 48 18.72 -27.58 27.33
C THR B 48 18.08 -27.35 25.97
N ALA B 49 17.14 -26.44 25.89
CA ALA B 49 16.46 -26.08 24.65
C ALA B 49 16.20 -24.57 24.65
N ASN B 50 16.41 -23.91 23.49
CA ASN B 50 16.23 -22.46 23.40
C ASN B 50 15.19 -22.14 22.30
N SER B 51 14.77 -23.20 21.58
CA SER B 51 13.76 -23.15 20.51
C SER B 51 12.40 -23.39 21.16
N PHE B 52 12.04 -22.45 22.03
CA PHE B 52 10.86 -22.38 22.85
C PHE B 52 10.01 -21.16 22.48
N THR B 53 8.68 -21.29 22.59
CA THR B 53 7.74 -20.22 22.28
C THR B 53 6.48 -20.32 23.12
N SER B 54 5.97 -19.17 23.58
CA SER B 54 4.70 -19.00 24.26
C SER B 54 3.65 -18.97 23.13
N VAL B 55 2.74 -19.95 23.11
CA VAL B 55 1.76 -20.07 22.01
C VAL B 55 0.40 -19.39 22.29
N SER B 56 -0.34 -19.86 23.28
CA SER B 56 -1.68 -19.34 23.57
C SER B 56 -1.84 -19.02 25.07
N LEU B 57 -2.68 -18.02 25.39
CA LEU B 57 -2.95 -17.65 26.78
C LEU B 57 -4.23 -18.37 27.30
N ASP B 58 -5.28 -18.45 26.45
CA ASP B 58 -6.52 -19.15 26.76
C ASP B 58 -6.93 -20.07 25.57
N PRO B 59 -6.63 -21.38 25.62
CA PRO B 59 -6.00 -22.14 26.73
C PRO B 59 -4.48 -21.84 26.89
N PRO B 60 -3.88 -21.99 28.11
CA PRO B 60 -2.43 -21.73 28.24
C PRO B 60 -1.60 -22.76 27.44
N LEU B 61 -1.03 -22.33 26.32
CA LEU B 61 -0.24 -23.20 25.43
C LEU B 61 1.18 -22.69 25.22
N LEU B 62 2.08 -23.66 25.14
CA LEU B 62 3.52 -23.51 25.08
C LEU B 62 4.10 -24.49 24.06
N LEU B 63 5.28 -24.20 23.56
CA LEU B 63 5.97 -24.95 22.51
C LEU B 63 7.46 -25.10 22.80
N VAL B 64 8.03 -26.27 22.49
CA VAL B 64 9.48 -26.49 22.59
C VAL B 64 9.84 -27.56 21.56
N CYS B 65 10.97 -27.37 20.82
CA CYS B 65 11.41 -28.28 19.75
C CYS B 65 12.48 -29.23 20.23
N LEU B 66 12.34 -30.51 19.87
CA LEU B 66 13.30 -31.53 20.24
C LEU B 66 13.83 -32.23 19.02
N ALA B 67 15.17 -32.33 18.91
CA ALA B 67 15.85 -33.01 17.79
C ALA B 67 15.54 -34.51 17.77
N LYS B 68 15.28 -35.06 16.59
CA LYS B 68 15.02 -36.50 16.44
C LYS B 68 16.29 -37.30 16.79
N SER B 69 17.47 -36.66 16.66
CA SER B 69 18.78 -37.19 16.99
C SER B 69 19.01 -37.35 18.52
N SER B 70 18.16 -36.73 19.38
CA SER B 70 18.32 -36.75 20.85
C SER B 70 18.31 -38.13 21.41
N ARG B 71 19.12 -38.35 22.47
CA ARG B 71 19.22 -39.65 23.15
C ARG B 71 17.92 -39.91 23.92
N ASN B 72 17.39 -38.85 24.56
CA ASN B 72 16.15 -38.83 25.33
C ASN B 72 14.88 -38.75 24.46
N TYR B 73 15.01 -38.64 23.10
CA TYR B 73 13.88 -38.52 22.16
C TYR B 73 12.74 -39.52 22.45
N GLU B 74 13.07 -40.82 22.59
CA GLU B 74 12.05 -41.84 22.84
C GLU B 74 11.37 -41.61 24.20
N SER B 75 12.17 -41.43 25.29
CA SER B 75 11.70 -41.20 26.65
C SER B 75 10.78 -39.98 26.73
N THR B 77 9.13 -38.09 24.05
CA THR B 77 7.90 -38.22 23.26
C THR B 77 6.91 -39.19 23.93
N SER B 78 7.44 -40.24 24.60
CA SER B 78 6.65 -41.24 25.33
C SER B 78 6.04 -40.67 26.63
N ALA B 79 6.71 -39.65 27.25
CA ALA B 79 6.23 -39.01 28.49
C ALA B 79 4.93 -38.26 28.23
N GLY B 80 4.12 -38.14 29.27
CA GLY B 80 2.83 -37.47 29.13
C GLY B 80 2.88 -36.05 29.65
N ARG B 81 3.71 -35.83 30.65
CA ARG B 81 3.88 -34.55 31.30
C ARG B 81 5.33 -34.09 31.22
N PHE B 82 5.53 -32.78 31.15
CA PHE B 82 6.87 -32.22 31.13
C PHE B 82 6.91 -30.83 31.80
N ALA B 83 8.12 -30.26 31.95
CA ALA B 83 8.26 -28.96 32.56
C ALA B 83 9.26 -28.08 31.81
N ILE B 84 9.06 -26.76 31.87
CA ILE B 84 9.96 -25.81 31.22
C ILE B 84 10.64 -25.00 32.31
N ASN B 85 11.97 -24.98 32.27
CA ASN B 85 12.74 -24.21 33.25
C ASN B 85 13.39 -23.02 32.57
N VAL B 86 12.83 -21.82 32.78
CA VAL B 86 13.41 -20.61 32.19
C VAL B 86 14.53 -20.18 33.13
N LEU B 87 15.75 -20.54 32.77
CA LEU B 87 16.92 -20.26 33.60
C LEU B 87 17.21 -18.78 33.72
N SER B 88 17.70 -18.41 34.94
CA SER B 88 18.14 -17.08 35.34
C SER B 88 19.61 -16.86 34.93
N GLU B 89 20.08 -15.60 35.05
CA GLU B 89 21.45 -15.10 34.73
C GLU B 89 22.58 -15.94 35.29
N THR B 90 22.38 -16.46 36.51
CA THR B 90 23.37 -17.21 37.27
C THR B 90 23.46 -18.68 36.87
N GLN B 91 22.58 -19.14 35.95
CA GLN B 91 22.45 -20.54 35.63
C GLN B 91 23.07 -20.96 34.31
N LYS B 92 24.19 -20.30 33.91
CA LYS B 92 24.93 -20.61 32.67
C LYS B 92 25.35 -22.10 32.70
N ASP B 93 25.92 -22.56 33.82
CA ASP B 93 26.45 -23.92 34.02
C ASP B 93 25.36 -25.01 34.03
N VAL B 94 24.13 -24.63 34.35
CA VAL B 94 23.01 -25.57 34.33
C VAL B 94 22.75 -25.85 32.86
N SER B 95 22.59 -24.76 32.09
CA SER B 95 22.41 -24.78 30.66
C SER B 95 23.46 -25.64 30.00
N ASN B 96 24.72 -25.51 30.46
CA ASN B 96 25.82 -26.24 29.86
C ASN B 96 25.69 -27.72 30.13
N THR B 97 25.50 -28.10 31.40
CA THR B 97 25.31 -29.50 31.84
C THR B 97 24.25 -30.19 31.03
N PHE B 98 23.14 -29.50 30.74
CA PHE B 98 22.02 -30.13 30.05
C PHE B 98 22.09 -30.10 28.52
N ALA B 99 23.16 -29.52 27.99
CA ALA B 99 23.37 -29.52 26.55
C ALA B 99 24.42 -30.57 26.21
N ARG B 100 25.35 -30.72 27.11
CA ARG B 100 26.49 -31.61 27.05
C ARG B 100 26.13 -33.05 27.46
N PRO B 101 26.90 -34.08 27.02
CA PRO B 101 26.56 -35.45 27.43
C PRO B 101 27.23 -35.85 28.76
N VAL B 102 26.51 -35.69 29.92
CA VAL B 102 27.06 -36.04 31.25
C VAL B 102 26.16 -37.11 31.89
N GLU B 103 26.77 -38.05 32.66
CA GLU B 103 25.99 -39.15 33.22
C GLU B 103 24.94 -38.65 34.23
N ASP B 104 25.33 -37.78 35.19
CA ASP B 104 24.32 -37.27 36.10
C ASP B 104 24.19 -35.78 35.90
N ARG B 105 23.23 -35.44 35.06
CA ARG B 105 22.92 -34.07 34.73
C ARG B 105 22.28 -33.38 35.92
N PHE B 106 21.34 -34.09 36.56
CA PHE B 106 20.57 -33.60 37.68
C PHE B 106 21.39 -33.38 38.97
N ALA B 107 22.66 -33.80 38.98
CA ALA B 107 23.56 -33.56 40.12
C ALA B 107 24.00 -32.08 40.16
N ALA B 108 23.94 -31.40 39.00
CA ALA B 108 24.36 -30.02 38.79
C ALA B 108 23.29 -28.98 39.16
N VAL B 109 22.08 -29.43 39.62
CA VAL B 109 21.00 -28.49 39.95
C VAL B 109 20.29 -28.84 41.19
N ASP B 110 19.94 -27.82 42.00
CA ASP B 110 19.10 -28.00 43.18
CA ASP B 110 19.10 -27.98 43.18
C ASP B 110 17.69 -28.04 42.62
N TRP B 111 17.03 -29.21 42.70
CA TRP B 111 15.71 -29.36 42.09
C TRP B 111 14.77 -30.17 42.98
N ARG B 112 13.48 -30.18 42.61
CA ARG B 112 12.39 -30.87 43.31
C ARG B 112 11.37 -31.34 42.29
N LEU B 113 10.41 -32.16 42.71
CA LEU B 113 9.33 -32.60 41.83
C LEU B 113 8.10 -31.72 42.02
N GLY B 114 7.45 -31.37 40.91
CA GLY B 114 6.24 -30.55 40.90
C GLY B 114 5.01 -31.37 41.20
N ARG B 115 3.85 -30.70 41.35
CA ARG B 115 2.55 -31.34 41.64
C ARG B 115 2.25 -32.48 40.67
N ASP B 116 2.79 -32.40 39.44
CA ASP B 116 2.57 -33.42 38.42
C ASP B 116 3.88 -34.20 38.09
N GLY B 117 4.73 -34.36 39.11
CA GLY B 117 5.96 -35.13 39.10
C GLY B 117 6.99 -34.77 38.07
N CYS B 118 7.18 -33.47 37.83
CA CYS B 118 8.17 -32.99 36.89
C CYS B 118 9.30 -32.26 37.62
N PRO B 119 10.57 -32.43 37.18
CA PRO B 119 11.70 -31.76 37.86
C PRO B 119 11.70 -30.24 37.67
N ILE B 120 11.53 -29.50 38.80
CA ILE B 120 11.47 -28.04 38.86
C ILE B 120 12.75 -27.53 39.54
N PHE B 121 13.53 -26.70 38.84
CA PHE B 121 14.80 -26.18 39.37
C PHE B 121 14.61 -24.95 40.22
N SER B 122 15.48 -24.77 41.21
CA SER B 122 15.40 -23.60 42.07
C SER B 122 16.18 -22.47 41.46
N ASP B 123 15.82 -21.23 41.82
CA ASP B 123 16.45 -19.98 41.40
C ASP B 123 16.32 -19.71 39.88
N VAL B 124 15.27 -20.29 39.24
CA VAL B 124 14.97 -20.06 37.82
C VAL B 124 14.21 -18.77 37.67
N ALA B 125 14.36 -18.11 36.50
CA ALA B 125 13.68 -16.87 36.13
C ALA B 125 12.16 -17.08 36.05
N ALA B 126 11.74 -18.32 35.73
CA ALA B 126 10.35 -18.82 35.71
C ALA B 126 10.33 -20.32 35.36
N TRP B 127 9.23 -21.02 35.67
CA TRP B 127 9.02 -22.43 35.32
C TRP B 127 7.53 -22.70 34.99
N PHE B 128 7.32 -23.68 34.06
CA PHE B 128 6.00 -24.10 33.56
C PHE B 128 5.82 -25.62 33.63
N GLU B 129 4.77 -26.07 34.32
CA GLU B 129 4.40 -27.47 34.40
C GLU B 129 3.35 -27.74 33.32
N CYS B 130 3.61 -28.72 32.45
CA CYS B 130 2.63 -28.96 31.39
C CYS B 130 2.24 -30.41 31.25
N SER B 131 1.27 -30.62 30.38
CA SER B 131 0.72 -31.85 29.87
C SER B 131 0.93 -31.83 28.38
N GLN B 133 0.07 -31.96 24.69
CA GLN B 133 -1.13 -31.85 23.87
C GLN B 133 -0.91 -32.56 22.54
N ASP B 134 0.19 -32.25 21.86
CA ASP B 134 0.52 -32.88 20.58
C ASP B 134 2.02 -32.86 20.33
N ILE B 135 2.48 -33.75 19.44
CA ILE B 135 3.86 -33.84 18.97
C ILE B 135 3.77 -33.75 17.44
N ILE B 136 4.30 -32.64 16.87
CA ILE B 136 4.23 -32.39 15.44
C ILE B 136 5.59 -32.69 14.80
N GLU B 137 5.56 -33.53 13.76
CA GLU B 137 6.76 -33.90 13.02
C GLU B 137 7.17 -32.72 12.17
N ALA B 138 8.43 -32.26 12.34
CA ALA B 138 8.91 -31.13 11.57
C ALA B 138 10.42 -31.25 11.29
N GLY B 139 10.73 -32.00 10.23
CA GLY B 139 12.10 -32.18 9.76
C GLY B 139 12.96 -33.01 10.69
N ASP B 140 14.16 -32.49 11.04
CA ASP B 140 15.11 -33.18 11.92
C ASP B 140 14.71 -33.03 13.40
N HIS B 141 13.62 -32.31 13.66
CA HIS B 141 13.06 -32.05 14.98
C HIS B 141 11.56 -32.41 15.06
N VAL B 142 11.01 -32.34 16.28
CA VAL B 142 9.59 -32.52 16.57
C VAL B 142 9.16 -31.33 17.40
N ILE B 143 7.96 -30.83 17.16
CA ILE B 143 7.41 -29.71 17.89
C ILE B 143 6.56 -30.29 19.03
N ILE B 144 6.97 -30.05 20.29
CA ILE B 144 6.22 -30.53 21.44
C ILE B 144 5.35 -29.40 21.96
N ILE B 145 4.03 -29.66 22.03
CA ILE B 145 3.06 -28.68 22.49
C ILE B 145 2.57 -29.10 23.84
N GLY B 146 2.66 -28.15 24.77
CA GLY B 146 2.25 -28.35 26.16
C GLY B 146 1.22 -27.36 26.65
N ARG B 147 0.28 -27.88 27.46
CA ARG B 147 -0.78 -27.10 28.10
C ARG B 147 -0.40 -26.82 29.55
N VAL B 148 -0.18 -25.56 29.91
CA VAL B 148 0.29 -25.18 31.24
C VAL B 148 -0.71 -25.60 32.33
N THR B 149 -0.22 -26.39 33.34
CA THR B 149 -1.06 -26.87 34.49
C THR B 149 -0.72 -26.05 35.75
N ALA B 150 0.50 -25.49 35.77
CA ALA B 150 1.02 -24.70 36.87
C ALA B 150 2.18 -23.88 36.36
N PHE B 151 2.55 -22.84 37.09
CA PHE B 151 3.70 -21.99 36.73
C PHE B 151 4.09 -21.07 37.89
N GLU B 152 5.28 -20.46 37.76
CA GLU B 152 5.79 -19.53 38.76
C GLU B 152 6.74 -18.60 38.08
N ASN B 153 6.72 -17.35 38.49
CA ASN B 153 7.58 -16.33 37.88
C ASN B 153 8.21 -15.47 38.97
N SER B 154 9.51 -15.70 39.23
CA SER B 154 10.31 -14.88 40.14
C SER B 154 10.70 -13.68 39.35
N GLY B 155 10.95 -12.57 40.00
CA GLY B 155 11.39 -11.42 39.19
C GLY B 155 12.73 -11.59 38.47
N LEU B 156 13.42 -12.72 38.73
CA LEU B 156 14.77 -13.03 38.31
C LEU B 156 14.99 -12.85 36.83
N ASN B 157 16.12 -12.22 36.50
CA ASN B 157 16.50 -12.01 35.11
C ASN B 157 16.86 -13.31 34.44
N GLY B 158 16.55 -13.47 33.19
CA GLY B 158 16.91 -14.72 32.54
C GLY B 158 18.25 -14.78 31.88
N LEU B 159 18.78 -16.00 31.73
CA LEU B 159 19.99 -16.26 30.96
C LEU B 159 19.57 -16.15 29.49
N GLY B 160 20.33 -15.38 28.72
CA GLY B 160 20.06 -15.17 27.31
C GLY B 160 21.12 -15.75 26.39
N TYR B 161 20.70 -16.12 25.15
CA TYR B 161 21.59 -16.68 24.16
C TYR B 161 21.36 -16.02 22.81
N ALA B 162 22.35 -15.24 22.41
CA ALA B 162 22.35 -14.51 21.15
C ALA B 162 23.61 -14.75 20.41
N ARG B 163 23.40 -15.08 19.13
CA ARG B 163 24.43 -15.43 18.18
C ARG B 163 25.25 -16.59 18.80
N GLY B 164 26.54 -16.41 18.99
CA GLY B 164 27.29 -17.57 19.47
C GLY B 164 27.29 -17.94 20.95
N GLY B 165 26.80 -17.06 21.81
CA GLY B 165 26.93 -17.28 23.23
C GLY B 165 25.92 -16.59 24.10
N TYR B 166 26.17 -16.72 25.38
CA TYR B 166 25.29 -16.16 26.40
C TYR B 166 25.53 -14.69 26.62
N PHE B 167 24.44 -14.01 26.95
CA PHE B 167 24.37 -12.65 27.43
C PHE B 167 23.49 -12.68 28.70
N THR B 168 23.72 -11.69 29.60
CA THR B 168 23.03 -11.47 30.88
C THR B 168 22.97 -9.94 31.17
N PRO B 169 21.83 -9.40 31.72
CA PRO B 169 21.78 -7.95 32.02
C PRO B 169 22.81 -7.49 33.06
N ARG B 170 23.26 -8.45 33.86
CA ARG B 170 24.22 -8.39 34.94
C ARG B 170 25.50 -7.69 34.52
N LEU B 171 26.07 -8.12 33.35
CA LEU B 171 27.32 -7.69 32.79
C LEU B 171 27.41 -6.23 32.51
N ALA B 172 26.31 -5.60 32.07
CA ALA B 172 26.29 -4.13 31.86
C ALA B 172 26.73 -3.40 33.12
N GLY B 173 26.11 -3.76 34.25
CA GLY B 173 26.42 -3.16 35.54
C GLY B 173 27.87 -3.40 35.94
N LYS B 174 28.34 -4.67 35.76
CA LYS B 174 29.68 -5.17 36.08
C LYS B 174 30.73 -4.33 35.35
N ALA B 175 30.44 -4.03 34.06
CA ALA B 175 31.27 -3.26 33.13
C ALA B 175 31.40 -1.83 33.58
N VAL B 176 30.26 -1.19 33.89
CA VAL B 176 30.19 0.20 34.36
C VAL B 176 31.01 0.35 35.65
N SER B 177 30.87 -0.56 36.63
CA SER B 177 31.63 -0.48 37.88
C SER B 177 33.12 -0.46 37.60
N ALA B 178 33.58 -1.37 36.74
CA ALA B 178 34.98 -1.55 36.29
C ALA B 178 35.51 -0.33 35.61
N ALA B 179 34.73 0.21 34.67
CA ALA B 179 35.08 1.38 33.86
C ALA B 179 35.42 2.62 34.72
N VAL B 180 34.71 2.82 35.82
CA VAL B 180 34.88 3.94 36.72
C VAL B 180 36.12 3.72 37.62
N GLU B 181 36.47 2.44 37.95
CA GLU B 181 37.61 2.04 38.79
C GLU B 181 38.96 2.52 38.17
N GLY B 182 39.04 2.54 36.84
CA GLY B 182 40.23 2.97 36.12
C GLY B 182 40.22 2.44 34.71
N GLU B 183 41.41 2.29 34.13
CA GLU B 183 41.56 1.77 32.75
C GLU B 183 41.04 0.34 32.63
N ILE B 184 40.47 0.05 31.46
CA ILE B 184 39.93 -1.28 31.17
C ILE B 184 40.64 -1.86 29.93
N ARG B 185 40.90 -3.18 29.97
CA ARG B 185 41.41 -3.84 28.82
C ARG B 185 40.19 -4.32 28.04
N LEU B 186 40.00 -3.79 26.83
CA LEU B 186 38.87 -4.19 26.00
C LEU B 186 39.26 -5.33 25.13
N GLY B 187 38.71 -6.50 25.41
CA GLY B 187 38.98 -7.71 24.64
C GLY B 187 37.78 -8.14 23.82
N ALA B 188 38.00 -9.09 22.90
CA ALA B 188 36.92 -9.59 22.09
C ALA B 188 37.07 -11.06 21.72
N VAL B 189 35.94 -11.80 21.73
CA VAL B 189 35.81 -13.15 21.19
C VAL B 189 35.31 -12.91 19.76
N LEU B 190 36.26 -12.63 18.82
CA LEU B 190 35.96 -12.26 17.44
C LEU B 190 35.90 -13.51 16.58
N GLU B 191 34.72 -13.83 16.07
CA GLU B 191 34.49 -15.03 15.28
C GLU B 191 34.42 -14.77 13.78
N GLN B 192 35.08 -15.67 12.98
CA GLN B 192 34.99 -15.59 11.53
C GLN B 192 33.95 -16.60 11.12
N GLN B 193 34.30 -17.87 11.00
CA GLN B 193 33.20 -18.79 10.76
C GLN B 193 32.88 -19.36 12.11
N GLY B 194 33.59 -20.40 12.48
CA GLY B 194 33.51 -20.95 13.82
C GLY B 194 34.86 -20.74 14.46
N ALA B 195 35.66 -19.81 13.89
CA ALA B 195 37.04 -19.57 14.27
C ALA B 195 37.17 -18.31 15.03
N VAL B 196 37.91 -18.35 16.14
CA VAL B 196 38.14 -17.20 17.01
C VAL B 196 39.45 -16.54 16.62
N PHE B 197 39.48 -15.20 16.61
CA PHE B 197 40.70 -14.47 16.27
C PHE B 197 41.64 -14.47 17.45
N LEU B 198 42.90 -14.78 17.19
CA LEU B 198 43.95 -14.77 18.21
C LEU B 198 45.23 -14.14 17.68
N ALA B 199 45.86 -13.29 18.51
CA ALA B 199 47.10 -12.59 18.17
C ALA B 199 48.31 -13.26 18.79
N GLY B 200 49.39 -13.33 18.02
CA GLY B 200 50.61 -13.97 18.47
C GLY B 200 50.87 -15.27 17.74
N ASN B 201 52.06 -15.87 17.99
CA ASN B 201 52.46 -17.12 17.35
C ASN B 201 52.67 -18.20 18.38
N GLU B 202 53.62 -18.01 19.32
CA GLU B 202 53.88 -19.03 20.34
C GLU B 202 52.86 -18.93 21.47
N THR B 203 52.67 -17.71 22.01
CA THR B 203 51.75 -17.48 23.11
C THR B 203 50.63 -16.56 22.60
N LEU B 204 49.50 -17.19 22.27
CA LEU B 204 48.31 -16.58 21.74
C LEU B 204 47.57 -15.76 22.78
N SER B 205 47.08 -14.58 22.35
CA SER B 205 46.34 -13.64 23.18
C SER B 205 45.10 -13.17 22.46
N LEU B 206 44.03 -12.87 23.20
CA LEU B 206 42.82 -12.35 22.58
C LEU B 206 43.04 -10.92 22.14
N PRO B 207 42.48 -10.42 21.00
CA PRO B 207 42.75 -9.03 20.58
C PRO B 207 42.25 -8.06 21.59
N ASN B 208 43.06 -7.07 21.97
CA ASN B 208 42.65 -6.12 23.00
C ASN B 208 43.43 -4.84 22.98
N CYS B 209 42.89 -3.83 23.62
CA CYS B 209 43.50 -2.52 23.83
C CYS B 209 42.95 -1.92 25.10
N THR B 210 43.86 -1.35 25.91
CA THR B 210 43.55 -0.78 27.22
C THR B 210 43.34 0.73 27.07
N VAL B 211 42.14 1.19 27.41
CA VAL B 211 41.71 2.59 27.34
C VAL B 211 40.99 3.01 28.64
N GLU B 212 40.74 4.31 28.79
CA GLU B 212 40.04 4.85 29.96
C GLU B 212 39.08 5.98 29.46
N GLY B 213 37.85 5.60 29.12
CA GLY B 213 36.89 6.56 28.61
C GLY B 213 36.54 6.33 27.17
N GLY B 214 35.27 6.62 26.83
CA GLY B 214 34.67 6.42 25.51
C GLY B 214 33.77 5.22 25.49
N ASP B 215 33.13 4.96 24.33
CA ASP B 215 32.24 3.80 24.19
C ASP B 215 33.13 2.58 23.97
N PRO B 216 33.12 1.62 24.90
CA PRO B 216 33.99 0.46 24.74
C PRO B 216 33.76 -0.28 23.43
N ALA B 217 32.48 -0.36 22.98
CA ALA B 217 32.14 -1.02 21.71
C ALA B 217 32.69 -0.23 20.52
N ARG B 218 32.52 1.12 20.51
CA ARG B 218 33.08 1.97 19.46
C ARG B 218 34.63 1.82 19.34
N THR B 219 35.31 1.91 20.50
CA THR B 219 36.75 1.80 20.65
C THR B 219 37.25 0.43 20.12
N LEU B 220 36.59 -0.63 20.54
CA LEU B 220 36.93 -1.99 20.18
C LEU B 220 36.69 -2.26 18.71
N ALA B 221 35.58 -1.72 18.14
CA ALA B 221 35.30 -1.92 16.73
C ALA B 221 36.41 -1.27 15.88
N ALA B 222 36.80 -0.03 16.25
CA ALA B 222 37.85 0.70 15.59
C ALA B 222 39.15 -0.06 15.64
N TYR B 223 39.54 -0.51 16.85
CA TYR B 223 40.77 -1.24 17.09
C TYR B 223 40.81 -2.50 16.23
N LEU B 224 39.78 -3.38 16.38
CA LEU B 224 39.70 -4.63 15.64
C LEU B 224 39.76 -4.43 14.12
N GLU B 225 38.97 -3.47 13.57
CA GLU B 225 38.89 -3.21 12.13
C GLU B 225 40.27 -2.82 11.61
N GLN B 226 40.99 -1.96 12.33
CA GLN B 226 42.36 -1.47 12.02
C GLN B 226 43.35 -2.66 12.02
N LEU B 227 43.28 -3.48 13.07
CA LEU B 227 44.17 -4.60 13.36
C LEU B 227 44.10 -5.65 12.27
N THR B 228 42.86 -6.09 11.98
CA THR B 228 42.55 -7.19 11.07
C THR B 228 42.40 -6.76 9.61
N GLY B 229 41.92 -5.55 9.39
CA GLY B 229 41.64 -5.05 8.04
C GLY B 229 40.33 -5.63 7.53
N LEU B 230 39.52 -6.12 8.47
CA LEU B 230 38.23 -6.75 8.25
C LEU B 230 37.14 -5.88 8.86
N ASN B 231 35.89 -6.17 8.52
CA ASN B 231 34.74 -5.43 9.02
C ASN B 231 34.25 -6.13 10.27
N VAL B 232 33.99 -5.38 11.33
CA VAL B 232 33.62 -5.98 12.60
C VAL B 232 32.28 -5.45 13.11
N THR B 233 31.53 -6.29 13.84
CA THR B 233 30.29 -5.92 14.53
C THR B 233 30.46 -6.35 15.96
N ILE B 234 30.44 -5.38 16.88
CA ILE B 234 30.57 -5.70 18.30
C ILE B 234 29.17 -6.06 18.81
N GLY B 235 29.07 -7.15 19.55
CA GLY B 235 27.80 -7.64 20.05
C GLY B 235 27.60 -7.45 21.52
N PHE B 236 27.01 -8.47 22.14
CA PHE B 236 26.71 -8.45 23.56
C PHE B 236 28.03 -8.62 24.35
N LEU B 237 28.04 -8.19 25.61
CA LEU B 237 29.17 -8.39 26.51
C LEU B 237 29.34 -9.86 26.74
N TYR B 238 30.55 -10.35 26.66
CA TYR B 238 30.85 -11.77 26.82
C TYR B 238 31.24 -12.07 28.27
N SER B 239 32.13 -11.25 28.83
CA SER B 239 32.64 -11.44 30.16
C SER B 239 33.22 -10.12 30.74
N VAL B 240 33.06 -9.91 32.03
CA VAL B 240 33.66 -8.78 32.72
C VAL B 240 34.33 -9.34 33.93
N TYR B 241 35.65 -9.08 34.08
CA TYR B 241 36.41 -9.62 35.20
C TYR B 241 37.65 -8.79 35.52
N GLU B 242 38.30 -9.07 36.67
CA GLU B 242 39.56 -8.42 37.07
C GLU B 242 40.65 -9.48 36.94
N ASP B 243 41.66 -9.23 36.09
CA ASP B 243 42.74 -10.20 35.88
C ASP B 243 43.52 -10.37 37.16
N LYS B 244 43.46 -11.59 37.71
CA LYS B 244 44.11 -12.01 38.96
C LYS B 244 45.64 -11.75 38.97
N SER B 245 46.32 -11.95 37.80
CA SER B 245 47.78 -11.79 37.64
C SER B 245 48.20 -10.33 37.39
N ASP B 246 47.51 -9.72 36.44
CA ASP B 246 47.67 -8.38 35.87
C ASP B 246 47.21 -7.29 36.80
N GLY B 247 46.04 -7.52 37.45
CA GLY B 247 45.35 -6.58 38.32
C GLY B 247 44.33 -5.76 37.57
N ARG B 248 44.43 -5.78 36.25
CA ARG B 248 43.62 -5.00 35.34
C ARG B 248 42.19 -5.46 35.14
N GLN B 249 41.30 -4.46 35.10
CA GLN B 249 39.89 -4.66 34.78
C GLN B 249 39.79 -5.06 33.32
N ASN B 250 38.98 -6.07 33.03
CA ASN B 250 38.82 -6.58 31.69
C ASN B 250 37.34 -6.61 31.25
N ILE B 251 37.03 -5.97 30.12
CA ILE B 251 35.68 -5.98 29.50
C ILE B 251 35.82 -6.71 28.16
N VAL B 252 35.22 -7.90 28.07
CA VAL B 252 35.31 -8.76 26.86
C VAL B 252 33.95 -8.79 26.16
N TYR B 253 33.95 -8.45 24.88
CA TYR B 253 32.75 -8.43 24.05
C TYR B 253 32.71 -9.60 23.12
N HIS B 254 31.51 -9.99 22.67
CA HIS B 254 31.35 -11.01 21.64
C HIS B 254 31.40 -10.22 20.35
N ALA B 255 32.12 -10.69 19.34
CA ALA B 255 32.15 -9.91 18.11
C ALA B 255 32.19 -10.80 16.89
N LEU B 256 31.98 -10.19 15.69
CA LEU B 256 31.97 -10.90 14.41
C LEU B 256 32.82 -10.23 13.40
N ALA B 257 33.56 -11.04 12.60
CA ALA B 257 34.40 -10.50 11.55
C ALA B 257 33.90 -10.92 10.19
N SER B 258 34.07 -10.04 9.19
CA SER B 258 33.72 -10.30 7.80
C SER B 258 34.68 -11.36 7.24
N ASP B 259 34.41 -11.89 6.03
CA ASP B 259 35.24 -12.95 5.46
C ASP B 259 36.57 -12.41 4.96
N GLY B 260 37.59 -13.28 4.97
CA GLY B 260 38.92 -12.92 4.53
C GLY B 260 40.05 -13.11 5.50
N ALA B 261 41.28 -13.12 5.01
CA ALA B 261 42.46 -13.27 5.85
C ALA B 261 42.77 -11.94 6.56
N PRO B 262 42.96 -11.99 7.90
CA PRO B 262 43.30 -10.77 8.64
C PRO B 262 44.74 -10.32 8.38
N ARG B 263 44.92 -9.00 8.30
CA ARG B 263 46.17 -8.24 8.10
C ARG B 263 47.29 -8.79 9.01
N GLN B 264 46.94 -9.11 10.28
CA GLN B 264 47.78 -9.67 11.34
C GLN B 264 46.96 -10.67 12.15
N GLY B 265 47.65 -11.58 12.86
CA GLY B 265 47.02 -12.63 13.66
C GLY B 265 46.36 -13.69 12.79
N ARG B 266 45.52 -14.55 13.40
CA ARG B 266 44.83 -15.63 12.67
C ARG B 266 43.54 -16.08 13.39
N PHE B 267 42.57 -16.58 12.62
CA PHE B 267 41.32 -17.14 13.12
C PHE B 267 41.50 -18.64 13.28
N LEU B 268 41.46 -19.13 14.54
CA LEU B 268 41.68 -20.55 14.79
C LEU B 268 40.41 -21.28 15.21
N ARG B 269 40.26 -22.49 14.65
CA ARG B 269 39.18 -23.43 14.93
C ARG B 269 39.45 -24.09 16.27
N PRO B 270 38.38 -24.50 17.06
CA PRO B 270 38.65 -25.14 18.36
C PRO B 270 39.70 -26.24 18.26
N ALA B 271 39.65 -27.01 17.16
CA ALA B 271 40.57 -28.10 16.86
C ALA B 271 42.05 -27.64 16.92
N GLU B 272 42.36 -26.46 16.36
CA GLU B 272 43.71 -25.88 16.32
C GLU B 272 44.15 -25.31 17.70
N LEU B 273 43.19 -24.87 18.51
CA LEU B 273 43.45 -24.28 19.82
C LEU B 273 43.85 -25.28 20.90
N ALA B 274 43.54 -26.57 20.67
CA ALA B 274 43.76 -27.68 21.60
C ALA B 274 45.09 -27.63 22.36
N ALA B 275 46.22 -27.56 21.65
CA ALA B 275 47.50 -27.47 22.36
C ALA B 275 48.17 -26.16 21.98
N ALA B 276 47.47 -25.10 22.36
CA ALA B 276 47.92 -23.73 22.18
C ALA B 276 48.19 -23.10 23.54
N LYS B 277 49.29 -22.38 23.64
CA LYS B 277 49.73 -21.68 24.84
C LYS B 277 49.02 -20.33 24.89
N PHE B 278 48.50 -19.95 26.05
CA PHE B 278 47.77 -18.68 26.13
C PHE B 278 48.44 -17.67 27.05
N SER B 279 48.29 -16.39 26.66
CA SER B 279 48.76 -15.17 27.28
C SER B 279 48.53 -15.13 28.81
N SER B 280 47.35 -15.60 29.27
CA SER B 280 46.96 -15.66 30.67
C SER B 280 45.95 -16.81 30.92
N SER B 281 45.77 -17.23 32.19
CA SER B 281 44.78 -18.25 32.55
C SER B 281 43.36 -17.79 32.15
N ALA B 282 43.07 -16.49 32.34
CA ALA B 282 41.83 -15.86 31.98
C ALA B 282 41.53 -16.05 30.49
N THR B 283 42.56 -15.80 29.61
CA THR B 283 42.46 -15.93 28.15
C THR B 283 42.02 -17.38 27.85
N ALA B 284 42.72 -18.37 28.48
CA ALA B 284 42.43 -19.79 28.36
C ALA B 284 41.01 -20.11 28.83
N ASP B 285 40.55 -19.53 29.95
CA ASP B 285 39.18 -19.71 30.46
C ASP B 285 38.16 -19.29 29.45
N ILE B 286 38.39 -18.16 28.76
CA ILE B 286 37.49 -17.61 27.74
C ILE B 286 37.47 -18.52 26.53
N ILE B 287 38.65 -19.02 26.08
CA ILE B 287 38.80 -19.92 24.94
C ILE B 287 38.09 -21.24 25.29
N ASN B 288 38.27 -21.76 26.53
CA ASN B 288 37.59 -22.98 27.00
C ASN B 288 36.08 -22.79 26.82
N ARG B 289 35.57 -21.64 27.24
CA ARG B 289 34.16 -21.26 27.16
C ARG B 289 33.72 -21.19 25.71
N PHE B 290 34.55 -20.59 24.83
CA PHE B 290 34.26 -20.46 23.40
C PHE B 290 34.10 -21.82 22.77
N VAL B 291 35.07 -22.77 23.02
CA VAL B 291 35.09 -24.12 22.43
C VAL B 291 33.90 -24.94 22.94
N LEU B 292 33.49 -24.74 24.22
CA LEU B 292 32.38 -25.43 24.85
C LEU B 292 31.06 -24.89 24.31
N GLU B 293 30.89 -23.57 24.20
CA GLU B 293 29.67 -22.96 23.66
C GLU B 293 29.64 -23.02 22.06
N SER B 294 30.68 -23.73 21.47
CA SER B 294 30.92 -24.13 20.05
C SER B 294 30.44 -25.57 19.85
N SER B 295 30.63 -26.44 20.88
CA SER B 295 30.22 -27.85 20.91
C SER B 295 28.73 -27.95 21.36
N ILE B 296 28.07 -26.79 21.67
CA ILE B 296 26.66 -26.70 22.07
C ILE B 296 25.93 -25.59 21.24
N GLY B 297 24.62 -25.57 21.37
CA GLY B 297 23.71 -24.70 20.65
C GLY B 297 22.75 -25.58 19.87
N ASN B 298 21.64 -25.00 19.34
CA ASN B 298 20.68 -25.83 18.59
C ASN B 298 21.32 -26.38 17.27
N PHE B 299 20.83 -27.56 16.83
CA PHE B 299 21.22 -28.28 15.59
C PHE B 299 22.68 -28.86 15.70
N GLY B 300 22.95 -29.91 14.91
CA GLY B 300 24.24 -30.61 14.84
C GLY B 300 25.08 -30.26 13.63
N VAL C 15 4.11 12.43 2.57
CA VAL C 15 5.50 12.71 2.95
C VAL C 15 6.17 13.57 1.85
N PHE C 16 6.07 13.16 0.55
CA PHE C 16 6.66 13.96 -0.56
C PHE C 16 5.63 14.73 -1.37
N ASP C 17 5.96 15.99 -1.73
CA ASP C 17 5.09 16.83 -2.54
C ASP C 17 5.22 16.37 -3.98
N PRO C 18 4.12 15.92 -4.61
CA PRO C 18 4.20 15.48 -6.02
C PRO C 18 4.84 16.51 -6.97
N ARG C 19 4.56 17.84 -6.78
CA ARG C 19 5.16 18.91 -7.58
C ARG C 19 6.66 18.91 -7.38
N ALA C 20 7.13 18.99 -6.11
CA ALA C 20 8.54 18.99 -5.70
C ALA C 20 9.30 17.86 -6.36
N LEU C 21 8.77 16.63 -6.23
CA LEU C 21 9.39 15.43 -6.79
C LEU C 21 9.41 15.49 -8.29
N ARG C 22 8.26 15.81 -8.93
CA ARG C 22 8.20 15.89 -10.40
C ARG C 22 9.24 16.90 -10.92
N ASP C 23 9.33 18.07 -10.26
CA ASP C 23 10.26 19.17 -10.59
C ASP C 23 11.71 18.72 -10.41
N ALA C 24 11.99 17.89 -9.36
CA ALA C 24 13.33 17.34 -9.07
C ALA C 24 13.76 16.40 -10.16
N PHE C 25 12.86 15.53 -10.64
CA PHE C 25 13.16 14.61 -11.75
C PHE C 25 13.49 15.39 -13.03
N GLY C 26 12.78 16.52 -13.21
CA GLY C 26 12.96 17.43 -14.34
C GLY C 26 14.33 18.04 -14.50
N ALA C 27 15.14 18.04 -13.40
CA ALA C 27 16.52 18.57 -13.36
C ALA C 27 17.41 17.78 -14.31
N PHE C 28 17.08 16.49 -14.54
CA PHE C 28 17.83 15.66 -15.47
C PHE C 28 17.28 15.90 -16.87
N ALA C 29 18.11 16.57 -17.71
CA ALA C 29 17.69 16.88 -19.08
C ALA C 29 17.60 15.61 -19.91
N THR C 30 16.77 15.64 -20.95
CA THR C 30 16.55 14.48 -21.79
C THR C 30 16.24 14.85 -23.21
N GLY C 31 16.38 13.89 -24.11
CA GLY C 31 15.87 14.01 -25.47
C GLY C 31 14.35 13.78 -25.40
N VAL C 32 13.69 13.62 -26.57
CA VAL C 32 12.23 13.43 -26.59
C VAL C 32 11.89 12.41 -27.66
N THR C 33 11.19 11.37 -27.26
CA THR C 33 10.79 10.34 -28.19
C THR C 33 9.28 10.32 -28.35
N VAL C 34 8.84 9.62 -29.39
CA VAL C 34 7.44 9.33 -29.60
C VAL C 34 7.38 7.79 -29.77
N VAL C 35 6.83 7.10 -28.75
CA VAL C 35 6.67 5.65 -28.73
C VAL C 35 5.45 5.34 -29.55
N THR C 36 5.67 4.58 -30.63
CA THR C 36 4.63 4.21 -31.58
C THR C 36 4.46 2.69 -31.69
N ALA C 37 3.25 2.26 -32.08
CA ALA C 37 2.83 0.89 -32.31
C ALA C 37 1.49 0.87 -33.04
N SER C 38 0.98 -0.32 -33.34
CA SER C 38 -0.32 -0.53 -33.99
C SER C 38 -1.21 -1.34 -33.05
N ASP C 39 -2.46 -0.87 -32.77
CA ASP C 39 -3.38 -1.59 -31.86
C ASP C 39 -3.91 -2.93 -32.48
N ALA C 40 -4.82 -3.62 -31.77
CA ALA C 40 -5.42 -4.88 -32.23
C ALA C 40 -6.06 -4.72 -33.59
N ALA C 41 -6.70 -3.55 -33.83
CA ALA C 41 -7.37 -3.18 -35.08
C ALA C 41 -6.38 -2.79 -36.18
N GLY C 42 -5.10 -2.67 -35.84
CA GLY C 42 -4.03 -2.29 -36.77
C GLY C 42 -3.86 -0.79 -36.93
N LYS C 43 -4.66 -0.01 -36.16
CA LYS C 43 -4.64 1.46 -36.17
C LYS C 43 -3.38 1.96 -35.46
N PRO C 44 -2.65 2.92 -36.05
CA PRO C 44 -1.44 3.44 -35.38
C PRO C 44 -1.78 4.21 -34.11
N ILE C 45 -1.06 3.88 -33.03
CA ILE C 45 -1.17 4.50 -31.70
C ILE C 45 0.20 5.01 -31.29
N GLY C 46 0.23 6.03 -30.44
CA GLY C 46 1.49 6.61 -29.99
C GLY C 46 1.39 7.66 -28.90
N PHE C 47 2.51 7.86 -28.19
CA PHE C 47 2.60 8.84 -27.11
C PHE C 47 4.02 9.38 -26.97
N THR C 48 4.14 10.63 -26.46
CA THR C 48 5.41 11.30 -26.18
C THR C 48 6.01 10.75 -24.88
N ALA C 49 7.26 10.31 -24.97
CA ALA C 49 8.03 9.78 -23.85
C ALA C 49 9.41 10.44 -23.77
N ASN C 50 9.83 10.68 -22.53
CA ASN C 50 11.17 11.21 -22.31
C ASN C 50 11.85 10.35 -21.24
N SER C 51 11.10 9.43 -20.63
CA SER C 51 11.62 8.49 -19.63
C SER C 51 12.04 7.23 -20.40
N PHE C 52 13.04 7.42 -21.26
CA PHE C 52 13.68 6.46 -22.15
C PHE C 52 15.15 6.30 -21.78
N THR C 53 15.70 5.08 -21.98
CA THR C 53 17.11 4.77 -21.70
C THR C 53 17.64 3.68 -22.63
N SER C 54 18.90 3.87 -23.08
CA SER C 54 19.65 2.88 -23.84
C SER C 54 20.24 1.92 -22.80
N VAL C 55 19.84 0.64 -22.85
CA VAL C 55 20.24 -0.34 -21.83
C VAL C 55 21.51 -1.15 -22.19
N SER C 56 21.46 -1.98 -23.24
CA SER C 56 22.55 -2.87 -23.62
C SER C 56 22.86 -2.76 -25.12
N LEU C 57 24.13 -2.96 -25.48
CA LEU C 57 24.60 -2.90 -26.86
C LEU C 57 24.59 -4.30 -27.47
N ASP C 58 25.05 -5.33 -26.70
CA ASP C 58 25.08 -6.71 -27.13
C ASP C 58 24.48 -7.62 -26.02
N PRO C 59 23.19 -8.02 -26.12
CA PRO C 59 22.20 -7.75 -27.19
C PRO C 59 21.70 -6.31 -27.21
N PRO C 60 21.17 -5.80 -28.36
CA PRO C 60 20.66 -4.42 -28.41
C PRO C 60 19.41 -4.24 -27.54
N LEU C 61 19.57 -3.58 -26.37
CA LEU C 61 18.46 -3.40 -25.44
C LEU C 61 18.20 -1.94 -25.12
N LEU C 62 16.93 -1.64 -25.01
CA LEU C 62 16.33 -0.34 -24.87
C LEU C 62 15.20 -0.37 -23.82
N LEU C 63 14.88 0.79 -23.24
CA LEU C 63 13.90 0.94 -22.16
C LEU C 63 13.03 2.18 -22.36
N VAL C 64 11.76 2.12 -21.91
CA VAL C 64 10.84 3.27 -21.94
C VAL C 64 9.77 3.02 -20.88
N CYS C 65 9.29 4.08 -20.22
CA CYS C 65 8.28 3.93 -19.17
C CYS C 65 6.92 4.43 -19.63
N LEU C 66 5.87 3.68 -19.33
CA LEU C 66 4.51 4.05 -19.67
C LEU C 66 3.65 4.07 -18.44
N ALA C 67 2.89 5.18 -18.24
CA ALA C 67 1.99 5.37 -17.11
C ALA C 67 0.82 4.37 -17.14
N LYS C 68 0.47 3.80 -15.99
CA LYS C 68 -0.65 2.87 -15.89
C LYS C 68 -1.96 3.61 -16.20
N SER C 69 -1.96 4.93 -15.98
CA SER C 69 -3.07 5.84 -16.21
C SER C 69 -3.36 6.07 -17.71
N SER C 70 -2.41 5.73 -18.62
CA SER C 70 -2.54 5.94 -20.07
C SER C 70 -3.79 5.27 -20.65
N ARG C 71 -4.41 5.96 -21.63
CA ARG C 71 -5.59 5.49 -22.34
C ARG C 71 -5.19 4.28 -23.21
N ASN C 72 -4.02 4.40 -23.87
CA ASN C 72 -3.42 3.39 -24.74
C ASN C 72 -2.72 2.26 -23.98
N TYR C 73 -2.66 2.32 -22.61
CA TYR C 73 -1.96 1.32 -21.76
C TYR C 73 -2.26 -0.12 -22.18
N GLU C 74 -3.55 -0.48 -22.33
CA GLU C 74 -3.95 -1.84 -22.70
C GLU C 74 -3.44 -2.20 -24.09
N SER C 75 -3.69 -1.32 -25.11
CA SER C 75 -3.24 -1.52 -26.51
C SER C 75 -1.72 -1.71 -26.60
N THR C 77 0.72 -2.42 -23.99
CA THR C 77 1.23 -3.61 -23.30
C THR C 77 0.87 -4.90 -24.07
N SER C 78 -0.30 -4.91 -24.73
CA SER C 78 -0.77 -6.04 -25.53
C SER C 78 0.02 -6.18 -26.86
N ALA C 79 0.57 -5.06 -27.41
CA ALA C 79 1.38 -5.05 -28.63
C ALA C 79 2.69 -5.83 -28.43
N GLY C 80 3.20 -6.42 -29.49
CA GLY C 80 4.43 -7.21 -29.42
C GLY C 80 5.63 -6.45 -29.89
N ARG C 81 5.40 -5.53 -30.85
CA ARG C 81 6.42 -4.70 -31.47
C ARG C 81 6.06 -3.26 -31.31
N PHE C 82 7.08 -2.42 -31.14
CA PHE C 82 6.95 -0.97 -30.98
C PHE C 82 8.14 -0.27 -31.61
N ALA C 83 8.06 1.06 -31.69
CA ALA C 83 9.15 1.85 -32.25
C ALA C 83 9.38 3.12 -31.44
N ILE C 84 10.64 3.52 -31.33
CA ILE C 84 11.04 4.74 -30.63
C ILE C 84 11.48 5.76 -31.68
N ASN C 85 10.95 7.00 -31.63
CA ASN C 85 11.36 8.02 -32.60
C ASN C 85 12.04 9.14 -31.82
N VAL C 86 13.35 9.35 -32.02
CA VAL C 86 14.02 10.42 -31.29
C VAL C 86 13.76 11.70 -32.07
N LEU C 87 12.87 12.55 -31.57
CA LEU C 87 12.48 13.76 -32.29
C LEU C 87 13.63 14.74 -32.41
N SER C 88 13.78 15.36 -33.59
CA SER C 88 14.77 16.40 -33.87
C SER C 88 14.26 17.78 -33.41
N GLU C 89 15.10 18.81 -33.55
CA GLU C 89 14.86 20.21 -33.17
C GLU C 89 13.57 20.82 -33.72
N THR C 90 13.20 20.44 -34.96
CA THR C 90 12.05 20.98 -35.67
C THR C 90 10.70 20.33 -35.31
N GLN C 91 10.71 19.20 -34.57
CA GLN C 91 9.51 18.47 -34.26
C GLN C 91 8.92 18.79 -32.87
N LYS C 92 8.99 20.08 -32.44
CA LYS C 92 8.44 20.48 -31.13
C LYS C 92 6.91 20.26 -31.08
N ASP C 93 6.20 20.54 -32.19
CA ASP C 93 4.76 20.35 -32.35
C ASP C 93 4.36 18.86 -32.34
N VAL C 94 5.27 17.97 -32.82
CA VAL C 94 5.05 16.51 -32.86
C VAL C 94 5.00 16.00 -31.41
N SER C 95 5.98 16.46 -30.60
CA SER C 95 6.10 16.20 -29.18
C SER C 95 4.82 16.64 -28.48
N ASN C 96 4.42 17.91 -28.73
CA ASN C 96 3.21 18.53 -28.19
C ASN C 96 1.93 17.70 -28.59
N THR C 97 1.70 17.43 -29.89
CA THR C 97 0.55 16.66 -30.41
C THR C 97 0.48 15.26 -29.80
N PHE C 98 1.63 14.59 -29.62
CA PHE C 98 1.64 13.22 -29.06
C PHE C 98 1.61 13.16 -27.54
N ALA C 99 1.36 14.28 -26.85
CA ALA C 99 1.26 14.36 -25.40
C ALA C 99 -0.09 14.99 -25.02
N ARG C 100 -0.70 15.70 -25.99
CA ARG C 100 -1.99 16.37 -25.89
C ARG C 100 -3.14 15.43 -26.29
N PRO C 101 -4.40 15.65 -25.80
CA PRO C 101 -5.51 14.78 -26.22
C PRO C 101 -6.11 15.27 -27.54
N VAL C 102 -5.64 14.70 -28.65
CA VAL C 102 -6.12 15.06 -29.98
C VAL C 102 -6.68 13.79 -30.67
N GLU C 103 -7.71 13.98 -31.52
CA GLU C 103 -8.37 12.87 -32.23
C GLU C 103 -7.41 12.16 -33.18
N ASP C 104 -6.74 12.90 -34.09
CA ASP C 104 -5.79 12.29 -35.01
C ASP C 104 -4.42 12.88 -34.77
N ARG C 105 -3.64 12.17 -33.94
CA ARG C 105 -2.27 12.52 -33.58
C ARG C 105 -1.39 12.33 -34.82
N PHE C 106 -1.59 11.22 -35.55
CA PHE C 106 -0.80 10.83 -36.72
C PHE C 106 -1.00 11.75 -37.95
N ALA C 107 -1.98 12.67 -37.90
CA ALA C 107 -2.19 13.64 -38.98
C ALA C 107 -1.12 14.75 -38.94
N ALA C 108 -0.48 14.94 -37.76
CA ALA C 108 0.53 15.96 -37.52
C ALA C 108 1.96 15.54 -37.92
N VAL C 109 2.15 14.30 -38.48
CA VAL C 109 3.48 13.83 -38.87
C VAL C 109 3.48 13.10 -40.19
N ASP C 110 4.57 13.29 -40.99
CA ASP C 110 4.83 12.49 -42.19
C ASP C 110 5.47 11.23 -41.66
N TRP C 111 4.77 10.12 -41.77
CA TRP C 111 5.24 8.87 -41.24
C TRP C 111 4.99 7.71 -42.21
N ARG C 112 5.62 6.57 -41.93
CA ARG C 112 5.56 5.37 -42.72
C ARG C 112 5.64 4.17 -41.81
N LEU C 113 5.41 2.97 -42.34
CA LEU C 113 5.52 1.75 -41.55
C LEU C 113 6.88 1.13 -41.79
N GLY C 114 7.49 0.66 -40.71
CA GLY C 114 8.79 -0.01 -40.76
C GLY C 114 8.66 -1.46 -41.18
N ARG C 115 9.81 -2.16 -41.39
CA ARG C 115 9.88 -3.57 -41.79
C ARG C 115 9.00 -4.46 -40.89
N ASP C 116 8.82 -4.05 -39.62
CA ASP C 116 8.04 -4.79 -38.64
C ASP C 116 6.71 -4.05 -38.27
N GLY C 117 6.17 -3.31 -39.25
CA GLY C 117 4.88 -2.60 -39.17
C GLY C 117 4.70 -1.60 -38.06
N CYS C 118 5.74 -0.83 -37.76
CA CYS C 118 5.69 0.19 -36.72
C CYS C 118 5.77 1.58 -37.34
N PRO C 119 5.01 2.56 -36.80
CA PRO C 119 5.06 3.93 -37.37
C PRO C 119 6.41 4.63 -37.12
N ILE C 120 7.14 4.90 -38.21
CA ILE C 120 8.45 5.56 -38.24
C ILE C 120 8.27 6.97 -38.81
N PHE C 121 8.65 8.00 -38.04
CA PHE C 121 8.48 9.38 -38.49
C PHE C 121 9.69 9.86 -39.29
N SER C 122 9.44 10.73 -40.26
CA SER C 122 10.51 11.32 -41.05
C SER C 122 11.11 12.51 -40.33
N ASP C 123 12.38 12.81 -40.60
CA ASP C 123 13.12 13.97 -40.08
C ASP C 123 13.36 13.88 -38.55
N VAL C 124 13.52 12.64 -38.06
CA VAL C 124 13.82 12.34 -36.66
C VAL C 124 15.33 12.31 -36.45
N ALA C 125 15.78 12.52 -35.20
CA ALA C 125 17.21 12.50 -34.84
C ALA C 125 17.78 11.09 -34.96
N ALA C 126 16.92 10.09 -34.64
CA ALA C 126 17.10 8.63 -34.72
C ALA C 126 15.78 7.94 -34.50
N TRP C 127 15.70 6.67 -34.92
CA TRP C 127 14.54 5.80 -34.70
C TRP C 127 14.99 4.37 -34.47
N PHE C 128 14.18 3.63 -33.67
CA PHE C 128 14.45 2.25 -33.31
C PHE C 128 13.19 1.38 -33.39
N GLU C 129 13.22 0.33 -34.24
CA GLU C 129 12.16 -0.68 -34.31
C GLU C 129 12.48 -1.74 -33.25
N CYS C 130 11.55 -1.97 -32.33
CA CYS C 130 11.77 -2.91 -31.24
C CYS C 130 10.75 -4.05 -31.24
N SER C 131 11.09 -5.09 -30.48
CA SER C 131 10.29 -6.27 -30.15
C SER C 131 10.30 -6.33 -28.64
N GLN C 133 10.58 -7.43 -25.00
CA GLN C 133 11.24 -8.50 -24.27
C GLN C 133 10.50 -8.75 -22.96
N ASP C 134 10.21 -7.68 -22.21
CA ASP C 134 9.49 -7.78 -20.95
C ASP C 134 8.80 -6.46 -20.62
N ILE C 135 7.80 -6.53 -19.73
CA ILE C 135 7.06 -5.39 -19.17
C ILE C 135 7.20 -5.56 -17.64
N ILE C 136 7.91 -4.62 -17.01
CA ILE C 136 8.17 -4.65 -15.57
C ILE C 136 7.25 -3.66 -14.84
N GLU C 137 6.52 -4.17 -13.82
CA GLU C 137 5.64 -3.35 -13.00
C GLU C 137 6.50 -2.47 -12.11
N ALA C 138 6.29 -1.14 -12.17
CA ALA C 138 7.08 -0.23 -11.35
C ALA C 138 6.25 1.00 -10.96
N GLY C 139 5.48 0.86 -9.88
CA GLY C 139 4.63 1.90 -9.32
C GLY C 139 3.47 2.30 -10.20
N ASP C 140 3.34 3.61 -10.47
CA ASP C 140 2.27 4.18 -11.29
C ASP C 140 2.56 4.04 -12.79
N HIS C 141 3.71 3.43 -13.11
CA HIS C 141 4.20 3.18 -14.46
C HIS C 141 4.61 1.70 -14.66
N VAL C 142 4.94 1.36 -15.91
CA VAL C 142 5.46 0.05 -16.31
C VAL C 142 6.70 0.31 -17.16
N ILE C 143 7.72 -0.53 -16.98
CA ILE C 143 8.98 -0.41 -17.72
C ILE C 143 8.88 -1.35 -18.93
N ILE C 144 8.89 -0.80 -20.12
CA ILE C 144 8.84 -1.59 -21.35
C ILE C 144 10.27 -1.77 -21.88
N ILE C 145 10.71 -3.03 -22.02
CA ILE C 145 12.03 -3.38 -22.51
C ILE C 145 11.90 -3.93 -23.92
N GLY C 146 12.65 -3.34 -24.86
CA GLY C 146 12.64 -3.74 -26.25
C GLY C 146 13.99 -4.12 -26.81
N ARG C 147 14.00 -5.13 -27.66
CA ARG C 147 15.20 -5.55 -28.36
C ARG C 147 15.18 -4.86 -29.73
N VAL C 148 16.22 -4.07 -30.04
CA VAL C 148 16.28 -3.33 -31.30
C VAL C 148 16.39 -4.32 -32.45
N THR C 149 15.42 -4.25 -33.35
CA THR C 149 15.33 -5.10 -34.54
C THR C 149 15.89 -4.33 -35.76
N ALA C 150 15.70 -3.01 -35.76
CA ALA C 150 16.16 -2.10 -36.82
C ALA C 150 16.33 -0.69 -36.25
N PHE C 151 17.25 0.12 -36.85
CA PHE C 151 17.46 1.49 -36.39
C PHE C 151 18.09 2.35 -37.48
N GLU C 152 18.06 3.68 -37.26
CA GLU C 152 18.63 4.66 -38.20
C GLU C 152 19.01 5.89 -37.42
N ASN C 153 20.11 6.52 -37.81
CA ASN C 153 20.59 7.72 -37.14
C ASN C 153 20.99 8.79 -38.19
N SER C 154 20.14 9.83 -38.35
CA SER C 154 20.46 11.00 -39.19
C SER C 154 21.24 11.95 -38.30
N GLY C 155 22.26 12.62 -38.79
CA GLY C 155 23.04 13.49 -37.89
C GLY C 155 22.26 14.54 -37.09
N LEU C 156 20.97 14.71 -37.46
CA LEU C 156 20.03 15.69 -36.97
C LEU C 156 19.98 15.77 -35.49
N ASN C 157 20.00 17.00 -35.02
CA ASN C 157 19.94 17.35 -33.61
C ASN C 157 18.61 17.00 -33.09
N GLY C 158 18.60 16.48 -31.88
CA GLY C 158 17.37 16.10 -31.23
C GLY C 158 16.65 17.24 -30.55
N LEU C 159 15.43 17.00 -30.17
CA LEU C 159 14.66 17.96 -29.43
C LEU C 159 14.90 17.64 -27.93
N GLY C 160 15.37 18.64 -27.21
CA GLY C 160 15.62 18.49 -25.78
C GLY C 160 14.43 18.97 -24.96
N TYR C 161 14.27 18.39 -23.75
CA TYR C 161 13.27 18.72 -22.75
C TYR C 161 14.01 18.73 -21.42
N ALA C 162 14.12 19.91 -20.84
CA ALA C 162 14.77 20.10 -19.55
C ALA C 162 13.92 21.02 -18.72
N ARG C 163 13.82 20.65 -17.43
CA ARG C 163 13.01 21.33 -16.41
C ARG C 163 11.62 21.59 -17.01
N GLY C 164 11.22 22.84 -17.08
CA GLY C 164 9.91 23.15 -17.66
C GLY C 164 9.65 22.59 -19.04
N GLY C 165 10.44 23.04 -20.00
CA GLY C 165 10.19 22.64 -21.35
C GLY C 165 11.38 22.40 -22.24
N TYR C 166 11.17 22.76 -23.49
CA TYR C 166 12.06 22.44 -24.56
C TYR C 166 13.28 23.29 -24.65
N PHE C 167 14.32 22.70 -25.29
CA PHE C 167 15.59 23.33 -25.62
C PHE C 167 16.08 22.72 -26.94
N THR C 168 16.71 23.53 -27.82
CA THR C 168 17.27 23.13 -29.11
C THR C 168 18.65 23.82 -29.35
N PRO C 169 19.66 23.12 -29.93
CA PRO C 169 20.97 23.78 -30.16
C PRO C 169 20.89 24.98 -31.12
N ARG C 170 19.88 24.95 -31.99
CA ARG C 170 19.48 25.90 -33.01
C ARG C 170 19.49 27.33 -32.48
N LEU C 171 18.81 27.55 -31.33
CA LEU C 171 18.59 28.84 -30.68
C LEU C 171 19.84 29.59 -30.32
N ALA C 172 20.89 28.89 -29.89
CA ALA C 172 22.18 29.53 -29.60
C ALA C 172 22.65 30.35 -30.81
N GLY C 173 22.67 29.72 -32.00
CA GLY C 173 23.07 30.35 -33.25
C GLY C 173 22.20 31.54 -33.60
N LYS C 174 20.87 31.33 -33.46
CA LYS C 174 19.82 32.32 -33.74
C LYS C 174 20.03 33.59 -32.89
N ALA C 175 20.38 33.38 -31.59
CA ALA C 175 20.64 34.40 -30.58
C ALA C 175 21.85 35.22 -30.95
N VAL C 176 22.96 34.54 -31.31
CA VAL C 176 24.22 35.18 -31.68
C VAL C 176 24.00 36.08 -32.91
N SER C 177 23.32 35.58 -33.97
CA SER C 177 23.07 36.37 -35.18
C SER C 177 22.33 37.67 -34.84
N ALA C 178 21.27 37.58 -34.00
CA ALA C 178 20.43 38.66 -33.49
C ALA C 178 21.21 39.68 -32.71
N ALA C 179 22.03 39.19 -31.76
CA ALA C 179 22.86 40.01 -30.86
C ALA C 179 23.81 40.98 -31.61
N VAL C 180 24.36 40.50 -32.74
CA VAL C 180 25.30 41.25 -33.55
C VAL C 180 24.54 42.32 -34.40
N GLU C 181 23.25 42.02 -34.78
CA GLU C 181 22.40 42.89 -35.61
C GLU C 181 22.16 44.28 -34.91
N GLY C 182 22.13 44.28 -33.57
CA GLY C 182 21.88 45.46 -32.78
C GLY C 182 21.34 45.12 -31.42
N GLU C 183 20.63 46.06 -30.78
CA GLU C 183 20.06 45.83 -29.44
C GLU C 183 19.05 44.66 -29.41
N ILE C 184 19.03 43.94 -28.29
CA ILE C 184 18.12 42.82 -28.08
C ILE C 184 17.23 43.07 -26.86
N ARG C 185 15.98 42.66 -26.95
CA ARG C 185 15.11 42.71 -25.80
C ARG C 185 15.28 41.37 -25.10
N LEU C 186 15.79 41.40 -23.86
CA LEU C 186 15.99 40.16 -23.11
C LEU C 186 14.78 39.89 -22.27
N GLY C 187 14.03 38.87 -22.65
CA GLY C 187 12.83 38.46 -21.91
C GLY C 187 13.03 37.14 -21.17
N ALA C 188 12.11 36.83 -20.25
CA ALA C 188 12.19 35.59 -19.51
C ALA C 188 10.83 35.03 -19.15
N VAL C 189 10.74 33.68 -19.22
CA VAL C 189 9.58 32.91 -18.74
C VAL C 189 10.04 32.41 -17.38
N LEU C 190 9.90 33.28 -16.36
CA LEU C 190 10.38 33.07 -14.98
C LEU C 190 9.31 32.39 -14.17
N GLU C 191 9.59 31.15 -13.75
CA GLU C 191 8.65 30.33 -13.01
C GLU C 191 8.94 30.27 -11.52
N GLN C 192 7.88 30.35 -10.69
CA GLN C 192 8.01 30.18 -9.24
C GLN C 192 7.64 28.75 -8.94
N GLN C 193 6.33 28.42 -8.87
CA GLN C 193 6.04 27.02 -8.74
C GLN C 193 5.74 26.56 -10.14
N GLY C 194 4.50 26.72 -10.52
CA GLY C 194 4.06 26.49 -11.89
C GLY C 194 3.56 27.82 -12.40
N ALA C 195 3.91 28.90 -11.67
CA ALA C 195 3.44 30.24 -11.96
C ALA C 195 4.51 31.06 -12.66
N VAL C 196 4.11 31.74 -13.76
CA VAL C 196 5.00 32.59 -14.57
C VAL C 196 4.93 34.01 -14.04
N PHE C 197 6.09 34.69 -13.98
CA PHE C 197 6.13 36.07 -13.53
C PHE C 197 5.63 37.00 -14.62
N LEU C 198 4.71 37.90 -14.26
CA LEU C 198 4.17 38.90 -15.18
C LEU C 198 4.09 40.25 -14.49
N ALA C 199 4.49 41.31 -15.22
CA ALA C 199 4.47 42.69 -14.73
C ALA C 199 3.24 43.46 -15.24
N GLY C 200 2.63 44.24 -14.37
CA GLY C 200 1.44 45.02 -14.70
C GLY C 200 0.20 44.52 -14.02
N ASN C 201 -0.93 45.24 -14.20
CA ASN C 201 -2.22 44.88 -13.60
C ASN C 201 -3.26 44.59 -14.68
N GLU C 202 -3.60 45.61 -15.49
CA GLU C 202 -4.57 45.42 -16.56
C GLU C 202 -3.92 44.76 -17.76
N THR C 203 -2.78 45.30 -18.22
CA THR C 203 -2.10 44.77 -19.39
C THR C 203 -0.75 44.19 -18.96
N LEU C 204 -0.75 42.87 -18.79
CA LEU C 204 0.40 42.09 -18.35
C LEU C 204 1.49 41.98 -19.41
N SER C 205 2.74 42.11 -18.96
CA SER C 205 3.95 42.05 -19.81
C SER C 205 4.97 41.12 -19.20
N LEU C 206 5.76 40.43 -20.04
CA LEU C 206 6.82 39.56 -19.53
C LEU C 206 7.97 40.41 -19.04
N PRO C 207 8.72 40.02 -17.98
CA PRO C 207 9.84 40.86 -17.54
C PRO C 207 10.90 40.93 -18.62
N ASN C 208 11.36 42.15 -18.95
CA ASN C 208 12.36 42.31 -19.99
C ASN C 208 13.12 43.61 -19.87
N CYS C 209 14.29 43.66 -20.49
CA CYS C 209 15.14 44.83 -20.60
C CYS C 209 15.93 44.74 -21.89
N THR C 210 15.98 45.86 -22.63
CA THR C 210 16.66 45.95 -23.92
C THR C 210 18.06 46.51 -23.72
N VAL C 211 19.07 45.69 -24.09
CA VAL C 211 20.49 46.02 -23.98
C VAL C 211 21.23 45.68 -25.29
N GLU C 212 22.49 46.12 -25.39
CA GLU C 212 23.33 45.82 -26.54
C GLU C 212 24.72 45.48 -26.02
N GLY C 213 25.00 44.18 -25.93
CA GLY C 213 26.28 43.69 -25.46
C GLY C 213 26.24 43.14 -24.07
N GLY C 214 27.17 42.21 -23.81
CA GLY C 214 27.34 41.54 -22.53
C GLY C 214 26.75 40.14 -22.56
N ASP C 215 26.81 39.41 -21.43
CA ASP C 215 26.22 38.09 -21.37
C ASP C 215 24.73 38.28 -21.18
N PRO C 216 23.90 37.86 -22.15
CA PRO C 216 22.45 38.06 -22.00
C PRO C 216 21.89 37.40 -20.72
N ALA C 217 22.41 36.20 -20.38
CA ALA C 217 21.99 35.51 -19.19
C ALA C 217 22.39 36.30 -17.92
N ARG C 218 23.66 36.80 -17.83
CA ARG C 218 24.11 37.61 -16.70
C ARG C 218 23.24 38.86 -16.51
N THR C 219 23.03 39.60 -17.62
CA THR C 219 22.24 40.82 -17.68
C THR C 219 20.80 40.56 -17.17
N LEU C 220 20.17 39.50 -17.68
CA LEU C 220 18.81 39.11 -17.36
C LEU C 220 18.70 38.66 -15.92
N ALA C 221 19.70 37.90 -15.41
CA ALA C 221 19.67 37.43 -14.03
C ALA C 221 19.71 38.65 -13.10
N ALA C 222 20.61 39.60 -13.39
CA ALA C 222 20.76 40.82 -12.61
C ALA C 222 19.47 41.62 -12.59
N TYR C 223 18.86 41.82 -13.79
CA TYR C 223 17.61 42.57 -13.99
C TYR C 223 16.50 41.93 -13.18
N LEU C 224 16.24 40.62 -13.40
CA LEU C 224 15.19 39.87 -12.72
C LEU C 224 15.34 39.90 -11.20
N GLU C 225 16.55 39.63 -10.68
CA GLU C 225 16.83 39.61 -9.24
C GLU C 225 16.52 40.96 -8.61
N GLN C 226 16.93 42.05 -9.26
CA GLN C 226 16.67 43.45 -8.84
C GLN C 226 15.15 43.72 -8.83
N LEU C 227 14.47 43.34 -9.92
CA LEU C 227 13.06 43.62 -10.19
C LEU C 227 12.16 42.98 -9.14
N THR C 228 12.38 41.67 -8.92
CA THR C 228 11.59 40.81 -8.06
C THR C 228 12.05 40.79 -6.61
N GLY C 229 13.35 40.97 -6.39
CA GLY C 229 13.94 40.88 -5.05
C GLY C 229 14.07 39.43 -4.64
N LEU C 230 14.06 38.53 -5.65
CA LEU C 230 14.14 37.08 -5.51
C LEU C 230 15.43 36.60 -6.14
N ASN C 231 15.81 35.33 -5.89
CA ASN C 231 17.01 34.73 -6.47
C ASN C 231 16.62 34.04 -7.76
N VAL C 232 17.39 34.26 -8.82
CA VAL C 232 17.04 33.73 -10.13
C VAL C 232 18.15 32.84 -10.72
N THR C 233 17.75 31.83 -11.51
CA THR C 233 18.66 30.98 -12.26
C THR C 233 18.17 31.03 -13.71
N ILE C 234 19.02 31.56 -14.62
CA ILE C 234 18.65 31.59 -16.03
C ILE C 234 19.01 30.22 -16.61
N GLY C 235 18.11 29.65 -17.39
CA GLY C 235 18.31 28.32 -17.97
C GLY C 235 18.59 28.33 -19.44
N PHE C 236 17.89 27.44 -20.14
CA PHE C 236 18.01 27.29 -21.61
C PHE C 236 17.21 28.35 -22.33
N LEU C 237 17.63 28.69 -23.52
CA LEU C 237 16.94 29.65 -24.37
C LEU C 237 15.54 29.13 -24.67
N TYR C 238 14.55 29.99 -24.52
CA TYR C 238 13.16 29.64 -24.74
C TYR C 238 12.76 29.94 -26.19
N SER C 239 13.08 31.13 -26.67
CA SER C 239 12.70 31.58 -27.99
C SER C 239 13.61 32.71 -28.48
N VAL C 240 13.91 32.74 -29.77
CA VAL C 240 14.67 33.85 -30.38
C VAL C 240 13.89 34.29 -31.59
N TYR C 241 13.46 35.56 -31.65
CA TYR C 241 12.62 36.04 -32.73
C TYR C 241 12.76 37.55 -32.95
N GLU C 242 12.26 38.05 -34.09
CA GLU C 242 12.22 39.48 -34.39
C GLU C 242 10.75 39.92 -34.27
N ASP C 243 10.46 40.87 -33.34
CA ASP C 243 9.09 41.33 -33.13
C ASP C 243 8.56 42.02 -34.38
N LYS C 244 7.51 41.44 -34.98
CA LYS C 244 6.90 41.91 -36.22
C LYS C 244 6.33 43.34 -36.12
N SER C 245 5.83 43.74 -34.92
CA SER C 245 5.24 45.07 -34.66
C SER C 245 6.31 46.14 -34.31
N ASP C 246 7.18 45.77 -33.39
CA ASP C 246 8.28 46.50 -32.79
C ASP C 246 9.47 46.69 -33.71
N GLY C 247 9.85 45.61 -34.40
CA GLY C 247 11.03 45.52 -35.26
C GLY C 247 12.23 44.98 -34.53
N ARG C 248 12.13 44.92 -33.20
CA ARG C 248 13.21 44.54 -32.30
C ARG C 248 13.50 43.05 -32.18
N GLN C 249 14.81 42.73 -32.16
CA GLN C 249 15.31 41.38 -31.91
C GLN C 249 14.99 41.00 -30.47
N ASN C 250 14.48 39.81 -30.26
CA ASN C 250 14.07 39.34 -28.97
C ASN C 250 14.75 38.00 -28.60
N ILE C 251 15.46 37.96 -27.44
CA ILE C 251 16.08 36.73 -26.88
C ILE C 251 15.33 36.43 -25.56
N VAL C 252 14.55 35.33 -25.55
CA VAL C 252 13.73 34.94 -24.39
C VAL C 252 14.36 33.67 -23.78
N TYR C 253 14.64 33.73 -22.47
CA TYR C 253 15.22 32.63 -21.72
C TYR C 253 14.20 31.98 -20.84
N HIS C 254 14.43 30.71 -20.50
CA HIS C 254 13.59 30.04 -19.54
C HIS C 254 14.30 30.30 -18.21
N ALA C 255 13.56 30.63 -17.14
CA ALA C 255 14.24 30.91 -15.87
C ALA C 255 13.45 30.42 -14.65
N LEU C 256 14.10 30.46 -13.45
CA LEU C 256 13.51 30.01 -12.18
C LEU C 256 13.70 31.01 -11.09
N ALA C 257 12.66 31.20 -10.28
CA ALA C 257 12.71 32.13 -9.16
C ALA C 257 12.60 31.39 -7.83
N SER C 258 13.28 31.94 -6.80
CA SER C 258 13.26 31.39 -5.45
C SER C 258 11.88 31.67 -4.84
N ASP C 259 11.56 31.06 -3.69
CA ASP C 259 10.22 31.25 -3.10
C ASP C 259 10.08 32.64 -2.49
N GLY C 260 8.84 33.12 -2.44
CA GLY C 260 8.55 34.44 -1.89
C GLY C 260 7.76 35.37 -2.79
N ALA C 261 7.23 36.42 -2.18
CA ALA C 261 6.48 37.44 -2.87
C ALA C 261 7.43 38.41 -3.59
N PRO C 262 7.26 38.61 -4.92
CA PRO C 262 8.15 39.55 -5.62
C PRO C 262 7.83 41.02 -5.25
N ARG C 263 8.91 41.83 -5.18
CA ARG C 263 8.97 43.27 -4.91
C ARG C 263 7.89 44.04 -5.72
N GLN C 264 7.71 43.64 -6.99
CA GLN C 264 6.78 44.15 -7.99
C GLN C 264 6.27 42.99 -8.82
N GLY C 265 5.13 43.18 -9.46
CA GLY C 265 4.54 42.16 -10.33
C GLY C 265 3.98 41.01 -9.54
N ARG C 266 3.66 39.91 -10.24
CA ARG C 266 3.09 38.71 -9.62
C ARG C 266 3.32 37.46 -10.45
N PHE C 267 3.37 36.30 -9.77
CA PHE C 267 3.51 34.99 -10.40
C PHE C 267 2.12 34.41 -10.64
N LEU C 268 1.71 34.25 -11.91
CA LEU C 268 0.36 33.77 -12.21
C LEU C 268 0.35 32.37 -12.76
N ARG C 269 -0.57 31.55 -12.22
CA ARG C 269 -0.83 30.17 -12.61
C ARG C 269 -1.63 30.20 -13.95
N PRO C 270 -1.49 29.20 -14.84
CA PRO C 270 -2.22 29.24 -16.13
C PRO C 270 -3.72 29.53 -15.99
N ALA C 271 -4.34 28.99 -14.93
CA ALA C 271 -5.74 29.20 -14.61
C ALA C 271 -6.10 30.71 -14.53
N GLU C 272 -5.21 31.54 -13.92
CA GLU C 272 -5.40 32.99 -13.75
C GLU C 272 -5.22 33.75 -15.09
N LEU C 273 -4.36 33.22 -15.98
CA LEU C 273 -3.99 33.81 -17.26
C LEU C 273 -5.07 33.68 -18.35
N ALA C 274 -6.06 32.79 -18.12
CA ALA C 274 -7.20 32.47 -18.99
C ALA C 274 -7.74 33.71 -19.76
N ALA C 275 -8.25 34.71 -19.02
CA ALA C 275 -8.78 35.90 -19.68
C ALA C 275 -7.96 37.11 -19.26
N ALA C 276 -6.67 37.09 -19.66
CA ALA C 276 -5.73 38.16 -19.37
C ALA C 276 -5.36 38.93 -20.62
N LYS C 277 -5.17 40.26 -20.48
CA LYS C 277 -4.76 41.16 -21.56
C LYS C 277 -3.23 41.22 -21.61
N PHE C 278 -2.63 41.08 -22.80
CA PHE C 278 -1.18 41.12 -22.87
C PHE C 278 -0.63 42.30 -23.66
N SER C 279 0.55 42.77 -23.21
CA SER C 279 1.39 43.87 -23.72
C SER C 279 1.55 43.83 -25.24
N SER C 280 1.78 42.62 -25.82
CA SER C 280 1.97 42.42 -27.26
C SER C 280 1.47 41.04 -27.68
N SER C 281 1.24 40.83 -28.99
CA SER C 281 0.80 39.52 -29.49
C SER C 281 1.88 38.46 -29.18
N ALA C 282 3.17 38.85 -29.31
CA ALA C 282 4.33 38.00 -29.02
C ALA C 282 4.29 37.48 -27.59
N THR C 283 4.00 38.40 -26.62
CA THR C 283 3.90 38.09 -25.19
C THR C 283 2.84 37.01 -25.00
N ALA C 284 1.66 37.21 -25.62
CA ALA C 284 0.55 36.28 -25.58
C ALA C 284 0.93 34.93 -26.17
N ASP C 285 1.65 34.93 -27.30
CA ASP C 285 2.11 33.69 -27.96
C ASP C 285 3.00 32.86 -27.04
N ILE C 286 3.89 33.54 -26.29
CA ILE C 286 4.80 32.92 -25.32
C ILE C 286 4.00 32.33 -24.15
N ILE C 287 3.03 33.09 -23.62
CA ILE C 287 2.17 32.65 -22.50
C ILE C 287 1.35 31.45 -22.95
N ASN C 288 0.76 31.51 -24.18
CA ASN C 288 0.00 30.40 -24.77
C ASN C 288 0.86 29.12 -24.74
N ARG C 289 2.14 29.26 -25.16
CA ARG C 289 3.13 28.19 -25.17
C ARG C 289 3.40 27.70 -23.76
N PHE C 290 3.55 28.63 -22.79
CA PHE C 290 3.82 28.28 -21.40
C PHE C 290 2.68 27.43 -20.83
N VAL C 291 1.41 27.86 -21.03
CA VAL C 291 0.22 27.17 -20.50
C VAL C 291 0.05 25.78 -21.16
N LEU C 292 0.39 25.64 -22.43
CA LEU C 292 0.31 24.37 -23.15
C LEU C 292 1.42 23.39 -22.65
N GLU C 293 2.64 23.90 -22.42
CA GLU C 293 3.80 23.09 -21.97
C GLU C 293 3.69 22.81 -20.46
N SER C 294 2.62 23.39 -19.83
CA SER C 294 2.18 23.26 -18.43
C SER C 294 1.12 22.17 -18.31
N SER C 295 0.29 22.00 -19.37
CA SER C 295 -0.75 20.98 -19.49
C SER C 295 -0.14 19.63 -20.01
N ILE C 296 1.19 19.60 -20.27
CA ILE C 296 1.92 18.42 -20.74
C ILE C 296 3.19 18.15 -19.87
N GLY C 297 3.73 16.94 -20.05
CA GLY C 297 4.88 16.39 -19.35
C GLY C 297 4.53 15.08 -18.67
N ASN C 298 5.56 14.31 -18.22
CA ASN C 298 5.35 13.02 -17.53
C ASN C 298 4.68 13.24 -16.17
N PHE C 299 3.90 12.24 -15.70
CA PHE C 299 3.15 12.21 -14.41
C PHE C 299 1.99 13.28 -14.40
N GLY C 300 1.05 13.16 -13.45
CA GLY C 300 -0.11 14.06 -13.34
C GLY C 300 -0.09 14.99 -12.15
N VAL D 15 25.23 -8.82 -36.46
CA VAL D 15 24.09 -8.23 -37.16
C VAL D 15 24.20 -6.69 -37.14
N PHE D 16 24.39 -6.05 -35.95
CA PHE D 16 24.52 -4.57 -35.86
C PHE D 16 25.94 -4.12 -35.55
N ASP D 17 26.37 -2.98 -36.14
CA ASP D 17 27.70 -2.43 -35.85
C ASP D 17 27.65 -1.77 -34.47
N PRO D 18 28.48 -2.23 -33.50
CA PRO D 18 28.48 -1.62 -32.16
C PRO D 18 28.63 -0.09 -32.16
N ARG D 19 29.49 0.46 -33.05
CA ARG D 19 29.67 1.91 -33.18
C ARG D 19 28.37 2.57 -33.63
N ALA D 20 27.79 2.08 -34.75
CA ALA D 20 26.53 2.58 -35.33
C ALA D 20 25.41 2.62 -34.28
N LEU D 21 25.24 1.50 -33.53
CA LEU D 21 24.23 1.41 -32.49
C LEU D 21 24.53 2.36 -31.36
N ARG D 22 25.78 2.39 -30.85
CA ARG D 22 26.14 3.30 -29.77
C ARG D 22 25.86 4.76 -30.16
N ASP D 23 26.23 5.13 -31.41
CA ASP D 23 26.04 6.47 -31.99
C ASP D 23 24.53 6.79 -32.12
N ALA D 24 23.70 5.79 -32.45
CA ALA D 24 22.25 5.94 -32.60
C ALA D 24 21.62 6.21 -31.25
N PHE D 25 22.07 5.50 -30.18
CA PHE D 25 21.57 5.73 -28.82
C PHE D 25 21.89 7.16 -28.37
N GLY D 26 23.06 7.65 -28.80
CA GLY D 26 23.57 8.99 -28.51
C GLY D 26 22.72 10.13 -29.02
N ALA D 27 21.82 9.87 -29.99
CA ALA D 27 20.91 10.86 -30.58
C ALA D 27 19.94 11.40 -29.51
N PHE D 28 19.61 10.57 -28.50
CA PHE D 28 18.78 10.96 -27.38
C PHE D 28 19.67 11.66 -26.34
N ALA D 29 19.47 12.98 -26.22
CA ALA D 29 20.19 13.81 -25.28
C ALA D 29 19.85 13.40 -23.84
N THR D 30 20.78 13.62 -22.91
CA THR D 30 20.57 13.31 -21.49
C THR D 30 21.32 14.32 -20.61
N GLY D 31 21.04 14.22 -19.32
CA GLY D 31 21.77 14.92 -18.28
C GLY D 31 22.91 13.98 -17.90
N VAL D 32 23.61 14.29 -16.79
CA VAL D 32 24.73 13.46 -16.33
C VAL D 32 24.62 13.28 -14.82
N THR D 33 24.61 12.01 -14.38
CA THR D 33 24.51 11.70 -12.97
C THR D 33 25.78 10.97 -12.48
N VAL D 34 25.98 10.97 -11.16
CA VAL D 34 27.05 10.20 -10.59
C VAL D 34 26.35 9.30 -9.57
N VAL D 35 26.36 7.99 -9.84
CA VAL D 35 25.75 7.01 -8.96
C VAL D 35 26.75 6.78 -7.85
N THR D 36 26.31 6.93 -6.59
CA THR D 36 27.19 6.78 -5.45
C THR D 36 26.61 5.81 -4.44
N ALA D 37 27.50 5.18 -3.65
CA ALA D 37 27.20 4.23 -2.58
C ALA D 37 28.45 4.01 -1.73
N SER D 38 28.33 3.14 -0.69
CA SER D 38 29.44 2.77 0.19
C SER D 38 29.65 1.25 0.10
N ASP D 39 30.89 0.78 -0.15
CA ASP D 39 31.18 -0.66 -0.29
C ASP D 39 31.04 -1.41 1.07
N ALA D 40 31.38 -2.71 1.07
CA ALA D 40 31.31 -3.57 2.26
C ALA D 40 32.08 -2.93 3.42
N ALA D 41 33.27 -2.38 3.10
CA ALA D 41 34.19 -1.72 4.03
C ALA D 41 33.72 -0.32 4.46
N GLY D 42 32.66 0.17 3.84
CA GLY D 42 32.11 1.48 4.15
C GLY D 42 32.76 2.61 3.37
N LYS D 43 33.72 2.28 2.48
CA LYS D 43 34.44 3.23 1.63
C LYS D 43 33.53 3.73 0.52
N PRO D 44 33.47 5.05 0.26
CA PRO D 44 32.62 5.55 -0.81
C PRO D 44 33.08 5.09 -2.20
N ILE D 45 32.11 4.59 -2.97
CA ILE D 45 32.28 4.16 -4.37
C ILE D 45 31.31 4.92 -5.26
N GLY D 46 31.67 5.09 -6.52
CA GLY D 46 30.83 5.81 -7.47
C GLY D 46 31.21 5.63 -8.93
N PHE D 47 30.41 6.28 -9.81
CA PHE D 47 30.58 6.26 -11.28
C PHE D 47 29.59 7.18 -12.01
N THR D 48 30.04 7.76 -13.14
CA THR D 48 29.23 8.57 -14.02
C THR D 48 28.18 7.69 -14.71
N ALA D 49 26.95 8.19 -14.87
CA ALA D 49 25.89 7.43 -15.52
C ALA D 49 24.88 8.35 -16.16
N ASN D 50 24.57 8.10 -17.44
CA ASN D 50 23.62 8.94 -18.15
C ASN D 50 22.39 8.12 -18.58
N SER D 51 22.47 6.79 -18.41
CA SER D 51 21.38 5.88 -18.73
C SER D 51 20.53 5.73 -17.48
N PHE D 52 19.93 6.86 -17.09
CA PHE D 52 19.08 7.10 -15.92
C PHE D 52 17.68 7.50 -16.37
N THR D 53 16.65 7.12 -15.59
CA THR D 53 15.26 7.44 -15.88
C THR D 53 14.45 7.58 -14.61
N SER D 54 13.55 8.57 -14.61
CA SER D 54 12.55 8.79 -13.57
C SER D 54 11.39 7.83 -13.92
N VAL D 55 11.12 6.84 -13.03
CA VAL D 55 10.14 5.79 -13.31
C VAL D 55 8.72 6.09 -12.79
N SER D 56 8.54 6.20 -11.47
CA SER D 56 7.22 6.38 -10.85
C SER D 56 7.23 7.50 -9.82
N LEU D 57 6.08 8.17 -9.65
CA LEU D 57 5.95 9.26 -8.68
C LEU D 57 5.37 8.73 -7.34
N ASP D 58 4.39 7.82 -7.42
CA ASP D 58 3.75 7.19 -6.27
C ASP D 58 3.65 5.65 -6.49
N PRO D 59 4.60 4.85 -5.96
CA PRO D 59 5.75 5.21 -5.11
C PRO D 59 6.89 5.91 -5.86
N PRO D 60 7.78 6.68 -5.16
CA PRO D 60 8.89 7.37 -5.87
C PRO D 60 9.91 6.38 -6.41
N LEU D 61 9.88 6.13 -7.73
CA LEU D 61 10.78 5.17 -8.35
C LEU D 61 11.66 5.79 -9.42
N LEU D 62 12.87 5.27 -9.44
CA LEU D 62 14.01 5.74 -10.23
C LEU D 62 14.78 4.52 -10.78
N LEU D 63 15.50 4.73 -11.87
CA LEU D 63 16.22 3.69 -12.62
C LEU D 63 17.61 4.18 -13.06
N VAL D 64 18.57 3.24 -13.17
CA VAL D 64 19.91 3.53 -13.68
C VAL D 64 20.51 2.21 -14.19
N CYS D 65 21.30 2.26 -15.27
CA CYS D 65 21.91 1.03 -15.81
C CYS D 65 23.38 0.96 -15.48
N LEU D 66 23.84 -0.22 -15.04
CA LEU D 66 25.25 -0.46 -14.71
C LEU D 66 25.80 -1.60 -15.53
N ALA D 67 26.94 -1.36 -16.21
CA ALA D 67 27.63 -2.34 -17.04
C ALA D 67 28.14 -3.51 -16.21
N LYS D 68 27.99 -4.73 -16.74
CA LYS D 68 28.48 -5.93 -16.05
C LYS D 68 30.02 -5.89 -16.01
N SER D 69 30.63 -5.15 -16.97
CA SER D 69 32.06 -4.92 -17.11
C SER D 69 32.65 -4.00 -15.99
N SER D 70 31.80 -3.29 -15.22
CA SER D 70 32.24 -2.37 -14.17
C SER D 70 33.08 -3.03 -13.09
N ARG D 71 34.09 -2.29 -12.59
CA ARG D 71 34.97 -2.71 -11.50
C ARG D 71 34.17 -2.77 -10.20
N ASN D 72 33.31 -1.78 -10.00
CA ASN D 72 32.43 -1.61 -8.84
C ASN D 72 31.18 -2.50 -8.91
N TYR D 73 30.95 -3.24 -10.03
CA TYR D 73 29.75 -4.08 -10.26
C TYR D 73 29.38 -4.93 -9.03
N GLU D 74 30.33 -5.68 -8.45
CA GLU D 74 30.06 -6.51 -7.29
C GLU D 74 29.67 -5.68 -6.08
N SER D 75 30.48 -4.64 -5.73
CA SER D 75 30.23 -3.74 -4.61
C SER D 75 28.85 -3.07 -4.71
N THR D 77 25.96 -3.88 -6.81
CA THR D 77 24.84 -4.82 -6.75
C THR D 77 24.64 -5.35 -5.32
N SER D 78 25.75 -5.54 -4.58
CA SER D 78 25.72 -6.00 -3.19
C SER D 78 25.21 -4.90 -2.21
N ALA D 79 25.35 -3.59 -2.57
CA ALA D 79 24.89 -2.48 -1.74
C ALA D 79 23.37 -2.48 -1.64
N GLY D 80 22.85 -1.96 -0.53
CA GLY D 80 21.41 -1.90 -0.31
C GLY D 80 20.83 -0.55 -0.63
N ARG D 81 21.64 0.50 -0.37
CA ARG D 81 21.26 1.89 -0.59
C ARG D 81 22.26 2.56 -1.51
N PHE D 82 21.76 3.47 -2.35
CA PHE D 82 22.57 4.24 -3.29
C PHE D 82 21.97 5.65 -3.50
N ALA D 83 22.73 6.54 -4.16
CA ALA D 83 22.30 7.93 -4.43
C ALA D 83 22.61 8.33 -5.87
N ILE D 84 21.76 9.22 -6.44
CA ILE D 84 21.92 9.73 -7.81
C ILE D 84 22.30 11.22 -7.71
N ASN D 85 23.41 11.62 -8.34
CA ASN D 85 23.84 13.01 -8.28
C ASN D 85 23.67 13.64 -9.66
N VAL D 86 22.57 14.38 -9.89
CA VAL D 86 22.34 15.02 -11.19
C VAL D 86 23.29 16.25 -11.23
N LEU D 87 24.37 16.14 -12.04
CA LEU D 87 25.40 17.15 -12.07
C LEU D 87 24.94 18.40 -12.77
N SER D 88 25.50 19.54 -12.30
CA SER D 88 25.25 20.88 -12.82
C SER D 88 26.31 21.28 -13.89
N GLU D 89 26.01 22.30 -14.72
CA GLU D 89 26.85 22.85 -15.78
C GLU D 89 28.34 22.92 -15.47
N THR D 90 28.69 23.26 -14.23
CA THR D 90 30.06 23.47 -13.77
C THR D 90 30.80 22.19 -13.42
N GLN D 91 30.11 21.05 -13.37
CA GLN D 91 30.73 19.80 -12.95
C GLN D 91 31.06 18.80 -14.09
N LYS D 92 31.65 19.29 -15.18
CA LYS D 92 32.11 18.45 -16.29
C LYS D 92 33.23 17.51 -15.75
N ASP D 93 34.12 18.09 -14.91
CA ASP D 93 35.26 17.51 -14.17
C ASP D 93 34.85 16.29 -13.41
N VAL D 94 33.75 16.41 -12.62
CA VAL D 94 33.15 15.34 -11.81
C VAL D 94 32.74 14.17 -12.73
N SER D 95 32.07 14.52 -13.88
CA SER D 95 31.65 13.58 -14.93
C SER D 95 32.92 12.88 -15.43
N ASN D 96 33.95 13.67 -15.84
CA ASN D 96 35.21 13.14 -16.32
C ASN D 96 35.89 12.22 -15.26
N THR D 97 36.17 12.73 -14.04
CA THR D 97 36.73 11.94 -12.90
C THR D 97 35.97 10.61 -12.64
N PHE D 98 34.61 10.60 -12.57
CA PHE D 98 33.82 9.40 -12.26
C PHE D 98 33.55 8.47 -13.46
N ALA D 99 34.26 8.68 -14.58
CA ALA D 99 34.13 7.89 -15.80
C ALA D 99 35.49 7.34 -16.24
N ARG D 100 36.58 7.87 -15.65
CA ARG D 100 37.94 7.47 -15.95
C ARG D 100 38.60 6.79 -14.73
N PRO D 101 39.62 5.94 -14.97
CA PRO D 101 40.20 5.19 -13.86
C PRO D 101 41.17 6.04 -13.10
N VAL D 102 40.71 6.58 -11.96
CA VAL D 102 41.56 7.40 -11.11
C VAL D 102 41.57 6.78 -9.72
N GLU D 103 42.68 6.94 -8.99
CA GLU D 103 42.89 6.33 -7.66
C GLU D 103 41.82 6.78 -6.63
N ASP D 104 41.62 8.09 -6.46
CA ASP D 104 40.62 8.60 -5.54
C ASP D 104 39.72 9.51 -6.32
N ARG D 105 38.60 8.95 -6.78
CA ARG D 105 37.60 9.70 -7.52
C ARG D 105 36.96 10.76 -6.62
N PHE D 106 36.64 10.40 -5.35
CA PHE D 106 35.98 11.26 -4.36
C PHE D 106 36.83 12.45 -3.91
N ALA D 107 38.13 12.49 -4.26
CA ALA D 107 38.99 13.63 -3.96
C ALA D 107 38.66 14.84 -4.88
N ALA D 108 38.00 14.58 -6.04
CA ALA D 108 37.63 15.59 -7.03
C ALA D 108 36.28 16.28 -6.74
N VAL D 109 35.59 15.92 -5.62
CA VAL D 109 34.28 16.53 -5.31
C VAL D 109 34.15 16.87 -3.86
N ASP D 110 33.49 18.01 -3.57
CA ASP D 110 33.08 18.36 -2.22
C ASP D 110 31.80 17.58 -2.00
N TRP D 111 31.84 16.62 -1.09
CA TRP D 111 30.71 15.75 -0.84
C TRP D 111 30.49 15.47 0.66
N ARG D 112 29.38 14.81 1.01
CA ARG D 112 28.98 14.52 2.39
C ARG D 112 28.12 13.27 2.42
N LEU D 113 27.88 12.72 3.61
CA LEU D 113 27.02 11.55 3.68
C LEU D 113 25.59 11.96 4.00
N GLY D 114 24.65 11.37 3.28
CA GLY D 114 23.22 11.60 3.47
C GLY D 114 22.68 10.84 4.68
N ARG D 115 21.39 11.07 5.03
CA ARG D 115 20.71 10.44 6.15
C ARG D 115 20.88 8.92 6.13
N ASP D 116 20.99 8.29 4.92
CA ASP D 116 21.14 6.82 4.81
C ASP D 116 22.54 6.42 4.29
N GLY D 117 23.52 7.25 4.67
CA GLY D 117 24.94 7.05 4.43
C GLY D 117 25.38 6.95 3.00
N CYS D 118 24.82 7.78 2.14
CA CYS D 118 25.20 7.81 0.73
C CYS D 118 25.95 9.11 0.41
N PRO D 119 26.98 9.03 -0.46
CA PRO D 119 27.73 10.25 -0.83
C PRO D 119 26.89 11.22 -1.68
N ILE D 120 26.63 12.41 -1.09
CA ILE D 120 25.85 13.49 -1.69
C ILE D 120 26.78 14.64 -2.09
N PHE D 121 26.85 14.94 -3.40
CA PHE D 121 27.74 15.98 -3.88
C PHE D 121 27.12 17.34 -3.73
N SER D 122 27.95 18.35 -3.50
CA SER D 122 27.45 19.69 -3.38
C SER D 122 27.45 20.32 -4.76
N ASP D 123 26.66 21.36 -4.94
CA ASP D 123 26.54 22.12 -6.19
C ASP D 123 25.91 21.27 -7.34
N VAL D 124 25.17 20.18 -6.98
CA VAL D 124 24.47 19.38 -7.97
C VAL D 124 23.17 20.11 -8.35
N ALA D 125 22.64 19.76 -9.55
CA ALA D 125 21.35 20.26 -10.06
C ALA D 125 20.19 19.70 -9.21
N ALA D 126 20.35 18.43 -8.76
CA ALA D 126 19.45 17.65 -7.91
C ALA D 126 20.17 16.38 -7.48
N TRP D 127 19.73 15.80 -6.35
CA TRP D 127 20.24 14.53 -5.82
C TRP D 127 19.09 13.74 -5.22
N PHE D 128 19.23 12.39 -5.24
CA PHE D 128 18.24 11.45 -4.76
C PHE D 128 18.86 10.32 -3.96
N GLU D 129 18.49 10.18 -2.67
CA GLU D 129 18.89 9.06 -1.83
C GLU D 129 17.90 7.93 -2.09
N CYS D 130 18.41 6.76 -2.51
CA CYS D 130 17.55 5.62 -2.86
C CYS D 130 17.82 4.39 -1.98
N SER D 131 16.92 3.43 -2.10
CA SER D 131 16.98 2.13 -1.44
C SER D 131 16.67 1.12 -2.55
N GLN D 133 15.37 -1.57 -4.90
CA GLN D 133 14.13 -2.32 -4.97
C GLN D 133 14.36 -3.61 -5.73
N ASP D 134 15.05 -3.54 -6.88
CA ASP D 134 15.37 -4.72 -7.71
C ASP D 134 16.56 -4.44 -8.64
N ILE D 135 17.22 -5.53 -9.10
CA ILE D 135 18.31 -5.51 -10.08
C ILE D 135 17.87 -6.45 -11.20
N ILE D 136 17.63 -5.90 -12.39
CA ILE D 136 17.15 -6.67 -13.55
C ILE D 136 18.30 -6.90 -14.53
N GLU D 137 18.51 -8.17 -14.89
CA GLU D 137 19.53 -8.56 -15.85
C GLU D 137 19.07 -8.12 -17.25
N ALA D 138 19.90 -7.33 -17.95
CA ALA D 138 19.55 -6.85 -19.29
C ALA D 138 20.79 -6.67 -20.16
N GLY D 139 21.21 -7.78 -20.77
CA GLY D 139 22.35 -7.83 -21.66
C GLY D 139 23.68 -7.64 -20.98
N ASP D 140 24.50 -6.74 -21.52
CA ASP D 140 25.84 -6.42 -20.99
C ASP D 140 25.78 -5.48 -19.76
N HIS D 141 24.55 -5.12 -19.36
CA HIS D 141 24.23 -4.24 -18.24
C HIS D 141 23.18 -4.87 -17.32
N VAL D 142 22.94 -4.19 -16.17
CA VAL D 142 21.91 -4.54 -15.20
C VAL D 142 21.12 -3.27 -14.95
N ILE D 143 19.80 -3.40 -14.80
CA ILE D 143 18.92 -2.27 -14.52
C ILE D 143 18.74 -2.19 -13.00
N ILE D 144 19.23 -1.11 -12.38
CA ILE D 144 19.09 -0.92 -10.94
C ILE D 144 17.89 -0.02 -10.67
N ILE D 145 16.92 -0.51 -9.89
CA ILE D 145 15.72 0.23 -9.53
C ILE D 145 15.82 0.65 -8.06
N GLY D 146 15.68 1.95 -7.80
CA GLY D 146 15.73 2.49 -6.45
C GLY D 146 14.51 3.29 -6.09
N ARG D 147 14.14 3.25 -4.79
CA ARG D 147 13.01 3.99 -4.20
C ARG D 147 13.56 5.22 -3.52
N VAL D 148 13.13 6.44 -3.96
CA VAL D 148 13.61 7.70 -3.40
C VAL D 148 13.19 7.80 -1.94
N THR D 149 14.20 7.88 -1.06
CA THR D 149 14.04 8.02 0.39
C THR D 149 14.15 9.50 0.75
N ALA D 150 14.99 10.25 0.02
CA ALA D 150 15.25 11.67 0.23
C ALA D 150 15.70 12.31 -1.08
N PHE D 151 15.46 13.62 -1.26
CA PHE D 151 15.89 14.33 -2.47
C PHE D 151 16.03 15.84 -2.25
N GLU D 152 16.66 16.51 -3.20
CA GLU D 152 16.83 17.96 -3.16
C GLU D 152 17.02 18.47 -4.57
N ASN D 153 16.48 19.65 -4.86
CA ASN D 153 16.56 20.20 -6.21
C ASN D 153 16.88 21.69 -6.14
N SER D 154 18.14 22.03 -6.50
CA SER D 154 18.58 23.42 -6.63
C SER D 154 18.10 23.90 -7.98
N GLY D 155 17.88 25.17 -8.15
CA GLY D 155 17.44 25.58 -9.50
C GLY D 155 18.51 25.44 -10.57
N LEU D 156 19.75 25.09 -10.14
CA LEU D 156 20.94 24.97 -10.95
C LEU D 156 20.69 24.11 -12.16
N ASN D 157 21.24 24.55 -13.31
CA ASN D 157 21.16 23.93 -14.62
C ASN D 157 21.95 22.65 -14.68
N GLY D 158 21.35 21.65 -15.31
CA GLY D 158 22.03 20.38 -15.47
C GLY D 158 23.16 20.38 -16.48
N LEU D 159 24.20 19.55 -16.21
CA LEU D 159 25.27 19.32 -17.17
C LEU D 159 24.68 18.34 -18.20
N GLY D 160 24.68 18.74 -19.45
CA GLY D 160 24.11 17.93 -20.52
C GLY D 160 25.11 17.11 -21.29
N TYR D 161 24.61 16.07 -22.00
CA TYR D 161 25.42 15.18 -22.82
C TYR D 161 24.55 14.62 -23.92
N ALA D 162 24.85 15.05 -25.14
CA ALA D 162 24.15 14.64 -26.34
C ALA D 162 25.16 14.36 -27.39
N ARG D 163 24.93 13.26 -28.10
CA ARG D 163 25.79 12.72 -29.15
C ARG D 163 27.18 12.56 -28.56
N GLY D 164 28.19 13.05 -29.23
CA GLY D 164 29.54 12.87 -28.73
C GLY D 164 29.76 13.32 -27.29
N GLY D 165 29.54 14.63 -27.03
CA GLY D 165 29.88 15.31 -25.79
C GLY D 165 28.87 16.16 -25.06
N TYR D 166 29.42 16.94 -24.13
CA TYR D 166 28.72 17.77 -23.20
C TYR D 166 28.22 19.05 -23.80
N PHE D 167 27.05 19.50 -23.28
CA PHE D 167 26.45 20.80 -23.59
C PHE D 167 25.96 21.43 -22.26
N THR D 168 26.08 22.75 -22.11
CA THR D 168 25.60 23.48 -20.93
C THR D 168 24.87 24.74 -21.45
N PRO D 169 23.72 25.15 -20.86
CA PRO D 169 23.01 26.36 -21.36
C PRO D 169 23.84 27.64 -21.33
N ARG D 170 24.85 27.63 -20.43
CA ARG D 170 25.89 28.61 -20.13
C ARG D 170 26.52 29.16 -21.39
N LEU D 171 26.95 28.26 -22.28
CA LEU D 171 27.68 28.55 -23.52
C LEU D 171 26.95 29.44 -24.48
N ALA D 172 25.61 29.32 -24.61
CA ALA D 172 24.81 30.20 -25.47
C ALA D 172 25.05 31.66 -25.10
N GLY D 173 24.94 31.97 -23.80
CA GLY D 173 25.18 33.31 -23.27
C GLY D 173 26.60 33.78 -23.55
N LYS D 174 27.60 32.91 -23.28
CA LYS D 174 29.03 33.11 -23.48
C LYS D 174 29.34 33.50 -24.94
N ALA D 175 28.69 32.78 -25.90
CA ALA D 175 28.78 32.97 -27.33
C ALA D 175 28.27 34.34 -27.74
N VAL D 176 27.08 34.70 -27.27
CA VAL D 176 26.41 35.98 -27.57
C VAL D 176 27.31 37.15 -27.07
N SER D 177 27.84 37.08 -25.83
CA SER D 177 28.71 38.13 -25.30
C SER D 177 29.91 38.39 -26.23
N ALA D 178 30.56 37.28 -26.65
CA ALA D 178 31.72 37.24 -27.54
C ALA D 178 31.41 37.83 -28.92
N ALA D 179 30.29 37.40 -29.51
CA ALA D 179 29.85 37.81 -30.83
C ALA D 179 29.68 39.33 -30.97
N VAL D 180 29.24 39.99 -29.89
CA VAL D 180 29.02 41.43 -29.85
C VAL D 180 30.37 42.19 -29.70
N GLU D 181 31.37 41.56 -29.02
CA GLU D 181 32.71 42.11 -28.80
C GLU D 181 33.47 42.37 -30.13
N GLY D 182 33.17 41.60 -31.16
CA GLY D 182 33.78 41.75 -32.47
C GLY D 182 33.76 40.44 -33.23
N GLU D 183 34.72 40.29 -34.17
CA GLU D 183 34.82 39.07 -34.98
C GLU D 183 35.07 37.82 -34.09
N ILE D 184 34.50 36.69 -34.52
CA ILE D 184 34.64 35.41 -33.85
C ILE D 184 35.26 34.38 -34.81
N ARG D 185 36.16 33.54 -34.28
CA ARG D 185 36.68 32.44 -35.05
C ARG D 185 35.72 31.28 -34.81
N LEU D 186 35.04 30.82 -35.87
CA LEU D 186 34.11 29.71 -35.75
C LEU D 186 34.83 28.43 -36.05
N GLY D 187 35.02 27.62 -35.00
CA GLY D 187 35.68 26.33 -35.13
C GLY D 187 34.69 25.19 -34.95
N ALA D 188 35.13 23.97 -35.32
CA ALA D 188 34.28 22.81 -35.16
C ALA D 188 35.05 21.54 -34.86
N VAL D 189 34.47 20.71 -33.97
CA VAL D 189 34.94 19.37 -33.65
C VAL D 189 34.05 18.48 -34.52
N LEU D 190 34.44 18.35 -35.81
CA LEU D 190 33.68 17.65 -36.84
C LEU D 190 34.07 16.19 -36.86
N GLU D 191 33.11 15.31 -36.48
CA GLU D 191 33.34 13.87 -36.39
C GLU D 191 32.77 13.09 -37.58
N GLN D 192 33.56 12.11 -38.09
CA GLN D 192 33.08 11.21 -39.15
C GLN D 192 32.62 9.96 -38.46
N GLN D 193 33.53 9.05 -38.11
CA GLN D 193 33.05 7.94 -37.31
C GLN D 193 33.38 8.34 -35.91
N GLY D 194 34.58 8.04 -35.47
CA GLY D 194 35.05 8.48 -34.17
C GLY D 194 36.24 9.37 -34.44
N ALA D 195 36.34 9.80 -35.71
CA ALA D 195 37.44 10.57 -36.21
C ALA D 195 37.09 12.03 -36.25
N VAL D 196 38.01 12.89 -35.81
CA VAL D 196 37.86 14.35 -35.84
C VAL D 196 38.54 14.92 -37.10
N PHE D 197 37.91 15.90 -37.76
CA PHE D 197 38.47 16.49 -38.96
C PHE D 197 39.57 17.45 -38.59
N LEU D 198 40.73 17.33 -39.27
CA LEU D 198 41.87 18.22 -39.05
C LEU D 198 42.50 18.60 -40.37
N ALA D 199 42.83 19.91 -40.51
CA ALA D 199 43.44 20.48 -41.70
C ALA D 199 44.96 20.63 -41.53
N GLY D 200 45.71 20.29 -42.57
CA GLY D 200 47.16 20.38 -42.56
C GLY D 200 47.83 19.03 -42.56
N ASN D 201 49.18 19.01 -42.67
CA ASN D 201 49.97 17.77 -42.70
C ASN D 201 50.90 17.67 -41.48
N GLU D 202 51.86 18.61 -41.37
CA GLU D 202 52.77 18.61 -40.25
C GLU D 202 52.14 19.27 -39.04
N THR D 203 51.53 20.47 -39.23
CA THR D 203 50.92 21.17 -38.11
C THR D 203 49.41 21.25 -38.34
N LEU D 204 48.70 20.33 -37.69
CA LEU D 204 47.26 20.16 -37.77
C LEU D 204 46.49 21.27 -37.07
N SER D 205 45.41 21.74 -37.72
CA SER D 205 44.53 22.81 -37.25
C SER D 205 43.08 22.39 -37.38
N LEU D 206 42.21 22.83 -36.43
CA LEU D 206 40.79 22.54 -36.53
C LEU D 206 40.15 23.37 -37.65
N PRO D 207 39.13 22.88 -38.36
CA PRO D 207 38.53 23.69 -39.44
C PRO D 207 37.88 24.94 -38.86
N ASN D 208 38.17 26.11 -39.42
CA ASN D 208 37.61 27.34 -38.89
C ASN D 208 37.60 28.47 -39.90
N CYS D 209 36.76 29.47 -39.62
CA CYS D 209 36.65 30.69 -40.40
C CYS D 209 36.20 31.82 -39.46
N THR D 210 36.85 32.97 -39.57
CA THR D 210 36.59 34.14 -38.72
C THR D 210 35.64 35.08 -39.46
N VAL D 211 34.48 35.33 -38.87
CA VAL D 211 33.41 36.18 -39.39
C VAL D 211 32.88 37.13 -38.30
N GLU D 212 32.04 38.10 -38.68
CA GLU D 212 31.43 39.06 -37.76
C GLU D 212 30.01 39.29 -38.23
N GLY D 213 29.08 38.55 -37.65
CA GLY D 213 27.68 38.63 -38.03
C GLY D 213 27.19 37.41 -38.78
N GLY D 214 25.92 37.10 -38.57
CA GLY D 214 25.23 35.94 -39.12
C GLY D 214 25.05 34.85 -38.09
N ASP D 215 24.34 33.77 -38.48
CA ASP D 215 24.14 32.62 -37.61
C ASP D 215 25.42 31.81 -37.63
N PRO D 216 26.12 31.71 -36.48
CA PRO D 216 27.41 31.01 -36.48
C PRO D 216 27.28 29.57 -36.97
N ALA D 217 26.15 28.89 -36.63
CA ALA D 217 25.89 27.53 -37.08
C ALA D 217 25.70 27.47 -38.59
N ARG D 218 24.89 28.39 -39.17
CA ARG D 218 24.68 28.48 -40.63
C ARG D 218 26.01 28.69 -41.37
N THR D 219 26.80 29.66 -40.89
CA THR D 219 28.09 30.06 -41.44
C THR D 219 29.05 28.87 -41.47
N LEU D 220 29.13 28.19 -40.32
CA LEU D 220 30.02 27.07 -40.11
C LEU D 220 29.61 25.89 -40.95
N ALA D 221 28.28 25.62 -41.07
CA ALA D 221 27.79 24.51 -41.88
C ALA D 221 28.19 24.72 -43.34
N ALA D 222 27.97 25.94 -43.85
CA ALA D 222 28.32 26.33 -45.23
C ALA D 222 29.80 26.14 -45.48
N TYR D 223 30.65 26.68 -44.55
CA TYR D 223 32.10 26.61 -44.63
C TYR D 223 32.56 25.14 -44.68
N LEU D 224 32.15 24.35 -43.67
CA LEU D 224 32.54 22.95 -43.58
C LEU D 224 32.13 22.14 -44.81
N GLU D 225 30.88 22.29 -45.28
CA GLU D 225 30.34 21.55 -46.42
C GLU D 225 31.16 21.82 -47.65
N GLN D 226 31.49 23.12 -47.89
CA GLN D 226 32.34 23.62 -49.01
C GLN D 226 33.76 22.99 -48.91
N LEU D 227 34.38 23.04 -47.72
CA LEU D 227 35.74 22.64 -47.42
C LEU D 227 35.95 21.19 -47.68
N THR D 228 35.07 20.35 -47.10
CA THR D 228 35.14 18.89 -47.10
C THR D 228 34.46 18.24 -48.30
N GLY D 229 33.41 18.88 -48.81
CA GLY D 229 32.63 18.31 -49.91
C GLY D 229 31.67 17.25 -49.39
N LEU D 230 31.45 17.25 -48.07
CA LEU D 230 30.62 16.34 -47.32
C LEU D 230 29.42 17.08 -46.77
N ASN D 231 28.43 16.34 -46.27
CA ASN D 231 27.22 16.93 -45.67
C ASN D 231 27.47 17.09 -44.19
N VAL D 232 27.13 18.26 -43.64
CA VAL D 232 27.43 18.54 -42.25
C VAL D 232 26.16 18.91 -41.47
N THR D 233 26.13 18.54 -40.16
CA THR D 233 25.11 18.91 -39.21
C THR D 233 25.83 19.56 -38.05
N ILE D 234 25.56 20.86 -37.80
CA ILE D 234 26.14 21.54 -36.65
C ILE D 234 25.26 21.20 -35.45
N GLY D 235 25.87 20.86 -34.32
CA GLY D 235 25.13 20.50 -33.13
C GLY D 235 25.22 21.52 -32.03
N PHE D 236 25.50 21.04 -30.80
CA PHE D 236 25.61 21.86 -29.60
C PHE D 236 26.96 22.56 -29.53
N LEU D 237 27.00 23.71 -28.87
CA LEU D 237 28.23 24.46 -28.63
C LEU D 237 29.19 23.59 -27.83
N TYR D 238 30.43 23.52 -28.28
CA TYR D 238 31.43 22.69 -27.62
C TYR D 238 32.20 23.51 -26.60
N SER D 239 32.63 24.72 -27.00
CA SER D 239 33.45 25.59 -26.20
C SER D 239 33.40 27.04 -26.69
N VAL D 240 33.41 28.00 -25.77
CA VAL D 240 33.48 29.43 -26.11
C VAL D 240 34.60 30.00 -25.27
N TYR D 241 35.62 30.60 -25.91
CA TYR D 241 36.78 31.11 -25.21
C TYR D 241 37.46 32.27 -25.95
N GLU D 242 38.37 32.99 -25.28
CA GLU D 242 39.17 34.05 -25.91
C GLU D 242 40.60 33.52 -26.02
N ASP D 243 41.15 33.44 -27.25
CA ASP D 243 42.46 32.85 -27.50
C ASP D 243 43.58 33.74 -26.89
N LYS D 244 44.16 33.28 -25.75
CA LYS D 244 45.18 33.99 -24.95
C LYS D 244 46.35 34.53 -25.78
N SER D 245 46.71 33.85 -26.88
CA SER D 245 47.83 34.24 -27.76
C SER D 245 47.40 35.27 -28.84
N ASP D 246 46.25 35.00 -29.45
CA ASP D 246 45.52 35.68 -30.51
C ASP D 246 44.83 36.96 -30.08
N GLY D 247 44.09 36.85 -28.98
CA GLY D 247 43.21 37.87 -28.43
C GLY D 247 41.81 37.68 -29.01
N ARG D 248 41.69 36.77 -30.01
CA ARG D 248 40.47 36.47 -30.74
C ARG D 248 39.45 35.62 -29.99
N GLN D 249 38.18 36.07 -30.05
CA GLN D 249 37.04 35.34 -29.53
C GLN D 249 36.84 34.09 -30.35
N ASN D 250 36.60 32.98 -29.71
CA ASN D 250 36.46 31.69 -30.38
C ASN D 250 35.16 30.97 -29.99
N ILE D 251 34.31 30.62 -30.99
CA ILE D 251 33.07 29.85 -30.80
C ILE D 251 33.28 28.50 -31.50
N VAL D 252 33.39 27.42 -30.71
CA VAL D 252 33.63 26.05 -31.22
C VAL D 252 32.34 25.22 -31.04
N TYR D 253 31.87 24.64 -32.15
CA TYR D 253 30.67 23.83 -32.18
C TYR D 253 31.02 22.37 -32.30
N HIS D 254 30.14 21.50 -31.84
CA HIS D 254 30.30 20.10 -32.07
C HIS D 254 29.58 19.84 -33.39
N ALA D 255 30.17 19.08 -34.31
CA ALA D 255 29.51 18.83 -35.59
C ALA D 255 29.69 17.38 -36.11
N LEU D 256 28.94 17.01 -37.17
CA LEU D 256 28.95 15.68 -37.77
C LEU D 256 29.06 15.73 -39.25
N ALA D 257 29.91 14.85 -39.80
CA ALA D 257 30.10 14.78 -41.25
C ALA D 257 29.56 13.46 -41.81
N SER D 258 29.03 13.53 -43.05
CA SER D 258 28.51 12.36 -43.74
C SER D 258 29.69 11.47 -44.13
N ASP D 259 29.44 10.26 -44.62
CA ASP D 259 30.52 9.34 -44.95
C ASP D 259 31.22 9.75 -46.24
N GLY D 260 32.49 9.39 -46.36
CA GLY D 260 33.30 9.71 -47.53
C GLY D 260 34.58 10.46 -47.26
N ALA D 261 35.47 10.46 -48.25
CA ALA D 261 36.74 11.15 -48.16
C ALA D 261 36.57 12.65 -48.36
N PRO D 262 37.09 13.48 -47.42
CA PRO D 262 36.94 14.94 -47.60
C PRO D 262 37.86 15.46 -48.68
N ARG D 263 37.35 16.45 -49.44
CA ARG D 263 37.98 17.21 -50.54
C ARG D 263 39.43 17.63 -50.18
N GLN D 264 39.63 18.07 -48.93
CA GLN D 264 40.87 18.50 -48.30
C GLN D 264 40.88 18.04 -46.85
N GLY D 265 42.05 17.97 -46.24
CA GLY D 265 42.21 17.57 -44.85
C GLY D 265 41.97 16.09 -44.68
N ARG D 266 41.81 15.66 -43.41
CA ARG D 266 41.57 14.24 -43.08
C ARG D 266 40.92 14.08 -41.71
N PHE D 267 40.16 12.99 -41.54
CA PHE D 267 39.52 12.63 -40.29
C PHE D 267 40.44 11.70 -39.51
N LEU D 268 40.95 12.14 -38.36
CA LEU D 268 41.90 11.32 -37.60
C LEU D 268 41.31 10.78 -36.32
N ARG D 269 41.57 9.49 -36.08
CA ARG D 269 41.14 8.74 -34.90
C ARG D 269 42.06 9.13 -33.74
N PRO D 270 41.62 9.09 -32.45
CA PRO D 270 42.51 9.50 -31.34
C PRO D 270 43.89 8.85 -31.37
N ALA D 271 43.93 7.58 -31.78
CA ALA D 271 45.16 6.81 -31.92
C ALA D 271 46.21 7.53 -32.82
N GLU D 272 45.76 8.12 -33.94
CA GLU D 272 46.61 8.84 -34.90
C GLU D 272 47.09 10.21 -34.35
N LEU D 273 46.27 10.83 -33.48
CA LEU D 273 46.52 12.16 -32.91
C LEU D 273 47.57 12.18 -31.81
N ALA D 274 47.91 10.99 -31.26
CA ALA D 274 48.87 10.77 -30.18
C ALA D 274 50.14 11.65 -30.28
N ALA D 275 50.89 11.53 -31.38
CA ALA D 275 52.09 12.31 -31.57
C ALA D 275 51.90 13.31 -32.70
N ALA D 276 50.90 14.22 -32.52
CA ALA D 276 50.58 15.22 -33.53
C ALA D 276 50.91 16.62 -33.07
N LYS D 277 51.38 17.44 -34.02
CA LYS D 277 51.71 18.85 -33.78
C LYS D 277 50.47 19.70 -34.06
N PHE D 278 50.13 20.62 -33.14
CA PHE D 278 48.93 21.43 -33.36
C PHE D 278 49.23 22.92 -33.53
N SER D 279 48.40 23.55 -34.39
CA SER D 279 48.36 24.96 -34.78
C SER D 279 48.49 25.92 -33.60
N SER D 280 47.80 25.64 -32.48
CA SER D 280 47.79 26.47 -31.28
C SER D 280 47.58 25.61 -30.03
N SER D 281 47.89 26.14 -28.83
CA SER D 281 47.69 25.42 -27.57
C SER D 281 46.21 25.10 -27.39
N ALA D 282 45.34 26.07 -27.77
CA ALA D 282 43.89 25.96 -27.71
C ALA D 282 43.40 24.77 -28.52
N THR D 283 43.92 24.62 -29.77
CA THR D 283 43.58 23.53 -30.69
C THR D 283 43.89 22.20 -29.99
N ALA D 284 45.10 22.09 -29.43
CA ALA D 284 45.56 20.92 -28.68
C ALA D 284 44.66 20.64 -27.47
N ASP D 285 44.27 21.68 -26.72
CA ASP D 285 43.38 21.55 -25.56
C ASP D 285 42.05 20.92 -25.96
N ILE D 286 41.50 21.36 -27.11
CA ILE D 286 40.22 20.87 -27.63
C ILE D 286 40.37 19.41 -28.06
N ILE D 287 41.48 19.07 -28.76
CA ILE D 287 41.76 17.70 -29.21
C ILE D 287 41.93 16.79 -27.98
N ASN D 288 42.69 17.26 -26.95
CA ASN D 288 42.89 16.54 -25.69
C ASN D 288 41.53 16.17 -25.10
N ARG D 289 40.61 17.16 -25.06
CA ARG D 289 39.25 17.00 -24.59
C ARG D 289 38.49 15.97 -25.45
N PHE D 290 38.63 16.04 -26.77
CA PHE D 290 37.97 15.13 -27.71
C PHE D 290 38.40 13.69 -27.44
N VAL D 291 39.72 13.45 -27.32
CA VAL D 291 40.31 12.11 -27.12
C VAL D 291 39.91 11.53 -25.74
N LEU D 292 39.81 12.39 -24.70
CA LEU D 292 39.43 11.97 -23.36
C LEU D 292 37.95 11.60 -23.34
N GLU D 293 37.07 12.40 -23.96
CA GLU D 293 35.62 12.15 -24.02
C GLU D 293 35.29 11.02 -25.04
N SER D 294 36.35 10.50 -25.73
CA SER D 294 36.35 9.39 -26.68
C SER D 294 36.71 8.11 -25.96
N SER D 295 37.56 8.20 -24.89
CA SER D 295 37.99 7.09 -24.02
C SER D 295 36.95 6.85 -22.89
N ILE D 296 35.87 7.69 -22.85
CA ILE D 296 34.77 7.61 -21.88
C ILE D 296 33.40 7.62 -22.63
N GLY D 297 32.36 7.30 -21.90
CA GLY D 297 31.01 7.18 -22.41
C GLY D 297 30.49 5.78 -22.09
N ASN D 298 29.16 5.58 -22.17
CA ASN D 298 28.55 4.26 -21.90
C ASN D 298 28.98 3.26 -23.00
N PHE D 299 29.05 1.97 -22.62
CA PHE D 299 29.41 0.83 -23.47
C PHE D 299 30.93 0.87 -23.87
N GLY D 300 31.51 -0.31 -24.17
CA GLY D 300 32.90 -0.46 -24.55
C GLY D 300 33.11 -1.04 -25.93
N GLU E 10 -15.74 -34.12 15.22
CA GLU E 10 -14.52 -34.60 14.58
C GLU E 10 -14.69 -34.64 13.05
N THR E 12 -15.30 -34.01 9.19
CA THR E 12 -14.80 -33.00 8.23
C THR E 12 -16.00 -32.22 7.63
N ALA E 13 -16.05 -30.90 7.89
CA ALA E 13 -17.12 -29.93 7.51
C ALA E 13 -17.46 -29.90 6.00
N GLU E 14 -18.65 -29.35 5.68
CA GLU E 14 -19.14 -29.24 4.30
C GLU E 14 -18.63 -27.97 3.64
N VAL E 15 -17.62 -28.13 2.76
CA VAL E 15 -17.05 -27.01 2.03
C VAL E 15 -18.12 -26.52 1.04
N PHE E 16 -18.47 -25.21 1.11
CA PHE E 16 -19.47 -24.60 0.21
C PHE E 16 -18.82 -23.68 -0.82
N ASP E 17 -19.40 -23.58 -2.05
CA ASP E 17 -18.88 -22.66 -3.07
C ASP E 17 -19.22 -21.24 -2.66
N PRO E 18 -18.19 -20.37 -2.46
CA PRO E 18 -18.46 -18.98 -2.04
C PRO E 18 -19.47 -18.25 -2.94
N ARG E 19 -19.38 -18.46 -4.29
CA ARG E 19 -20.30 -17.85 -5.24
C ARG E 19 -21.72 -18.35 -4.98
N ALA E 20 -21.93 -19.69 -4.94
CA ALA E 20 -23.22 -20.34 -4.70
C ALA E 20 -23.88 -19.78 -3.45
N LEU E 21 -23.12 -19.74 -2.33
CA LEU E 21 -23.62 -19.22 -1.06
C LEU E 21 -23.95 -17.74 -1.16
N ARG E 22 -23.03 -16.91 -1.70
CA ARG E 22 -23.27 -15.48 -1.85
C ARG E 22 -24.53 -15.23 -2.68
N ASP E 23 -24.69 -15.99 -3.79
CA ASP E 23 -25.83 -15.89 -4.70
C ASP E 23 -27.13 -16.30 -3.99
N ALA E 24 -27.06 -17.32 -3.11
CA ALA E 24 -28.21 -17.80 -2.32
C ALA E 24 -28.67 -16.72 -1.34
N PHE E 25 -27.72 -16.03 -0.67
CA PHE E 25 -28.05 -14.93 0.25
C PHE E 25 -28.75 -13.79 -0.51
N GLY E 26 -28.31 -13.56 -1.75
CA GLY E 26 -28.84 -12.55 -2.64
C GLY E 26 -30.31 -12.70 -3.02
N ALA E 27 -30.89 -13.91 -2.82
CA ALA E 27 -32.30 -14.21 -3.09
C ALA E 27 -33.21 -13.38 -2.20
N PHE E 28 -32.72 -12.99 -1.00
CA PHE E 28 -33.46 -12.14 -0.07
C PHE E 28 -33.24 -10.68 -0.48
N ALA E 29 -34.32 -10.06 -0.98
CA ALA E 29 -34.28 -8.65 -1.41
C ALA E 29 -34.11 -7.75 -0.19
N THR E 30 -33.52 -6.57 -0.37
CA THR E 30 -33.26 -5.60 0.71
C THR E 30 -33.33 -4.18 0.20
N GLY E 31 -33.15 -3.23 1.11
CA GLY E 31 -32.96 -1.82 0.78
C GLY E 31 -31.46 -1.67 0.61
N VAL E 32 -30.97 -0.43 0.62
CA VAL E 32 -29.53 -0.10 0.49
C VAL E 32 -29.30 1.05 1.44
N THR E 33 -28.30 0.92 2.34
CA THR E 33 -28.01 1.95 3.34
C THR E 33 -26.56 2.35 3.34
N VAL E 34 -26.28 3.61 3.71
CA VAL E 34 -24.90 4.08 3.85
C VAL E 34 -24.65 4.41 5.33
N VAL E 35 -23.83 3.56 6.01
CA VAL E 35 -23.45 3.64 7.44
C VAL E 35 -22.38 4.74 7.61
N THR E 36 -22.72 5.85 8.28
CA THR E 36 -21.83 6.99 8.44
C THR E 36 -21.43 7.24 9.89
N ALA E 37 -20.27 7.87 10.08
CA ALA E 37 -19.66 8.26 11.36
C ALA E 37 -18.50 9.24 11.12
N SER E 38 -17.85 9.70 12.21
CA SER E 38 -16.68 10.59 12.16
C SER E 38 -15.51 9.88 12.83
N ASP E 39 -14.33 9.80 12.16
CA ASP E 39 -13.15 9.10 12.72
C ASP E 39 -12.54 9.87 13.93
N ALA E 40 -11.42 9.36 14.48
CA ALA E 40 -10.71 9.97 15.61
C ALA E 40 -10.38 11.44 15.33
N ALA E 41 -9.98 11.73 14.07
CA ALA E 41 -9.62 13.07 13.57
C ALA E 41 -10.85 13.96 13.32
N GLY E 42 -12.05 13.38 13.41
CA GLY E 42 -13.32 14.08 13.18
C GLY E 42 -13.74 14.12 11.71
N LYS E 43 -12.96 13.47 10.83
CA LYS E 43 -13.22 13.38 9.39
C LYS E 43 -14.39 12.43 9.13
N PRO E 44 -15.37 12.81 8.29
CA PRO E 44 -16.49 11.90 8.03
C PRO E 44 -16.05 10.65 7.26
N ILE E 45 -16.50 9.49 7.75
CA ILE E 45 -16.27 8.16 7.16
C ILE E 45 -17.64 7.49 6.91
N GLY E 46 -17.72 6.65 5.90
CA GLY E 46 -18.97 5.97 5.57
C GLY E 46 -18.78 4.78 4.65
N PHE E 47 -19.81 3.90 4.58
CA PHE E 47 -19.81 2.71 3.72
C PHE E 47 -21.21 2.19 3.39
N THR E 48 -21.36 1.63 2.17
CA THR E 48 -22.60 1.05 1.69
C THR E 48 -22.77 -0.34 2.31
N ALA E 49 -23.92 -0.53 2.99
CA ALA E 49 -24.33 -1.79 3.62
C ALA E 49 -25.80 -2.08 3.37
N ASN E 50 -26.13 -3.35 3.06
CA ASN E 50 -27.50 -3.79 2.82
C ASN E 50 -27.87 -4.90 3.82
N SER E 51 -26.88 -5.37 4.60
CA SER E 51 -27.05 -6.39 5.63
C SER E 51 -27.40 -5.67 6.94
N PHE E 52 -28.57 -5.03 6.91
CA PHE E 52 -29.19 -4.22 7.94
C PHE E 52 -30.52 -4.84 8.38
N THR E 53 -30.86 -4.68 9.65
CA THR E 53 -32.09 -5.20 10.24
C THR E 53 -32.61 -4.31 11.37
N SER E 54 -33.94 -4.14 11.42
CA SER E 54 -34.66 -3.48 12.49
C SER E 54 -34.81 -4.54 13.60
N VAL E 55 -34.19 -4.30 14.77
CA VAL E 55 -34.16 -5.29 15.84
C VAL E 55 -35.30 -5.13 16.87
N SER E 56 -35.33 -4.02 17.62
CA SER E 56 -36.30 -3.80 18.69
C SER E 56 -36.95 -2.41 18.58
N LEU E 57 -38.22 -2.29 19.01
CA LEU E 57 -38.93 -1.02 19.00
C LEU E 57 -38.81 -0.33 20.38
N ASP E 58 -38.91 -1.11 21.47
CA ASP E 58 -38.78 -0.61 22.84
C ASP E 58 -37.81 -1.54 23.64
N PRO E 59 -36.52 -1.18 23.77
CA PRO E 59 -35.83 0.05 23.31
C PRO E 59 -35.60 0.09 21.79
N PRO E 60 -35.43 1.29 21.17
CA PRO E 60 -35.19 1.36 19.71
C PRO E 60 -33.84 0.75 19.34
N LEU E 61 -33.87 -0.48 18.76
CA LEU E 61 -32.65 -1.18 18.39
C LEU E 61 -32.61 -1.54 16.90
N LEU E 62 -31.41 -1.40 16.38
CA LEU E 62 -31.06 -1.53 14.97
C LEU E 62 -29.75 -2.32 14.84
N LEU E 63 -29.54 -2.94 13.67
CA LEU E 63 -28.41 -3.82 13.39
C LEU E 63 -27.83 -3.56 12.01
N VAL E 64 -26.51 -3.77 11.85
CA VAL E 64 -25.82 -3.67 10.56
C VAL E 64 -24.50 -4.49 10.67
N CYS E 65 -24.04 -5.12 9.56
CA CYS E 65 -22.85 -5.98 9.53
C CYS E 65 -21.71 -5.40 8.73
N LEU E 66 -20.56 -5.25 9.40
CA LEU E 66 -19.36 -4.70 8.79
C LEU E 66 -18.30 -5.77 8.63
N ALA E 67 -17.73 -5.88 7.42
CA ALA E 67 -16.67 -6.84 7.10
C ALA E 67 -15.39 -6.52 7.86
N LYS E 68 -14.71 -7.55 8.40
CA LYS E 68 -13.46 -7.37 9.12
C LYS E 68 -12.36 -6.86 8.15
N SER E 69 -12.55 -7.15 6.85
CA SER E 69 -11.69 -6.75 5.75
C SER E 69 -11.76 -5.23 5.45
N SER E 70 -12.80 -4.51 5.94
CA SER E 70 -13.02 -3.07 5.67
C SER E 70 -11.84 -2.21 6.08
N ARG E 71 -11.57 -1.16 5.27
CA ARG E 71 -10.49 -0.21 5.52
C ARG E 71 -10.84 0.65 6.75
N ASN E 72 -12.11 1.03 6.84
CA ASN E 72 -12.68 1.84 7.92
C ASN E 72 -12.99 1.01 9.18
N TYR E 73 -12.78 -0.35 9.16
CA TYR E 73 -13.08 -1.27 10.28
C TYR E 73 -12.62 -0.74 11.63
N GLU E 74 -11.34 -0.32 11.74
CA GLU E 74 -10.79 0.20 12.99
C GLU E 74 -11.49 1.49 13.42
N SER E 75 -11.59 2.48 12.50
CA SER E 75 -12.25 3.77 12.74
C SER E 75 -13.72 3.60 13.20
N THR E 77 -15.46 0.63 14.42
CA THR E 77 -15.59 -0.08 15.70
C THR E 77 -15.19 0.82 16.87
N SER E 78 -14.17 1.70 16.64
CA SER E 78 -13.67 2.66 17.64
C SER E 78 -14.67 3.81 17.89
N ALA E 79 -15.50 4.17 16.88
CA ALA E 79 -16.50 5.24 17.00
C ALA E 79 -17.58 4.85 18.01
N GLY E 80 -18.18 5.85 18.66
CA GLY E 80 -19.20 5.62 19.67
C GLY E 80 -20.60 5.81 19.11
N ARG E 81 -20.71 6.75 18.17
CA ARG E 81 -21.96 7.11 17.51
C ARG E 81 -21.85 6.91 16.02
N PHE E 82 -22.96 6.49 15.40
CA PHE E 82 -23.04 6.29 13.96
C PHE E 82 -24.45 6.62 13.45
N ALA E 83 -24.62 6.69 12.12
CA ALA E 83 -25.91 6.97 11.49
C ALA E 83 -26.19 6.04 10.30
N ILE E 84 -27.48 5.75 10.03
CA ILE E 84 -27.88 4.89 8.91
C ILE E 84 -28.73 5.69 7.93
N ASN E 85 -28.28 5.82 6.68
CA ASN E 85 -29.04 6.52 5.66
C ASN E 85 -29.65 5.50 4.69
N VAL E 86 -30.97 5.28 4.79
CA VAL E 86 -31.70 4.37 3.91
C VAL E 86 -31.93 5.18 2.63
N LEU E 87 -31.12 4.90 1.59
CA LEU E 87 -31.13 5.61 0.31
C LEU E 87 -32.45 5.43 -0.39
N SER E 88 -32.87 6.50 -1.10
CA SER E 88 -34.08 6.57 -1.91
C SER E 88 -33.74 6.14 -3.35
N GLU E 89 -34.77 5.87 -4.21
CA GLU E 89 -34.69 5.48 -5.64
C GLU E 89 -33.64 6.20 -6.46
N THR E 90 -33.47 7.51 -6.20
CA THR E 90 -32.61 8.42 -6.95
C THR E 90 -31.13 8.37 -6.55
N GLN E 91 -30.80 7.66 -5.47
CA GLN E 91 -29.44 7.63 -4.97
C GLN E 91 -28.67 6.36 -5.38
N LYS E 92 -28.88 5.87 -6.63
CA LYS E 92 -28.13 4.69 -7.07
C LYS E 92 -26.62 4.96 -6.99
N ASP E 93 -26.18 6.20 -7.40
CA ASP E 93 -24.79 6.69 -7.46
C ASP E 93 -24.17 6.85 -6.07
N VAL E 94 -24.98 7.18 -5.05
CA VAL E 94 -24.56 7.32 -3.65
C VAL E 94 -24.17 5.93 -3.12
N SER E 95 -24.97 4.91 -3.50
CA SER E 95 -24.75 3.51 -3.14
C SER E 95 -23.42 3.06 -3.69
N ASN E 96 -23.16 3.40 -4.96
CA ASN E 96 -21.94 3.03 -5.66
C ASN E 96 -20.71 3.70 -5.02
N THR E 97 -20.75 5.04 -4.85
CA THR E 97 -19.64 5.84 -4.31
C THR E 97 -19.14 5.28 -2.94
N PHE E 98 -20.08 4.91 -2.07
CA PHE E 98 -19.74 4.37 -0.76
C PHE E 98 -19.56 2.83 -0.75
N ALA E 99 -19.46 2.21 -1.93
CA ALA E 99 -19.20 0.77 -2.03
C ALA E 99 -17.92 0.56 -2.79
N ARG E 100 -17.56 1.56 -3.62
CA ARG E 100 -16.37 1.63 -4.46
C ARG E 100 -15.21 2.31 -3.71
N PRO E 101 -13.93 1.98 -4.02
CA PRO E 101 -12.82 2.65 -3.33
C PRO E 101 -12.48 3.98 -4.02
N VAL E 102 -13.06 5.06 -3.50
CA VAL E 102 -12.82 6.40 -4.03
C VAL E 102 -12.24 7.27 -2.90
N GLU E 103 -11.44 8.28 -3.26
CA GLU E 103 -10.76 9.18 -2.32
C GLU E 103 -11.76 9.96 -1.45
N ASP E 104 -12.70 10.68 -2.07
CA ASP E 104 -13.68 11.41 -1.29
C ASP E 104 -15.07 10.90 -1.61
N ARG E 105 -15.56 10.00 -0.74
CA ARG E 105 -16.90 9.42 -0.84
C ARG E 105 -17.97 10.51 -0.63
N PHE E 106 -17.76 11.38 0.38
CA PHE E 106 -18.66 12.45 0.83
C PHE E 106 -18.80 13.62 -0.16
N ALA E 107 -17.96 13.65 -1.22
CA ALA E 107 -18.05 14.68 -2.25
C ALA E 107 -19.26 14.42 -3.17
N ALA E 108 -19.74 13.16 -3.21
CA ALA E 108 -20.84 12.73 -4.06
C ALA E 108 -22.23 12.90 -3.40
N VAL E 109 -22.30 13.45 -2.16
CA VAL E 109 -23.60 13.62 -1.49
C VAL E 109 -23.73 14.96 -0.83
N ASP E 110 -24.95 15.52 -0.89
CA ASP E 110 -25.32 16.72 -0.14
C ASP E 110 -25.65 16.20 1.25
N TRP E 111 -24.81 16.55 2.22
CA TRP E 111 -24.99 16.04 3.58
C TRP E 111 -24.74 17.14 4.64
N ARG E 112 -25.10 16.83 5.88
CA ARG E 112 -24.98 17.70 7.06
C ARG E 112 -24.67 16.85 8.29
N LEU E 113 -24.36 17.50 9.42
CA LEU E 113 -24.12 16.79 10.66
C LEU E 113 -25.37 16.81 11.52
N GLY E 114 -25.69 15.68 12.13
CA GLY E 114 -26.84 15.52 13.00
C GLY E 114 -26.57 16.05 14.39
N ARG E 115 -27.62 16.06 15.25
CA ARG E 115 -27.56 16.52 16.65
C ARG E 115 -26.40 15.86 17.41
N ASP E 116 -26.03 14.63 17.01
CA ASP E 116 -24.97 13.85 17.63
C ASP E 116 -23.74 13.67 16.69
N GLY E 117 -23.50 14.69 15.87
CA GLY E 117 -22.36 14.81 14.94
C GLY E 117 -22.13 13.69 13.96
N CYS E 118 -23.21 13.16 13.39
CA CYS E 118 -23.14 12.09 12.41
C CYS E 118 -23.56 12.60 11.03
N PRO E 119 -22.90 12.15 9.95
CA PRO E 119 -23.27 12.62 8.59
C PRO E 119 -24.65 12.09 8.14
N ILE E 120 -25.60 13.02 7.95
CA ILE E 120 -26.98 12.75 7.54
C ILE E 120 -27.12 13.25 6.10
N PHE E 121 -27.52 12.37 5.17
CA PHE E 121 -27.67 12.72 3.77
C PHE E 121 -29.05 13.26 3.48
N SER E 122 -29.14 14.19 2.53
CA SER E 122 -30.41 14.76 2.13
C SER E 122 -31.05 13.87 1.08
N ASP E 123 -32.39 13.97 0.96
CA ASP E 123 -33.22 13.20 0.01
C ASP E 123 -33.17 11.66 0.26
N VAL E 124 -32.84 11.23 1.50
CA VAL E 124 -32.83 9.81 1.84
C VAL E 124 -34.26 9.34 2.08
N ALA E 125 -34.53 8.02 2.01
CA ALA E 125 -35.85 7.47 2.28
C ALA E 125 -36.13 7.55 3.77
N ALA E 126 -35.06 7.40 4.57
CA ALA E 126 -35.05 7.47 6.02
C ALA E 126 -33.62 7.54 6.53
N TRP E 127 -33.43 8.07 7.76
CA TRP E 127 -32.14 8.12 8.44
C TRP E 127 -32.33 7.90 9.94
N PHE E 128 -31.30 7.32 10.58
CA PHE E 128 -31.27 6.98 12.00
C PHE E 128 -29.95 7.34 12.66
N GLU E 129 -29.98 8.25 13.65
CA GLU E 129 -28.80 8.61 14.45
C GLU E 129 -28.70 7.59 15.59
N CYS E 130 -27.53 6.99 15.75
CA CYS E 130 -27.37 5.94 16.73
C CYS E 130 -26.23 6.17 17.69
N SER E 131 -26.21 5.31 18.70
CA SER E 131 -25.20 5.17 19.74
C SER E 131 -24.91 3.70 19.80
N GLN E 133 -24.30 0.10 21.00
CA GLN E 133 -24.65 -0.69 22.18
C GLN E 133 -23.66 -1.83 22.34
N ASP E 134 -23.42 -2.59 21.25
CA ASP E 134 -22.47 -3.70 21.26
C ASP E 134 -21.95 -4.00 19.85
N ILE E 135 -20.79 -4.66 19.78
CA ILE E 135 -20.15 -5.14 18.56
C ILE E 135 -19.95 -6.66 18.78
N ILE E 136 -20.66 -7.47 18.01
CA ILE E 136 -20.62 -8.93 18.12
C ILE E 136 -19.75 -9.52 17.00
N GLU E 137 -18.77 -10.35 17.38
CA GLU E 137 -17.90 -11.02 16.43
C GLU E 137 -18.70 -12.13 15.75
N ALA E 138 -18.76 -12.11 14.40
CA ALA E 138 -19.51 -13.12 13.67
C ALA E 138 -18.87 -13.41 12.30
N GLY E 139 -17.88 -14.30 12.34
CA GLY E 139 -17.13 -14.76 11.17
C GLY E 139 -16.24 -13.70 10.55
N ASP E 140 -16.38 -13.49 9.22
CA ASP E 140 -15.61 -12.52 8.45
C ASP E 140 -16.17 -11.09 8.63
N HIS E 141 -17.25 -10.96 9.41
CA HIS E 141 -17.93 -9.70 9.71
C HIS E 141 -18.11 -9.51 11.23
N VAL E 142 -18.60 -8.31 11.60
CA VAL E 142 -18.97 -7.94 12.97
C VAL E 142 -20.37 -7.38 12.93
N ILE E 143 -21.19 -7.71 13.94
CA ILE E 143 -22.56 -7.23 14.04
C ILE E 143 -22.55 -5.97 14.90
N ILE E 144 -22.89 -4.82 14.31
CA ILE E 144 -22.93 -3.55 15.05
C ILE E 144 -24.39 -3.29 15.45
N ILE E 145 -24.61 -3.13 16.76
CA ILE E 145 -25.93 -2.86 17.32
C ILE E 145 -25.95 -1.42 17.80
N GLY E 146 -26.95 -0.67 17.35
CA GLY E 146 -27.12 0.72 17.72
C GLY E 146 -28.47 1.02 18.31
N ARG E 147 -28.50 1.98 19.26
CA ARG E 147 -29.73 2.46 19.87
C ARG E 147 -30.09 3.76 19.18
N VAL E 148 -31.30 3.82 18.57
CA VAL E 148 -31.77 5.00 17.85
C VAL E 148 -31.95 6.16 18.84
N THR E 149 -31.19 7.24 18.59
CA THR E 149 -31.19 8.47 19.36
C THR E 149 -32.10 9.50 18.65
N ALA E 150 -32.13 9.46 17.30
CA ALA E 150 -32.93 10.34 16.45
C ALA E 150 -33.22 9.67 15.11
N PHE E 151 -34.33 10.04 14.44
CA PHE E 151 -34.66 9.49 13.12
C PHE E 151 -35.61 10.41 12.33
N GLU E 152 -35.75 10.13 11.05
CA GLU E 152 -36.64 10.84 10.13
C GLU E 152 -37.04 9.92 9.00
N ASN E 153 -38.28 10.03 8.54
CA ASN E 153 -38.77 9.17 7.46
C ASN E 153 -39.61 10.00 6.48
N SER E 154 -39.03 10.26 5.29
CA SER E 154 -39.73 10.92 4.19
C SER E 154 -40.53 9.83 3.51
N GLY E 155 -41.64 10.16 2.88
CA GLY E 155 -42.41 9.13 2.20
C GLY E 155 -41.65 8.39 1.10
N LEU E 156 -40.53 9.01 0.67
CA LEU E 156 -39.63 8.62 -0.42
C LEU E 156 -39.39 7.14 -0.49
N ASN E 157 -39.52 6.59 -1.70
CA ASN E 157 -39.30 5.18 -2.01
C ASN E 157 -37.84 4.85 -1.85
N GLY E 158 -37.54 3.79 -1.14
CA GLY E 158 -36.15 3.44 -0.95
C GLY E 158 -35.52 2.69 -2.12
N LEU E 159 -34.20 2.87 -2.32
CA LEU E 159 -33.42 2.15 -3.32
C LEU E 159 -33.37 0.67 -2.90
N GLY E 160 -33.61 -0.23 -3.86
CA GLY E 160 -33.62 -1.66 -3.63
C GLY E 160 -32.42 -2.40 -4.21
N TYR E 161 -32.14 -3.59 -3.65
CA TYR E 161 -31.08 -4.48 -4.08
C TYR E 161 -31.55 -5.90 -3.97
N ALA E 162 -31.64 -6.54 -5.12
CA ALA E 162 -32.05 -7.94 -5.22
C ALA E 162 -31.15 -8.67 -6.17
N ARG E 163 -30.74 -9.88 -5.74
CA ARG E 163 -29.88 -10.78 -6.50
C ARG E 163 -28.70 -9.96 -7.02
N GLY E 164 -28.52 -9.92 -8.33
CA GLY E 164 -27.43 -9.18 -8.91
C GLY E 164 -27.33 -7.71 -8.54
N GLY E 165 -28.27 -6.91 -9.01
CA GLY E 165 -28.21 -5.47 -8.85
C GLY E 165 -29.40 -4.78 -8.25
N TYR E 166 -29.56 -3.53 -8.64
CA TYR E 166 -30.57 -2.63 -8.13
C TYR E 166 -31.93 -2.78 -8.79
N PHE E 167 -32.94 -2.25 -8.06
CA PHE E 167 -34.33 -2.14 -8.42
C PHE E 167 -34.96 -0.90 -7.73
N THR E 168 -35.93 -0.29 -8.42
CA THR E 168 -36.67 0.89 -7.96
C THR E 168 -38.14 0.79 -8.41
N PRO E 169 -39.15 1.22 -7.59
CA PRO E 169 -40.57 1.16 -8.05
C PRO E 169 -40.85 2.03 -9.30
N ARG E 170 -39.99 3.06 -9.47
CA ARG E 170 -39.94 4.08 -10.50
C ARG E 170 -40.08 3.50 -11.89
N LEU E 171 -39.24 2.48 -12.19
CA LEU E 171 -39.09 1.80 -13.47
C LEU E 171 -40.37 1.19 -14.00
N ALA E 172 -41.23 0.64 -13.12
CA ALA E 172 -42.52 0.08 -13.54
C ALA E 172 -43.33 1.12 -14.31
N GLY E 173 -43.46 2.33 -13.72
CA GLY E 173 -44.15 3.46 -14.32
C GLY E 173 -43.53 3.88 -15.64
N LYS E 174 -42.18 3.99 -15.67
CA LYS E 174 -41.35 4.36 -16.81
C LYS E 174 -41.61 3.41 -17.99
N ALA E 175 -41.71 2.10 -17.70
CA ALA E 175 -41.95 1.00 -18.64
C ALA E 175 -43.32 1.12 -19.27
N VAL E 176 -44.36 1.32 -18.44
CA VAL E 176 -45.75 1.48 -18.87
C VAL E 176 -45.87 2.69 -19.84
N SER E 177 -45.28 3.86 -19.47
CA SER E 177 -45.33 5.04 -20.34
C SER E 177 -44.78 4.74 -21.73
N ALA E 178 -43.59 4.09 -21.78
CA ALA E 178 -42.86 3.66 -22.97
C ALA E 178 -43.67 2.70 -23.82
N ALA E 179 -44.25 1.69 -23.18
CA ALA E 179 -45.03 0.63 -23.84
C ALA E 179 -46.21 1.19 -24.66
N VAL E 180 -46.83 2.27 -24.16
CA VAL E 180 -47.99 2.87 -24.80
C VAL E 180 -47.55 3.74 -25.98
N GLU E 181 -46.32 4.34 -25.92
CA GLU E 181 -45.72 5.20 -26.96
C GLU E 181 -45.55 4.46 -28.30
N GLY E 182 -45.30 3.15 -28.26
CA GLY E 182 -45.15 2.30 -29.43
C GLY E 182 -44.41 1.03 -29.10
N GLU E 183 -43.77 0.41 -30.11
CA GLU E 183 -43.02 -0.82 -29.92
C GLU E 183 -41.84 -0.62 -28.94
N ILE E 184 -41.53 -1.66 -28.16
CA ILE E 184 -40.42 -1.64 -27.22
C ILE E 184 -39.40 -2.73 -27.56
N ARG E 185 -38.11 -2.41 -27.38
CA ARG E 185 -37.08 -3.42 -27.52
C ARG E 185 -36.89 -4.02 -26.14
N LEU E 186 -37.19 -5.31 -26.02
CA LEU E 186 -37.06 -6.01 -24.74
C LEU E 186 -35.71 -6.63 -24.64
N GLY E 187 -34.87 -6.07 -23.77
CA GLY E 187 -33.53 -6.59 -23.55
C GLY E 187 -33.38 -7.25 -22.19
N ALA E 188 -32.27 -7.97 -22.00
CA ALA E 188 -32.03 -8.61 -20.72
C ALA E 188 -30.56 -8.69 -20.38
N VAL E 189 -30.24 -8.51 -19.07
CA VAL E 189 -28.92 -8.73 -18.51
C VAL E 189 -29.02 -10.11 -17.88
N LEU E 190 -28.84 -11.15 -18.75
CA LEU E 190 -29.03 -12.55 -18.41
C LEU E 190 -27.73 -13.13 -17.87
N GLU E 191 -27.75 -13.49 -16.58
CA GLU E 191 -26.57 -14.01 -15.90
C GLU E 191 -26.58 -15.52 -15.73
N GLN E 192 -25.41 -16.16 -15.96
CA GLN E 192 -25.25 -17.59 -15.72
C GLN E 192 -24.61 -17.72 -14.36
N GLN E 193 -23.27 -17.57 -14.26
CA GLN E 193 -22.74 -17.54 -12.92
C GLN E 193 -22.61 -16.07 -12.59
N GLY E 194 -21.50 -15.50 -12.98
CA GLY E 194 -21.29 -14.06 -12.88
C GLY E 194 -21.12 -13.57 -14.29
N ALA E 195 -21.50 -14.42 -15.25
CA ALA E 195 -21.33 -14.16 -16.68
C ALA E 195 -22.62 -13.70 -17.31
N VAL E 196 -22.53 -12.61 -18.10
CA VAL E 196 -23.67 -12.02 -18.81
C VAL E 196 -23.73 -12.62 -20.21
N PHE E 197 -24.95 -12.92 -20.68
CA PHE E 197 -25.14 -13.48 -22.02
C PHE E 197 -25.00 -12.40 -23.06
N LEU E 198 -24.22 -12.66 -24.09
CA LEU E 198 -24.03 -11.73 -25.20
C LEU E 198 -24.04 -12.48 -26.52
N ALA E 199 -24.74 -11.90 -27.52
CA ALA E 199 -24.87 -12.46 -28.86
C ALA E 199 -23.89 -11.79 -29.84
N GLY E 200 -23.28 -12.60 -30.68
CA GLY E 200 -22.31 -12.11 -31.66
C GLY E 200 -20.89 -12.54 -31.35
N ASN E 201 -19.96 -12.24 -32.27
CA ASN E 201 -18.53 -12.59 -32.12
C ASN E 201 -17.66 -11.34 -32.05
N GLU E 202 -17.64 -10.54 -33.13
CA GLU E 202 -16.86 -9.32 -33.18
C GLU E 202 -17.58 -8.19 -32.44
N THR E 203 -18.86 -7.96 -32.77
CA THR E 203 -19.64 -6.91 -32.16
C THR E 203 -20.78 -7.51 -31.36
N LEU E 204 -20.54 -7.60 -30.06
CA LEU E 204 -21.45 -8.17 -29.06
C LEU E 204 -22.67 -7.30 -28.79
N SER E 205 -23.84 -7.95 -28.71
CA SER E 205 -25.14 -7.32 -28.48
C SER E 205 -25.89 -8.04 -27.38
N LEU E 206 -26.69 -7.30 -26.57
CA LEU E 206 -27.48 -7.92 -25.52
C LEU E 206 -28.66 -8.65 -26.13
N PRO E 207 -29.12 -9.81 -25.59
CA PRO E 207 -30.25 -10.52 -26.22
C PRO E 207 -31.49 -9.66 -26.17
N ASN E 208 -32.20 -9.53 -27.29
CA ASN E 208 -33.39 -8.67 -27.32
C ASN E 208 -34.33 -9.01 -28.45
N CYS E 209 -35.59 -8.58 -28.32
CA CYS E 209 -36.62 -8.70 -29.34
C CYS E 209 -37.61 -7.54 -29.17
N THR E 210 -37.98 -6.91 -30.29
CA THR E 210 -38.86 -5.76 -30.31
C THR E 210 -40.30 -6.21 -30.61
N VAL E 211 -41.21 -5.92 -29.67
CA VAL E 211 -42.64 -6.27 -29.71
C VAL E 211 -43.50 -5.08 -29.33
N GLU E 212 -44.82 -5.18 -29.53
CA GLU E 212 -45.77 -4.12 -29.11
C GLU E 212 -47.00 -4.76 -28.49
N GLY E 213 -46.99 -4.88 -27.17
CA GLY E 213 -48.09 -5.52 -26.44
C GLY E 213 -47.75 -6.92 -25.95
N GLY E 214 -48.37 -7.27 -24.82
CA GLY E 214 -48.20 -8.51 -24.08
C GLY E 214 -47.37 -8.27 -22.83
N ASP E 215 -47.16 -9.33 -22.01
CA ASP E 215 -46.35 -9.21 -20.79
C ASP E 215 -44.89 -9.21 -21.23
N PRO E 216 -44.18 -8.09 -21.02
CA PRO E 216 -42.77 -8.02 -21.48
C PRO E 216 -41.91 -9.15 -20.87
N ALA E 217 -42.18 -9.48 -19.58
CA ALA E 217 -41.45 -10.55 -18.89
C ALA E 217 -41.77 -11.91 -19.53
N ARG E 218 -43.09 -12.22 -19.80
CA ARG E 218 -43.48 -13.47 -20.47
C ARG E 218 -42.82 -13.62 -21.86
N THR E 219 -42.90 -12.55 -22.65
CA THR E 219 -42.34 -12.46 -23.99
C THR E 219 -40.81 -12.73 -23.98
N LEU E 220 -40.11 -12.04 -23.07
CA LEU E 220 -38.68 -12.10 -22.91
C LEU E 220 -38.25 -13.46 -22.42
N ALA E 221 -39.00 -14.07 -21.48
CA ALA E 221 -38.67 -15.41 -20.96
C ALA E 221 -38.74 -16.43 -22.10
N ALA E 222 -39.83 -16.37 -22.90
CA ALA E 222 -40.02 -17.24 -24.06
C ALA E 222 -38.89 -17.07 -25.06
N TYR E 223 -38.55 -15.80 -25.42
CA TYR E 223 -37.49 -15.46 -26.37
C TYR E 223 -36.16 -16.03 -25.90
N LEU E 224 -35.74 -15.66 -24.67
CA LEU E 224 -34.46 -16.10 -24.12
C LEU E 224 -34.33 -17.63 -24.04
N GLU E 225 -35.38 -18.33 -23.55
CA GLU E 225 -35.41 -19.79 -23.41
C GLU E 225 -35.20 -20.46 -24.78
N GLN E 226 -35.91 -19.96 -25.81
CA GLN E 226 -35.81 -20.40 -27.20
C GLN E 226 -34.37 -20.21 -27.75
N LEU E 227 -33.83 -19.01 -27.55
CA LEU E 227 -32.56 -18.55 -28.08
C LEU E 227 -31.40 -19.37 -27.56
N THR E 228 -31.36 -19.53 -26.22
CA THR E 228 -30.28 -20.18 -25.47
C THR E 228 -30.47 -21.68 -25.29
N GLY E 229 -31.72 -22.13 -25.22
CA GLY E 229 -32.06 -23.53 -24.98
C GLY E 229 -31.89 -23.86 -23.50
N LEU E 230 -31.87 -22.81 -22.69
CA LEU E 230 -31.70 -22.87 -21.25
C LEU E 230 -32.99 -22.42 -20.57
N ASN E 231 -33.08 -22.63 -19.24
CA ASN E 231 -34.24 -22.20 -18.47
C ASN E 231 -33.96 -20.81 -17.94
N VAL E 232 -34.95 -19.92 -18.05
CA VAL E 232 -34.75 -18.53 -17.66
C VAL E 232 -35.80 -18.08 -16.62
N THR E 233 -35.39 -17.15 -15.73
CA THR E 233 -36.25 -16.47 -14.77
C THR E 233 -36.05 -14.97 -14.98
N ILE E 234 -37.11 -14.26 -15.37
CA ILE E 234 -37.02 -12.81 -15.53
C ILE E 234 -37.26 -12.21 -14.16
N GLY E 235 -36.44 -11.26 -13.77
CA GLY E 235 -36.53 -10.63 -12.46
C GLY E 235 -37.06 -9.22 -12.49
N PHE E 236 -36.38 -8.33 -11.75
CA PHE E 236 -36.75 -6.93 -11.65
C PHE E 236 -36.27 -6.16 -12.87
N LEU E 237 -36.94 -5.05 -13.16
CA LEU E 237 -36.55 -4.17 -14.25
C LEU E 237 -35.14 -3.63 -13.98
N TYR E 238 -34.28 -3.68 -15.01
CA TYR E 238 -32.90 -3.21 -14.89
C TYR E 238 -32.82 -1.76 -15.30
N SER E 239 -33.42 -1.43 -16.45
CA SER E 239 -33.33 -0.11 -17.04
C SER E 239 -34.47 0.14 -18.05
N VAL E 240 -34.97 1.37 -18.11
CA VAL E 240 -35.98 1.77 -19.10
C VAL E 240 -35.48 3.06 -19.68
N TYR E 241 -35.28 3.12 -21.00
CA TYR E 241 -34.73 4.29 -21.68
C TYR E 241 -35.17 4.38 -23.15
N GLU E 242 -34.95 5.53 -23.79
CA GLU E 242 -35.22 5.72 -25.20
C GLU E 242 -33.86 5.80 -25.91
N ASP E 243 -33.59 4.88 -26.86
CA ASP E 243 -32.30 4.87 -27.56
C ASP E 243 -32.15 6.16 -28.37
N LYS E 244 -31.15 6.98 -28.00
CA LYS E 244 -30.87 8.28 -28.60
C LYS E 244 -30.54 8.21 -30.11
N SER E 245 -29.90 7.11 -30.57
CA SER E 245 -29.51 6.87 -31.96
C SER E 245 -30.68 6.25 -32.81
N ASP E 246 -31.27 5.19 -32.25
CA ASP E 246 -32.33 4.35 -32.75
C ASP E 246 -33.68 5.04 -32.78
N GLY E 247 -34.00 5.73 -31.69
CA GLY E 247 -35.28 6.39 -31.45
C GLY E 247 -36.22 5.51 -30.65
N ARG E 248 -35.90 4.19 -30.58
CA ARG E 248 -36.68 3.14 -29.97
C ARG E 248 -36.68 3.10 -28.45
N GLN E 249 -37.90 2.90 -27.90
CA GLN E 249 -38.12 2.68 -26.47
C GLN E 249 -37.48 1.34 -26.09
N ASN E 250 -36.78 1.31 -24.97
CA ASN E 250 -36.07 0.12 -24.53
C ASN E 250 -36.45 -0.25 -23.10
N ILE E 251 -36.92 -1.51 -22.88
CA ILE E 251 -37.23 -2.08 -21.55
C ILE E 251 -36.23 -3.24 -21.30
N VAL E 252 -35.31 -3.04 -20.34
CA VAL E 252 -34.25 -4.04 -20.02
C VAL E 252 -34.55 -4.63 -18.65
N TYR E 253 -34.60 -5.97 -18.60
CA TYR E 253 -34.87 -6.71 -17.38
C TYR E 253 -33.61 -7.38 -16.88
N HIS E 254 -33.57 -7.65 -15.58
CA HIS E 254 -32.49 -8.42 -15.03
C HIS E 254 -32.99 -9.87 -15.09
N ALA E 255 -32.15 -10.81 -15.54
CA ALA E 255 -32.62 -12.19 -15.66
C ALA E 255 -31.56 -13.22 -15.28
N LEU E 256 -31.97 -14.50 -15.15
CA LEU E 256 -31.10 -15.60 -14.76
C LEU E 256 -31.25 -16.78 -15.66
N ALA E 257 -30.12 -17.41 -16.02
CA ALA E 257 -30.12 -18.60 -16.85
C ALA E 257 -29.67 -19.82 -16.08
N SER E 258 -30.24 -20.99 -16.41
CA SER E 258 -29.87 -22.26 -15.79
C SER E 258 -28.47 -22.63 -16.28
N ASP E 259 -27.85 -23.66 -15.68
CA ASP E 259 -26.48 -24.04 -16.07
C ASP E 259 -26.48 -24.74 -17.43
N GLY E 260 -25.36 -24.60 -18.14
CA GLY E 260 -25.18 -25.22 -19.43
C GLY E 260 -24.73 -24.28 -20.53
N ALA E 261 -24.24 -24.88 -21.63
CA ALA E 261 -23.83 -24.13 -22.81
C ALA E 261 -25.04 -23.66 -23.62
N PRO E 262 -25.15 -22.34 -23.91
CA PRO E 262 -26.29 -21.88 -24.70
C PRO E 262 -26.16 -22.29 -26.18
N ARG E 263 -27.32 -22.63 -26.77
CA ARG E 263 -27.56 -23.00 -28.18
C ARG E 263 -26.80 -22.07 -29.16
N GLN E 264 -26.82 -20.77 -28.85
CA GLN E 264 -26.18 -19.66 -29.56
C GLN E 264 -25.65 -18.65 -28.55
N GLY E 265 -24.69 -17.83 -28.97
CA GLY E 265 -24.10 -16.79 -28.13
C GLY E 265 -23.20 -17.39 -27.06
N ARG E 266 -22.83 -16.56 -26.07
CA ARG E 266 -21.95 -16.99 -24.97
C ARG E 266 -22.10 -16.11 -23.74
N PHE E 267 -21.85 -16.71 -22.57
CA PHE E 267 -21.88 -16.03 -21.28
C PHE E 267 -20.48 -15.54 -20.96
N LEU E 268 -20.28 -14.22 -20.92
CA LEU E 268 -18.94 -13.68 -20.66
C LEU E 268 -18.81 -13.06 -19.30
N ARG E 269 -17.68 -13.39 -18.64
CA ARG E 269 -17.29 -12.88 -17.33
C ARG E 269 -16.76 -11.43 -17.54
N PRO E 270 -16.88 -10.50 -16.56
CA PRO E 270 -16.40 -9.11 -16.78
C PRO E 270 -14.96 -9.04 -17.32
N ALA E 271 -14.11 -9.96 -16.87
CA ALA E 271 -12.72 -10.07 -17.31
C ALA E 271 -12.62 -10.18 -18.84
N GLU E 272 -13.50 -10.98 -19.48
CA GLU E 272 -13.54 -11.20 -20.94
C GLU E 272 -14.10 -9.96 -21.71
N LEU E 273 -14.98 -9.19 -21.07
CA LEU E 273 -15.67 -8.02 -21.64
C LEU E 273 -14.80 -6.79 -21.75
N ALA E 274 -13.64 -6.78 -21.04
CA ALA E 274 -12.66 -5.69 -20.97
C ALA E 274 -12.41 -4.99 -22.32
N ALA E 275 -11.98 -5.73 -23.36
CA ALA E 275 -11.73 -5.16 -24.67
C ALA E 275 -12.71 -5.74 -25.68
N ALA E 276 -14.00 -5.48 -25.44
CA ALA E 276 -15.07 -5.96 -26.30
C ALA E 276 -15.76 -4.81 -27.03
N LYS E 277 -16.14 -5.07 -28.28
CA LYS E 277 -16.85 -4.12 -29.14
C LYS E 277 -18.35 -4.32 -28.94
N PHE E 278 -19.11 -3.24 -28.73
CA PHE E 278 -20.55 -3.41 -28.52
C PHE E 278 -21.41 -2.79 -29.61
N SER E 279 -22.54 -3.45 -29.87
CA SER E 279 -23.60 -3.15 -30.83
C SER E 279 -24.02 -1.67 -30.83
N SER E 280 -24.13 -1.06 -29.63
CA SER E 280 -24.54 0.33 -29.46
C SER E 280 -23.91 0.92 -28.19
N SER E 281 -23.92 2.27 -28.06
CA SER E 281 -23.38 2.94 -26.88
C SER E 281 -24.17 2.50 -25.64
N ALA E 282 -25.51 2.38 -25.81
CA ALA E 282 -26.46 1.94 -24.78
C ALA E 282 -26.05 0.58 -24.22
N THR E 283 -25.76 -0.38 -25.14
CA THR E 283 -25.37 -1.75 -24.80
C THR E 283 -24.13 -1.70 -23.90
N ALA E 284 -23.12 -0.91 -24.33
CA ALA E 284 -21.87 -0.68 -23.61
C ALA E 284 -22.13 -0.08 -22.23
N ASP E 285 -23.03 0.93 -22.13
CA ASP E 285 -23.40 1.57 -20.86
C ASP E 285 -23.95 0.56 -19.88
N ILE E 286 -24.81 -0.36 -20.36
CA ILE E 286 -25.42 -1.41 -19.55
C ILE E 286 -24.35 -2.39 -19.07
N ILE E 287 -23.43 -2.80 -19.96
CA ILE E 287 -22.35 -3.74 -19.64
C ILE E 287 -21.42 -3.08 -18.61
N ASN E 288 -21.07 -1.78 -18.81
CA ASN E 288 -20.25 -1.01 -17.87
C ASN E 288 -20.88 -1.08 -16.48
N ARG E 289 -22.21 -0.89 -16.42
CA ARG E 289 -23.01 -0.96 -15.20
C ARG E 289 -22.95 -2.38 -14.60
N PHE E 290 -23.09 -3.41 -15.45
CA PHE E 290 -23.05 -4.81 -15.01
C PHE E 290 -21.71 -5.12 -14.34
N VAL E 291 -20.57 -4.76 -15.00
CA VAL E 291 -19.20 -5.02 -14.52
C VAL E 291 -18.93 -4.25 -13.20
N LEU E 292 -19.46 -3.02 -13.06
CA LEU E 292 -19.31 -2.19 -11.88
C LEU E 292 -20.13 -2.77 -10.72
N GLU E 293 -21.38 -3.22 -10.99
CA GLU E 293 -22.26 -3.83 -9.99
C GLU E 293 -21.77 -5.26 -9.60
N SER E 294 -20.80 -5.79 -10.39
CA SER E 294 -20.10 -7.07 -10.24
C SER E 294 -18.87 -6.92 -9.35
N SER E 295 -18.23 -5.72 -9.39
CA SER E 295 -17.08 -5.35 -8.56
C SER E 295 -17.54 -4.85 -7.17
N ILE E 296 -18.89 -4.79 -6.94
CA ILE E 296 -19.50 -4.35 -5.68
C ILE E 296 -20.54 -5.41 -5.19
N GLY E 297 -20.97 -5.20 -3.95
CA GLY E 297 -21.88 -6.06 -3.20
C GLY E 297 -21.17 -6.58 -1.96
N ASN E 298 -21.95 -7.15 -1.01
CA ASN E 298 -21.40 -7.70 0.24
C ASN E 298 -20.52 -8.94 -0.07
N PHE E 299 -19.48 -9.17 0.80
CA PHE E 299 -18.51 -10.27 0.75
C PHE E 299 -17.56 -10.13 -0.50
N GLY E 300 -16.44 -10.86 -0.52
CA GLY E 300 -15.44 -10.80 -1.59
C GLY E 300 -15.36 -12.01 -2.49
N VAL F 15 -40.33 7.91 24.69
CA VAL F 15 -39.56 8.97 24.05
C VAL F 15 -40.00 9.09 22.56
N PHE F 16 -40.06 7.96 21.81
CA PHE F 16 -40.46 7.94 20.39
C PHE F 16 -41.84 7.34 20.17
N ASP F 17 -42.58 7.83 19.14
CA ASP F 17 -43.90 7.27 18.78
C ASP F 17 -43.68 5.89 18.14
N PRO F 18 -44.25 4.81 18.76
CA PRO F 18 -44.08 3.46 18.20
C PRO F 18 -44.44 3.36 16.70
N ARG F 19 -45.53 4.04 16.26
CA ARG F 19 -45.96 4.04 14.87
C ARG F 19 -44.87 4.70 14.00
N ALA F 20 -44.45 5.93 14.36
CA ALA F 20 -43.42 6.70 13.65
C ALA F 20 -42.15 5.86 13.44
N LEU F 21 -41.66 5.23 14.54
CA LEU F 21 -40.46 4.40 14.49
C LEU F 21 -40.68 3.18 13.62
N ARG F 22 -41.80 2.44 13.83
CA ARG F 22 -42.12 1.26 13.02
C ARG F 22 -42.15 1.62 11.53
N ASP F 23 -42.79 2.75 11.20
CA ASP F 23 -42.93 3.26 9.82
C ASP F 23 -41.56 3.63 9.24
N ALA F 24 -40.66 4.20 10.07
CA ALA F 24 -39.29 4.57 9.67
C ALA F 24 -38.48 3.32 9.33
N PHE F 25 -38.60 2.24 10.14
CA PHE F 25 -37.92 0.97 9.87
C PHE F 25 -38.39 0.37 8.56
N GLY F 26 -39.69 0.54 8.29
CA GLY F 26 -40.35 0.07 7.07
C GLY F 26 -39.79 0.62 5.77
N ALA F 27 -39.04 1.74 5.83
CA ALA F 27 -38.42 2.39 4.66
C ALA F 27 -37.42 1.46 3.99
N PHE F 28 -36.80 0.57 4.80
CA PHE F 28 -35.84 -0.41 4.32
C PHE F 28 -36.61 -1.62 3.83
N ALA F 29 -36.62 -1.82 2.50
CA ALA F 29 -37.28 -2.94 1.85
C ALA F 29 -36.61 -4.25 2.26
N THR F 30 -37.36 -5.37 2.24
CA THR F 30 -36.84 -6.72 2.54
C THR F 30 -37.51 -7.75 1.68
N GLY F 31 -37.01 -8.98 1.77
CA GLY F 31 -37.60 -10.18 1.19
C GLY F 31 -38.46 -10.74 2.31
N VAL F 32 -39.11 -11.88 2.10
CA VAL F 32 -39.94 -12.41 3.18
C VAL F 32 -39.55 -13.85 3.41
N THR F 33 -39.10 -14.14 4.62
CA THR F 33 -38.69 -15.49 5.01
C THR F 33 -39.67 -16.08 5.97
N VAL F 34 -39.74 -17.40 6.02
CA VAL F 34 -40.58 -18.10 6.99
C VAL F 34 -39.62 -19.00 7.77
N VAL F 35 -39.31 -18.60 9.02
CA VAL F 35 -38.41 -19.33 9.93
C VAL F 35 -39.14 -20.57 10.42
N THR F 36 -38.55 -21.76 10.22
CA THR F 36 -39.19 -23.03 10.62
C THR F 36 -38.26 -23.87 11.51
N ALA F 37 -38.86 -24.76 12.32
CA ALA F 37 -38.22 -25.70 13.24
C ALA F 37 -39.24 -26.73 13.74
N SER F 38 -38.80 -27.68 14.60
CA SER F 38 -39.65 -28.70 15.22
C SER F 38 -39.58 -28.53 16.73
N ASP F 39 -40.75 -28.45 17.42
CA ASP F 39 -40.80 -28.25 18.90
C ASP F 39 -40.31 -29.50 19.67
N ALA F 40 -40.39 -29.45 21.02
CA ALA F 40 -40.00 -30.54 21.92
C ALA F 40 -40.71 -31.84 21.55
N ALA F 41 -42.00 -31.74 21.17
CA ALA F 41 -42.85 -32.85 20.76
C ALA F 41 -42.55 -33.34 19.33
N GLY F 42 -41.72 -32.59 18.60
CA GLY F 42 -41.36 -32.91 17.22
C GLY F 42 -42.33 -32.34 16.19
N LYS F 43 -43.34 -31.59 16.65
CA LYS F 43 -44.34 -30.96 15.80
C LYS F 43 -43.73 -29.75 15.07
N PRO F 44 -43.96 -29.59 13.74
CA PRO F 44 -43.40 -28.44 13.03
C PRO F 44 -44.02 -27.11 13.50
N ILE F 45 -43.13 -26.14 13.78
CA ILE F 45 -43.48 -24.78 14.19
C ILE F 45 -42.83 -23.80 13.20
N GLY F 46 -43.51 -22.71 12.94
CA GLY F 46 -43.02 -21.72 12.00
C GLY F 46 -43.56 -20.31 12.20
N PHE F 47 -42.89 -19.32 11.59
CA PHE F 47 -43.28 -17.91 11.67
C PHE F 47 -42.59 -17.10 10.57
N THR F 48 -43.34 -16.14 9.98
CA THR F 48 -42.88 -15.21 8.95
C THR F 48 -42.02 -14.12 9.59
N ALA F 49 -40.78 -13.92 9.08
CA ALA F 49 -39.84 -12.89 9.54
C ALA F 49 -39.15 -12.18 8.37
N ASN F 50 -38.99 -10.85 8.49
CA ASN F 50 -38.35 -10.02 7.47
C ASN F 50 -37.13 -9.30 8.06
N SER F 51 -36.95 -9.38 9.38
CA SER F 51 -35.79 -8.81 10.07
C SER F 51 -34.70 -9.90 10.10
N PHE F 52 -34.25 -10.26 8.88
CA PHE F 52 -33.25 -11.26 8.52
C PHE F 52 -32.05 -10.59 7.84
N THR F 53 -30.85 -11.14 8.06
CA THR F 53 -29.61 -10.64 7.48
C THR F 53 -28.60 -11.75 7.23
N SER F 54 -27.90 -11.67 6.10
CA SER F 54 -26.77 -12.53 5.76
C SER F 54 -25.55 -11.93 6.49
N VAL F 55 -24.98 -12.67 7.44
CA VAL F 55 -23.90 -12.16 8.29
C VAL F 55 -22.48 -12.44 7.76
N SER F 56 -22.08 -13.71 7.68
CA SER F 56 -20.75 -14.10 7.26
C SER F 56 -20.79 -15.18 6.17
N LEU F 57 -19.80 -15.17 5.28
CA LEU F 57 -19.71 -16.17 4.22
C LEU F 57 -18.78 -17.32 4.64
N ASP F 58 -17.66 -16.99 5.32
CA ASP F 58 -16.70 -17.97 5.85
C ASP F 58 -16.37 -17.65 7.34
N PRO F 59 -17.01 -18.31 8.33
CA PRO F 59 -18.02 -19.39 8.23
C PRO F 59 -19.39 -18.91 7.74
N PRO F 60 -20.26 -19.81 7.18
CA PRO F 60 -21.59 -19.38 6.72
C PRO F 60 -22.48 -18.97 7.88
N LEU F 61 -22.67 -17.65 8.06
CA LEU F 61 -23.48 -17.14 9.17
C LEU F 61 -24.64 -16.28 8.69
N LEU F 62 -25.74 -16.44 9.40
CA LEU F 62 -27.04 -15.90 9.11
C LEU F 62 -27.69 -15.39 10.41
N LEU F 63 -28.63 -14.44 10.28
CA LEU F 63 -29.29 -13.77 11.41
C LEU F 63 -30.78 -13.61 11.18
N VAL F 64 -31.57 -13.64 12.25
CA VAL F 64 -33.01 -13.40 12.20
C VAL F 64 -33.46 -12.96 13.61
N CYS F 65 -34.45 -12.04 13.68
CA CYS F 65 -34.92 -11.56 14.98
C CYS F 65 -36.29 -12.13 15.33
N LEU F 66 -36.46 -12.57 16.58
CA LEU F 66 -37.71 -13.12 17.09
C LEU F 66 -38.19 -12.32 18.28
N ALA F 67 -39.46 -11.88 18.25
CA ALA F 67 -40.09 -11.12 19.32
C ALA F 67 -40.22 -11.95 20.58
N LYS F 68 -39.95 -11.33 21.74
CA LYS F 68 -40.07 -12.01 23.03
C LYS F 68 -41.56 -12.33 23.30
N SER F 69 -42.45 -11.54 22.66
CA SER F 69 -43.91 -11.67 22.72
C SER F 69 -44.45 -12.93 22.00
N SER F 70 -43.63 -13.56 21.12
CA SER F 70 -44.04 -14.74 20.33
C SER F 70 -44.52 -15.90 21.20
N ARG F 71 -45.55 -16.60 20.70
CA ARG F 71 -46.13 -17.77 21.34
C ARG F 71 -45.12 -18.93 21.30
N ASN F 72 -44.44 -19.07 20.15
CA ASN F 72 -43.43 -20.07 19.87
C ASN F 72 -42.05 -19.73 20.46
N TYR F 73 -41.89 -18.53 21.10
CA TYR F 73 -40.61 -18.04 21.68
C TYR F 73 -39.87 -19.13 22.47
N GLU F 74 -40.55 -19.81 23.41
CA GLU F 74 -39.92 -20.84 24.22
C GLU F 74 -39.47 -22.03 23.36
N SER F 75 -40.37 -22.57 22.51
CA SER F 75 -40.09 -23.69 21.60
C SER F 75 -38.90 -23.39 20.67
N THR F 77 -36.36 -20.78 20.84
CA THR F 77 -35.09 -20.57 21.54
C THR F 77 -34.53 -21.91 22.07
N SER F 78 -35.43 -22.83 22.49
CA SER F 78 -35.07 -24.15 23.00
C SER F 78 -34.57 -25.07 21.87
N ALA F 79 -35.05 -24.89 20.62
CA ALA F 79 -34.63 -25.69 19.45
C ALA F 79 -33.14 -25.49 19.16
N GLY F 80 -32.51 -26.51 18.59
CA GLY F 80 -31.08 -26.46 18.26
C GLY F 80 -30.83 -26.15 16.81
N ARG F 81 -31.74 -26.61 15.95
CA ARG F 81 -31.68 -26.45 14.51
C ARG F 81 -32.94 -25.76 14.01
N PHE F 82 -32.77 -24.93 12.96
CA PHE F 82 -33.85 -24.18 12.32
C PHE F 82 -33.58 -24.00 10.82
N ALA F 83 -34.58 -23.55 10.07
CA ALA F 83 -34.46 -23.31 8.63
C ALA F 83 -35.10 -21.99 8.22
N ILE F 84 -34.51 -21.37 7.19
CA ILE F 84 -34.94 -20.11 6.60
C ILE F 84 -35.51 -20.42 5.23
N ASN F 85 -36.75 -19.98 4.98
CA ASN F 85 -37.40 -20.15 3.67
C ASN F 85 -37.58 -18.79 3.06
N VAL F 86 -36.82 -18.44 2.00
CA VAL F 86 -37.01 -17.15 1.34
C VAL F 86 -38.12 -17.34 0.33
N LEU F 87 -39.30 -16.79 0.63
CA LEU F 87 -40.48 -16.95 -0.21
C LEU F 87 -40.33 -16.31 -1.57
N SER F 88 -41.02 -16.88 -2.57
CA SER F 88 -41.05 -16.37 -3.93
C SER F 88 -42.32 -15.53 -4.14
N GLU F 89 -42.41 -14.89 -5.31
CA GLU F 89 -43.51 -14.01 -5.73
C GLU F 89 -44.90 -14.55 -5.49
N THR F 90 -45.09 -15.86 -5.70
CA THR F 90 -46.39 -16.54 -5.65
C THR F 90 -46.83 -16.92 -4.24
N GLN F 91 -45.94 -16.77 -3.26
CA GLN F 91 -46.15 -17.21 -1.89
C GLN F 91 -46.57 -16.08 -0.94
N LYS F 92 -47.45 -15.16 -1.40
CA LYS F 92 -47.97 -14.08 -0.54
C LYS F 92 -48.79 -14.69 0.63
N ASP F 93 -49.65 -15.68 0.30
CA ASP F 93 -50.55 -16.39 1.24
C ASP F 93 -49.79 -17.15 2.35
N VAL F 94 -48.56 -17.62 2.04
CA VAL F 94 -47.70 -18.34 2.95
C VAL F 94 -47.18 -17.38 4.00
N SER F 95 -46.83 -16.15 3.57
CA SER F 95 -46.37 -15.08 4.44
C SER F 95 -47.48 -14.72 5.44
N ASN F 96 -48.73 -14.55 4.94
CA ASN F 96 -49.90 -14.20 5.74
C ASN F 96 -50.14 -15.27 6.78
N THR F 97 -50.31 -16.54 6.34
CA THR F 97 -50.54 -17.71 7.19
C THR F 97 -49.53 -17.77 8.34
N PHE F 98 -48.22 -17.66 8.06
CA PHE F 98 -47.20 -17.74 9.10
C PHE F 98 -46.96 -16.41 9.87
N ALA F 99 -47.93 -15.48 9.79
CA ALA F 99 -47.91 -14.21 10.52
C ALA F 99 -49.23 -14.04 11.24
N ARG F 100 -50.30 -14.60 10.65
CA ARG F 100 -51.66 -14.60 11.19
C ARG F 100 -51.83 -15.70 12.25
N PRO F 101 -52.72 -15.54 13.26
CA PRO F 101 -52.93 -16.63 14.22
C PRO F 101 -53.95 -17.64 13.69
N VAL F 102 -53.44 -18.69 13.03
CA VAL F 102 -54.27 -19.77 12.49
C VAL F 102 -53.82 -21.09 13.13
N GLU F 103 -54.78 -22.03 13.25
CA GLU F 103 -54.55 -23.31 13.92
C GLU F 103 -53.45 -24.14 13.23
N ASP F 104 -53.59 -24.41 11.93
CA ASP F 104 -52.56 -25.18 11.23
C ASP F 104 -51.96 -24.33 10.13
N ARG F 105 -50.80 -23.72 10.44
CA ARG F 105 -50.07 -22.91 9.50
C ARG F 105 -49.49 -23.81 8.39
N PHE F 106 -48.95 -24.99 8.77
CA PHE F 106 -48.31 -25.94 7.86
C PHE F 106 -49.27 -26.63 6.88
N ALA F 107 -50.59 -26.45 7.06
CA ALA F 107 -51.59 -27.02 6.14
C ALA F 107 -51.65 -26.23 4.81
N ALA F 108 -51.20 -24.96 4.85
CA ALA F 108 -51.21 -24.06 3.72
C ALA F 108 -49.96 -24.15 2.82
N VAL F 109 -48.99 -25.05 3.15
CA VAL F 109 -47.76 -25.17 2.35
C VAL F 109 -47.40 -26.59 2.05
N ASP F 110 -46.88 -26.82 0.83
CA ASP F 110 -46.31 -28.09 0.43
C ASP F 110 -44.90 -28.04 0.97
N TRP F 111 -44.62 -28.86 1.98
CA TRP F 111 -43.32 -28.84 2.62
C TRP F 111 -42.82 -30.26 2.91
N ARG F 112 -41.53 -30.35 3.27
CA ARG F 112 -40.82 -31.60 3.57
C ARG F 112 -39.80 -31.35 4.67
N LEU F 113 -39.21 -32.41 5.20
CA LEU F 113 -38.17 -32.25 6.21
C LEU F 113 -36.81 -32.34 5.54
N GLY F 114 -35.91 -31.45 5.95
CA GLY F 114 -34.54 -31.40 5.44
C GLY F 114 -33.67 -32.45 6.09
N ARG F 115 -32.42 -32.59 5.61
CA ARG F 115 -31.42 -33.54 6.11
C ARG F 115 -31.28 -33.44 7.64
N ASP F 116 -31.52 -32.24 8.20
CA ASP F 116 -31.40 -31.97 9.62
C ASP F 116 -32.80 -31.71 10.30
N GLY F 117 -33.83 -32.38 9.76
CA GLY F 117 -35.21 -32.37 10.24
C GLY F 117 -35.90 -31.04 10.40
N CYS F 118 -35.68 -30.14 9.45
CA CYS F 118 -36.29 -28.83 9.46
C CYS F 118 -37.29 -28.69 8.33
N PRO F 119 -38.45 -28.03 8.56
CA PRO F 119 -39.44 -27.88 7.48
C PRO F 119 -38.97 -26.94 6.34
N ILE F 120 -38.80 -27.52 5.14
CA ILE F 120 -38.36 -26.86 3.91
C ILE F 120 -39.56 -26.78 2.98
N PHE F 121 -39.93 -25.55 2.59
CA PHE F 121 -41.08 -25.33 1.69
C PHE F 121 -40.67 -25.44 0.24
N SER F 122 -41.61 -25.89 -0.58
CA SER F 122 -41.37 -26.00 -2.02
C SER F 122 -41.73 -24.69 -2.67
N ASP F 123 -41.16 -24.46 -3.86
CA ASP F 123 -41.35 -23.28 -4.71
C ASP F 123 -40.80 -21.99 -4.05
N VAL F 124 -39.80 -22.13 -3.17
CA VAL F 124 -39.19 -20.97 -2.52
C VAL F 124 -38.11 -20.38 -3.43
N ALA F 125 -37.81 -19.07 -3.28
CA ALA F 125 -36.74 -18.39 -3.99
C ALA F 125 -35.41 -19.00 -3.53
N ALA F 126 -35.28 -19.29 -2.21
CA ALA F 126 -34.13 -19.95 -1.58
C ALA F 126 -34.48 -20.50 -0.19
N TRP F 127 -33.64 -21.41 0.35
CA TRP F 127 -33.80 -21.94 1.70
C TRP F 127 -32.44 -22.28 2.32
N PHE F 128 -32.36 -22.19 3.66
CA PHE F 128 -31.15 -22.44 4.44
C PHE F 128 -31.41 -23.28 5.69
N GLU F 129 -30.76 -24.46 5.78
CA GLU F 129 -30.81 -25.31 6.97
C GLU F 129 -29.72 -24.84 7.92
N CYS F 130 -30.06 -24.57 9.18
CA CYS F 130 -29.09 -24.05 10.12
C CYS F 130 -28.97 -24.86 11.40
N SER F 131 -28.01 -24.43 12.20
CA SER F 131 -27.69 -24.90 13.54
C SER F 131 -27.48 -23.64 14.36
N GLN F 133 -26.09 -20.96 16.71
CA GLN F 133 -24.77 -20.62 17.24
C GLN F 133 -24.95 -19.85 18.54
N ASP F 134 -25.80 -18.81 18.52
CA ASP F 134 -26.08 -18.00 19.70
C ASP F 134 -27.45 -17.32 19.60
N ILE F 135 -28.00 -16.92 20.76
CA ILE F 135 -29.23 -16.16 20.90
C ILE F 135 -28.84 -14.92 21.73
N ILE F 136 -28.92 -13.74 21.10
CA ILE F 136 -28.55 -12.48 21.73
C ILE F 136 -29.80 -11.71 22.15
N GLU F 137 -29.84 -11.31 23.43
CA GLU F 137 -30.95 -10.52 23.98
C GLU F 137 -30.82 -9.11 23.43
N ALA F 138 -31.90 -8.60 22.78
CA ALA F 138 -31.89 -7.26 22.20
C ALA F 138 -33.28 -6.61 22.23
N GLY F 139 -33.60 -6.02 23.37
CA GLY F 139 -34.86 -5.32 23.60
C GLY F 139 -36.06 -6.24 23.68
N ASP F 140 -37.12 -5.91 22.92
CA ASP F 140 -38.38 -6.69 22.87
C ASP F 140 -38.24 -7.92 21.97
N HIS F 141 -37.04 -8.11 21.38
CA HIS F 141 -36.69 -9.22 20.50
C HIS F 141 -35.40 -9.92 20.94
N VAL F 142 -35.08 -11.03 20.28
CA VAL F 142 -33.84 -11.80 20.46
C VAL F 142 -33.24 -12.01 19.08
N ILE F 143 -31.91 -11.92 18.97
CA ILE F 143 -31.20 -12.10 17.72
C ILE F 143 -30.76 -13.56 17.64
N ILE F 144 -31.29 -14.32 16.67
CA ILE F 144 -30.93 -15.72 16.50
C ILE F 144 -29.87 -15.82 15.40
N ILE F 145 -28.71 -16.40 15.75
CA ILE F 145 -27.60 -16.59 14.82
C ILE F 145 -27.48 -18.07 14.49
N GLY F 146 -27.45 -18.38 13.19
CA GLY F 146 -27.38 -19.75 12.71
C GLY F 146 -26.28 -20.00 11.70
N ARG F 147 -25.64 -21.16 11.80
CA ARG F 147 -24.60 -21.58 10.87
C ARG F 147 -25.23 -22.44 9.80
N VAL F 148 -25.12 -22.01 8.52
CA VAL F 148 -25.71 -22.72 7.38
C VAL F 148 -25.05 -24.08 7.22
N THR F 149 -25.88 -25.13 7.34
CA THR F 149 -25.49 -26.55 7.24
C THR F 149 -25.81 -27.02 5.79
N ALA F 150 -26.88 -26.49 5.19
CA ALA F 150 -27.33 -26.81 3.84
C ALA F 150 -28.13 -25.65 3.25
N PHE F 151 -28.16 -25.52 1.92
CA PHE F 151 -28.92 -24.45 1.27
C PHE F 151 -29.25 -24.79 -0.20
N GLU F 152 -30.18 -24.01 -0.79
CA GLU F 152 -30.58 -24.17 -2.18
C GLU F 152 -31.06 -22.85 -2.69
N ASN F 153 -30.77 -22.55 -3.97
CA ASN F 153 -31.20 -21.31 -4.59
C ASN F 153 -31.80 -21.57 -5.98
N SER F 154 -33.15 -21.49 -6.07
CA SER F 154 -33.87 -21.58 -7.34
C SER F 154 -33.79 -20.20 -7.96
N GLY F 155 -33.85 -20.10 -9.28
CA GLY F 155 -33.78 -18.77 -9.89
C GLY F 155 -34.92 -17.84 -9.50
N LEU F 156 -35.98 -18.44 -8.92
CA LEU F 156 -37.25 -17.87 -8.52
C LEU F 156 -37.15 -16.51 -7.86
N ASN F 157 -37.97 -15.54 -8.34
CA ASN F 157 -38.03 -14.21 -7.77
C ASN F 157 -38.60 -14.26 -6.38
N GLY F 158 -38.01 -13.52 -5.46
CA GLY F 158 -38.50 -13.48 -4.09
C GLY F 158 -39.69 -12.57 -3.85
N LEU F 159 -40.46 -12.87 -2.78
CA LEU F 159 -41.58 -12.02 -2.34
C LEU F 159 -41.01 -10.91 -1.48
N GLY F 160 -41.20 -9.68 -1.94
CA GLY F 160 -40.73 -8.49 -1.28
C GLY F 160 -41.73 -7.89 -0.31
N TYR F 161 -41.22 -7.10 0.65
CA TYR F 161 -41.95 -6.36 1.68
C TYR F 161 -41.27 -5.02 1.89
N ALA F 162 -42.03 -3.97 1.61
CA ALA F 162 -41.56 -2.59 1.78
C ALA F 162 -42.71 -1.71 2.25
N ARG F 163 -42.38 -0.81 3.18
CA ARG F 163 -43.29 0.12 3.85
C ARG F 163 -44.54 -0.66 4.28
N GLY F 164 -45.69 -0.33 3.73
CA GLY F 164 -46.91 -1.03 4.10
C GLY F 164 -46.89 -2.54 3.93
N GLY F 165 -46.81 -2.99 2.67
CA GLY F 165 -46.87 -4.40 2.37
C GLY F 165 -45.94 -4.98 1.33
N TYR F 166 -46.52 -5.86 0.49
CA TYR F 166 -45.83 -6.66 -0.50
C TYR F 166 -45.68 -6.01 -1.87
N PHE F 167 -44.60 -6.42 -2.52
CA PHE F 167 -44.26 -6.07 -3.88
C PHE F 167 -43.64 -7.29 -4.55
N THR F 168 -43.85 -7.42 -5.87
CA THR F 168 -43.36 -8.52 -6.70
C THR F 168 -42.92 -7.98 -8.08
N PRO F 169 -41.79 -8.47 -8.65
CA PRO F 169 -41.38 -7.97 -9.98
C PRO F 169 -42.40 -8.26 -11.10
N ARG F 170 -43.20 -9.29 -10.89
CA ARG F 170 -44.30 -9.84 -11.69
C ARG F 170 -45.23 -8.74 -12.20
N LEU F 171 -45.71 -7.88 -11.27
CA LEU F 171 -46.67 -6.80 -11.47
C LEU F 171 -46.27 -5.78 -12.51
N ALA F 172 -44.96 -5.44 -12.61
CA ALA F 172 -44.45 -4.51 -13.63
C ALA F 172 -44.85 -5.01 -15.01
N GLY F 173 -44.56 -6.28 -15.30
CA GLY F 173 -44.91 -6.91 -16.57
C GLY F 173 -46.41 -6.90 -16.83
N LYS F 174 -47.20 -7.30 -15.79
CA LYS F 174 -48.67 -7.36 -15.78
C LYS F 174 -49.27 -5.98 -16.14
N ALA F 175 -48.69 -4.89 -15.58
CA ALA F 175 -49.06 -3.50 -15.78
C ALA F 175 -48.85 -3.07 -17.21
N VAL F 176 -47.64 -3.35 -17.75
CA VAL F 176 -47.24 -3.01 -19.11
C VAL F 176 -48.20 -3.70 -20.12
N SER F 177 -48.49 -5.01 -19.94
CA SER F 177 -49.40 -5.74 -20.83
C SER F 177 -50.74 -5.04 -20.91
N ALA F 178 -51.32 -4.69 -19.71
CA ALA F 178 -52.60 -4.01 -19.51
C ALA F 178 -52.63 -2.64 -20.18
N ALA F 179 -51.59 -1.85 -19.96
CA ALA F 179 -51.44 -0.48 -20.47
C ALA F 179 -51.55 -0.42 -21.99
N VAL F 180 -51.02 -1.45 -22.68
CA VAL F 180 -51.00 -1.53 -24.14
C VAL F 180 -52.40 -1.97 -24.67
N GLU F 181 -53.13 -2.80 -23.88
CA GLU F 181 -54.48 -3.29 -24.20
C GLU F 181 -55.52 -2.13 -24.40
N GLY F 182 -55.35 -1.03 -23.66
CA GLY F 182 -56.20 0.15 -23.77
C GLY F 182 -56.10 1.01 -22.54
N GLU F 183 -57.18 1.81 -22.26
CA GLU F 183 -57.19 2.69 -21.07
C GLU F 183 -57.08 1.89 -19.76
N ILE F 184 -56.38 2.47 -18.78
CA ILE F 184 -56.24 1.86 -17.46
C ILE F 184 -56.87 2.77 -16.36
N ARG F 185 -57.51 2.14 -15.38
CA ARG F 185 -57.96 2.87 -14.23
C ARG F 185 -56.81 2.86 -13.22
N LEU F 186 -56.28 4.03 -12.91
CA LEU F 186 -55.20 4.13 -11.95
C LEU F 186 -55.75 4.36 -10.56
N GLY F 187 -55.63 3.36 -9.71
CA GLY F 187 -56.10 3.45 -8.34
C GLY F 187 -54.95 3.48 -7.34
N ALA F 188 -55.25 3.83 -6.08
CA ALA F 188 -54.21 3.87 -5.06
C ALA F 188 -54.72 3.51 -3.68
N VAL F 189 -53.87 2.79 -2.92
CA VAL F 189 -54.07 2.48 -1.50
C VAL F 189 -53.21 3.52 -0.79
N LEU F 190 -53.79 4.73 -0.63
CA LEU F 190 -53.12 5.90 -0.09
C LEU F 190 -53.26 5.94 1.42
N GLU F 191 -52.14 5.79 2.13
CA GLU F 191 -52.12 5.75 3.59
C GLU F 191 -51.65 7.06 4.22
N GLN F 192 -52.34 7.48 5.32
CA GLN F 192 -51.92 8.66 6.08
C GLN F 192 -51.13 8.14 7.25
N GLN F 193 -51.81 7.70 8.31
CA GLN F 193 -51.02 7.07 9.33
C GLN F 193 -51.11 5.59 9.03
N GLY F 194 -52.15 4.97 9.54
CA GLY F 194 -52.47 3.59 9.22
C GLY F 194 -53.83 3.64 8.55
N ALA F 195 -54.25 4.86 8.14
CA ALA F 195 -55.55 5.12 7.56
C ALA F 195 -55.48 5.22 6.06
N VAL F 196 -56.39 4.52 5.35
CA VAL F 196 -56.47 4.47 3.89
C VAL F 196 -57.45 5.57 3.42
N PHE F 197 -57.11 6.26 2.34
CA PHE F 197 -57.96 7.31 1.80
C PHE F 197 -59.10 6.68 1.03
N LEU F 198 -60.32 7.14 1.32
CA LEU F 198 -61.54 6.68 0.66
C LEU F 198 -62.44 7.86 0.33
N ALA F 199 -62.98 7.85 -0.90
CA ALA F 199 -63.88 8.90 -1.39
C ALA F 199 -65.34 8.48 -1.29
N GLY F 200 -66.19 9.40 -0.90
CA GLY F 200 -67.62 9.13 -0.74
C GLY F 200 -68.04 9.10 0.71
N ASN F 201 -69.37 8.99 0.94
CA ASN F 201 -69.93 8.97 2.30
C ASN F 201 -70.63 7.64 2.56
N GLU F 202 -71.68 7.33 1.78
CA GLU F 202 -72.43 6.09 1.93
C GLU F 202 -71.69 4.94 1.26
N THR F 203 -71.31 5.13 -0.02
CA THR F 203 -70.61 4.08 -0.75
C THR F 203 -69.19 4.56 -1.09
N LEU F 204 -68.25 4.09 -0.27
CA LEU F 204 -66.84 4.42 -0.34
C LEU F 204 -66.14 3.79 -1.55
N SER F 205 -65.28 4.58 -2.19
CA SER F 205 -64.51 4.20 -3.39
C SER F 205 -63.05 4.60 -3.22
N LEU F 206 -62.13 3.81 -3.80
CA LEU F 206 -60.71 4.15 -3.74
C LEU F 206 -60.42 5.28 -4.72
N PRO F 207 -59.46 6.19 -4.43
CA PRO F 207 -59.20 7.30 -5.37
C PRO F 207 -58.67 6.77 -6.69
N ASN F 208 -59.23 7.23 -7.82
CA ASN F 208 -58.79 6.73 -9.12
C ASN F 208 -59.13 7.66 -10.26
N CYS F 209 -58.44 7.48 -11.38
CA CYS F 209 -58.63 8.19 -12.64
C CYS F 209 -58.17 7.30 -13.79
N THR F 210 -58.98 7.26 -14.87
CA THR F 210 -58.76 6.42 -16.04
C THR F 210 -58.11 7.26 -17.15
N VAL F 211 -56.91 6.82 -17.56
CA VAL F 211 -56.09 7.46 -18.59
C VAL F 211 -55.55 6.42 -19.60
N GLU F 212 -54.95 6.88 -20.70
CA GLU F 212 -54.33 5.99 -21.67
C GLU F 212 -53.02 6.66 -22.15
N GLY F 213 -51.92 6.29 -21.50
CA GLY F 213 -50.61 6.83 -21.83
C GLY F 213 -50.09 7.76 -20.75
N GLY F 214 -48.78 7.76 -20.61
CA GLY F 214 -48.03 8.53 -19.64
C GLY F 214 -47.52 7.67 -18.51
N ASP F 215 -46.76 8.29 -17.57
CA ASP F 215 -46.23 7.55 -16.42
C ASP F 215 -47.38 7.38 -15.44
N PRO F 216 -47.84 6.13 -15.20
CA PRO F 216 -49.00 5.94 -14.31
C PRO F 216 -48.74 6.53 -12.91
N ALA F 217 -47.48 6.40 -12.41
CA ALA F 217 -47.11 6.95 -11.12
C ALA F 217 -47.18 8.50 -11.14
N ARG F 218 -46.61 9.17 -12.18
CA ARG F 218 -46.70 10.63 -12.32
C ARG F 218 -48.17 11.12 -12.35
N THR F 219 -48.99 10.47 -13.19
CA THR F 219 -50.39 10.78 -13.40
C THR F 219 -51.17 10.68 -12.08
N LEU F 220 -50.94 9.56 -11.37
CA LEU F 220 -51.59 9.25 -10.11
C LEU F 220 -51.16 10.20 -9.01
N ALA F 221 -49.86 10.56 -8.97
CA ALA F 221 -49.35 11.50 -7.97
C ALA F 221 -50.03 12.86 -8.15
N ALA F 222 -50.08 13.35 -9.40
CA ALA F 222 -50.72 14.61 -9.76
C ALA F 222 -52.18 14.59 -9.35
N TYR F 223 -52.92 13.53 -9.72
CA TYR F 223 -54.34 13.35 -9.43
C TYR F 223 -54.57 13.42 -7.93
N LEU F 224 -53.89 12.53 -7.19
CA LEU F 224 -54.03 12.45 -5.72
C LEU F 224 -53.71 13.78 -5.02
N GLU F 225 -52.59 14.43 -5.37
CA GLU F 225 -52.17 15.69 -4.76
C GLU F 225 -53.21 16.75 -4.97
N GLN F 226 -53.77 16.86 -6.18
CA GLN F 226 -54.85 17.79 -6.55
C GLN F 226 -56.11 17.51 -5.74
N LEU F 227 -56.52 16.22 -5.67
CA LEU F 227 -57.73 15.74 -5.04
C LEU F 227 -57.77 16.01 -3.56
N THR F 228 -56.68 15.64 -2.87
CA THR F 228 -56.51 15.71 -1.43
C THR F 228 -55.95 17.04 -0.92
N GLY F 229 -55.12 17.69 -1.73
CA GLY F 229 -54.44 18.92 -1.33
C GLY F 229 -53.28 18.61 -0.40
N LEU F 230 -52.84 17.35 -0.43
CA LEU F 230 -51.77 16.82 0.37
C LEU F 230 -50.60 16.45 -0.53
N ASN F 231 -49.43 16.14 0.05
CA ASN F 231 -48.26 15.70 -0.71
C ASN F 231 -48.28 14.20 -0.78
N VAL F 232 -48.04 13.64 -1.97
CA VAL F 232 -48.14 12.20 -2.16
C VAL F 232 -46.84 11.62 -2.73
N THR F 233 -46.52 10.38 -2.35
CA THR F 233 -45.42 9.60 -2.87
C THR F 233 -46.01 8.28 -3.33
N ILE F 234 -45.92 8.01 -4.63
CA ILE F 234 -46.40 6.74 -5.18
C ILE F 234 -45.27 5.74 -4.99
N GLY F 235 -45.59 4.55 -4.49
CA GLY F 235 -44.62 3.51 -4.22
C GLY F 235 -44.68 2.35 -5.18
N PHE F 236 -44.64 1.14 -4.65
CA PHE F 236 -44.67 -0.09 -5.45
C PHE F 236 -46.08 -0.42 -5.90
N LEU F 237 -46.20 -1.17 -7.01
CA LEU F 237 -47.47 -1.63 -7.52
C LEU F 237 -48.12 -2.53 -6.49
N TYR F 238 -49.41 -2.29 -6.22
CA TYR F 238 -50.15 -3.05 -5.22
C TYR F 238 -50.85 -4.23 -5.88
N SER F 239 -51.53 -3.97 -7.00
CA SER F 239 -52.33 -4.97 -7.70
C SER F 239 -52.58 -4.54 -9.17
N VAL F 240 -52.61 -5.52 -10.08
CA VAL F 240 -52.91 -5.27 -11.50
C VAL F 240 -53.95 -6.31 -11.87
N TYR F 241 -55.13 -5.86 -12.34
CA TYR F 241 -56.22 -6.79 -12.63
C TYR F 241 -57.19 -6.20 -13.66
N GLU F 242 -58.09 -7.04 -14.22
CA GLU F 242 -59.13 -6.62 -15.14
C GLU F 242 -60.46 -6.71 -14.37
N ASP F 243 -61.17 -5.58 -14.22
CA ASP F 243 -62.44 -5.56 -13.49
C ASP F 243 -63.48 -6.42 -14.21
N LYS F 244 -63.92 -7.49 -13.54
CA LYS F 244 -64.86 -8.49 -14.07
C LYS F 244 -66.22 -7.89 -14.45
N SER F 245 -66.69 -6.86 -13.71
CA SER F 245 -67.97 -6.15 -13.93
C SER F 245 -67.87 -5.03 -15.00
N ASP F 246 -66.84 -4.21 -14.86
CA ASP F 246 -66.47 -3.05 -15.64
C ASP F 246 -65.89 -3.38 -16.99
N GLY F 247 -65.00 -4.36 -17.01
CA GLY F 247 -64.25 -4.78 -18.19
C GLY F 247 -62.90 -4.10 -18.27
N ARG F 248 -62.74 -3.03 -17.48
CA ARG F 248 -61.58 -2.17 -17.46
C ARG F 248 -60.34 -2.72 -16.76
N GLN F 249 -59.19 -2.49 -17.42
CA GLN F 249 -57.87 -2.79 -16.87
C GLN F 249 -57.61 -1.86 -15.69
N ASN F 250 -57.12 -2.40 -14.60
CA ASN F 250 -56.89 -1.66 -13.38
C ASN F 250 -55.43 -1.80 -12.88
N ILE F 251 -54.73 -0.66 -12.69
CA ILE F 251 -53.36 -0.60 -12.12
C ILE F 251 -53.48 0.14 -10.76
N VAL F 252 -53.30 -0.60 -9.66
CA VAL F 252 -53.40 -0.07 -8.29
C VAL F 252 -52.00 0.03 -7.67
N TYR F 253 -51.64 1.21 -7.20
CA TYR F 253 -50.36 1.49 -6.58
C TYR F 253 -50.49 1.64 -5.09
N HIS F 254 -49.41 1.38 -4.38
CA HIS F 254 -49.39 1.62 -2.96
C HIS F 254 -48.87 3.05 -2.83
N ALA F 255 -49.48 3.91 -1.97
CA ALA F 255 -49.02 5.29 -1.88
C ALA F 255 -49.06 5.84 -0.45
N LEU F 256 -48.44 7.03 -0.25
CA LEU F 256 -48.38 7.72 1.04
C LEU F 256 -48.78 9.15 0.95
N ALA F 257 -49.55 9.61 1.95
CA ALA F 257 -49.96 11.00 2.00
C ALA F 257 -49.32 11.71 3.19
N SER F 258 -49.04 13.02 3.01
CA SER F 258 -48.47 13.86 4.06
C SER F 258 -49.54 14.10 5.14
N ASP F 259 -49.17 14.68 6.28
CA ASP F 259 -50.16 14.91 7.35
C ASP F 259 -51.11 16.04 7.00
N GLY F 260 -52.33 15.96 7.55
CA GLY F 260 -53.36 16.96 7.33
C GLY F 260 -54.68 16.44 6.83
N ALA F 261 -55.72 17.28 6.94
CA ALA F 261 -57.07 16.95 6.48
C ALA F 261 -57.15 17.06 4.96
N PRO F 262 -57.62 16.00 4.26
CA PRO F 262 -57.74 16.12 2.79
C PRO F 262 -58.91 17.02 2.38
N ARG F 263 -58.69 17.79 1.30
CA ARG F 263 -59.59 18.72 0.62
C ARG F 263 -61.02 18.10 0.44
N GLN F 264 -61.05 16.80 0.06
CA GLN F 264 -62.21 15.93 -0.16
C GLN F 264 -61.91 14.55 0.34
N GLY F 265 -62.94 13.75 0.62
CA GLY F 265 -62.78 12.39 1.12
C GLY F 265 -62.28 12.34 2.54
N ARG F 266 -61.83 11.15 2.99
CA ARG F 266 -61.33 10.96 4.36
C ARG F 266 -60.44 9.73 4.47
N PHE F 267 -59.51 9.77 5.44
CA PHE F 267 -58.60 8.66 5.73
C PHE F 267 -59.21 7.82 6.82
N LEU F 268 -59.57 6.56 6.51
CA LEU F 268 -60.21 5.70 7.50
C LEU F 268 -59.30 4.58 8.00
N ARG F 269 -59.32 4.40 9.34
CA ARG F 269 -58.58 3.37 10.04
C ARG F 269 -59.34 2.05 9.85
N PRO F 270 -58.68 0.85 9.85
CA PRO F 270 -59.42 -0.42 9.64
C PRO F 270 -60.66 -0.58 10.51
N ALA F 271 -60.55 -0.10 11.77
CA ALA F 271 -61.62 -0.11 12.76
C ALA F 271 -62.90 0.54 12.21
N GLU F 272 -62.78 1.68 11.49
CA GLU F 272 -63.88 2.44 10.90
C GLU F 272 -64.48 1.74 9.66
N LEU F 273 -63.65 0.96 8.95
CA LEU F 273 -64.02 0.27 7.70
C LEU F 273 -64.86 -0.98 7.92
N ALA F 274 -64.90 -1.48 9.16
CA ALA F 274 -65.65 -2.67 9.61
C ALA F 274 -67.05 -2.81 8.94
N ALA F 275 -67.93 -1.81 9.08
CA ALA F 275 -69.25 -1.85 8.47
C ALA F 275 -69.37 -0.76 7.41
N ALA F 276 -68.53 -0.86 6.37
CA ALA F 276 -68.53 0.11 5.29
C ALA F 276 -68.98 -0.52 3.97
N LYS F 277 -69.75 0.26 3.19
CA LYS F 277 -70.26 -0.14 1.88
C LYS F 277 -69.23 0.27 0.81
N PHE F 278 -68.88 -0.64 -0.12
CA PHE F 278 -67.89 -0.28 -1.13
C PHE F 278 -68.44 -0.26 -2.55
N SER F 279 -67.88 0.67 -3.35
CA SER F 279 -68.13 0.99 -4.75
C SER F 279 -68.22 -0.27 -5.65
N SER F 280 -67.32 -1.25 -5.44
CA SER F 280 -67.25 -2.47 -6.22
C SER F 280 -66.67 -3.61 -5.37
N SER F 281 -66.84 -4.87 -5.84
CA SER F 281 -66.29 -6.04 -5.14
C SER F 281 -64.77 -5.94 -5.06
N ALA F 282 -64.16 -5.48 -6.18
CA ALA F 282 -62.72 -5.26 -6.33
C ALA F 282 -62.21 -4.31 -5.24
N THR F 283 -62.93 -3.18 -5.03
CA THR F 283 -62.58 -2.16 -4.03
C THR F 283 -62.55 -2.82 -2.65
N ALA F 284 -63.60 -3.58 -2.32
CA ALA F 284 -63.72 -4.32 -1.06
C ALA F 284 -62.58 -5.33 -0.90
N ASP F 285 -62.22 -6.06 -1.98
CA ASP F 285 -61.13 -7.03 -1.96
C ASP F 285 -59.81 -6.37 -1.57
N ILE F 286 -59.57 -5.16 -2.11
CA ILE F 286 -58.36 -4.38 -1.85
C ILE F 286 -58.36 -3.92 -0.40
N ILE F 287 -59.50 -3.43 0.09
CA ILE F 287 -59.64 -2.96 1.49
C ILE F 287 -59.43 -4.14 2.46
N ASN F 288 -60.04 -5.31 2.14
CA ASN F 288 -59.87 -6.54 2.93
C ASN F 288 -58.38 -6.84 3.08
N ARG F 289 -57.64 -6.75 1.95
CA ARG F 289 -56.20 -6.97 1.87
C ARG F 289 -55.47 -5.93 2.72
N PHE F 290 -55.87 -4.65 2.63
CA PHE F 290 -55.24 -3.57 3.39
C PHE F 290 -55.37 -3.82 4.91
N VAL F 291 -56.60 -4.16 5.39
CA VAL F 291 -56.89 -4.39 6.82
C VAL F 291 -56.12 -5.63 7.34
N LEU F 292 -55.95 -6.66 6.50
CA LEU F 292 -55.22 -7.88 6.85
C LEU F 292 -53.70 -7.58 6.95
N GLU F 293 -53.12 -6.80 6.00
CA GLU F 293 -51.68 -6.38 6.01
C GLU F 293 -51.40 -5.33 7.12
N SER F 294 -52.48 -4.84 7.73
CA SER F 294 -52.52 -3.88 8.83
C SER F 294 -52.48 -4.62 10.16
N SER F 295 -53.10 -5.84 10.21
CA SER F 295 -53.15 -6.73 11.37
C SER F 295 -51.87 -7.60 11.46
N ILE F 296 -50.96 -7.47 10.47
CA ILE F 296 -49.69 -8.21 10.40
C ILE F 296 -48.50 -7.23 10.18
N GLY F 297 -47.30 -7.78 10.37
CA GLY F 297 -46.03 -7.08 10.28
C GLY F 297 -45.27 -7.20 11.58
N ASN F 298 -43.96 -6.85 11.56
CA ASN F 298 -43.11 -6.92 12.76
C ASN F 298 -43.57 -5.86 13.79
N PHE F 299 -43.38 -6.17 15.11
CA PHE F 299 -43.74 -5.33 16.27
C PHE F 299 -45.32 -5.20 16.43
N GLY F 300 -45.78 -4.88 17.63
CA GLY F 300 -47.20 -4.77 17.95
C GLY F 300 -47.65 -3.41 18.43
#